data_4B6Z
#
_entry.id   4B6Z
#
_cell.length_a   62.897
_cell.length_b   85.947
_cell.length_c   289.016
_cell.angle_alpha   90.00
_cell.angle_beta   90.00
_cell.angle_gamma   90.00
#
_symmetry.space_group_name_H-M   'P 21 21 21'
#
loop_
_entity.id
_entity.type
_entity.pdbx_description
1 polymer 'FAMILY M14 UNASSIGNED PEPTIDASE'
2 non-polymer 'ZINC ION'
3 non-polymer GLYCEROL
4 non-polymer 'ACETATE ION'
5 non-polymer 1,2-ETHANEDIOL
6 non-polymer 'CHLORIDE ION'
7 non-polymer DI(HYDROXYETHYL)ETHER
8 water water
#
_entity_poly.entity_id   1
_entity_poly.type   'polypeptide(L)'
_entity_poly.pdbx_seq_one_letter_code
;MGSSHHHHHHSSGENLYFQGHMTLSITSNFDAGAIDVVSCDSPDAIRLRVRGDNRSEFAQWFYYRLTGARGERCVMTFEN
AAECAYPSGWRNYSAVASYDRVDWFRVPTTFDGKTMTIDHTPEFDSIYYAYFEPYSEERHAAFLGAVQQLPQASVVELGR
TVEGRPMSLLTLGTPETDGAPKKKVWIIARQHPGESMAEWFVEGLVKRLAGWGDWAGDPVARKLYDRVTFHIVPNMNPDG
SVHGNLRTNAAGANLNREWMAPDAERSPEVLAVRDAIHAIGCDMFFDIHGDEDLPYVFVAGSEMLPSFTEQQGKEQTAFI
EAFKVASPDFQTEHGYAASKYKEDALKLASKYIGHQFGCLSLTLEMPFKDNANLPDERVGWNGERSAALGAAMLAAILVH
VDTFA
;
_entity_poly.pdbx_strand_id   A,B,C,D
#
loop_
_chem_comp.id
_chem_comp.type
_chem_comp.name
_chem_comp.formula
ACT non-polymer 'ACETATE ION' 'C2 H3 O2 -1'
CL non-polymer 'CHLORIDE ION' 'Cl -1'
EDO non-polymer 1,2-ETHANEDIOL 'C2 H6 O2'
GOL non-polymer GLYCEROL 'C3 H8 O3'
PEG non-polymer DI(HYDROXYETHYL)ETHER 'C4 H10 O3'
ZN non-polymer 'ZINC ION' 'Zn 2'
#
# COMPACT_ATOMS: atom_id res chain seq x y z
N THR A 23 -5.62 -20.17 0.17
CA THR A 23 -5.53 -18.81 -0.45
C THR A 23 -4.28 -18.69 -1.34
N LEU A 24 -4.51 -18.40 -2.62
CA LEU A 24 -3.43 -18.23 -3.56
C LEU A 24 -2.84 -16.84 -3.44
N SER A 25 -1.54 -16.72 -3.68
CA SER A 25 -0.92 -15.41 -3.75
C SER A 25 0.11 -15.35 -4.87
N ILE A 26 -0.01 -14.32 -5.71
CA ILE A 26 0.97 -14.07 -6.76
C ILE A 26 1.74 -12.81 -6.44
N THR A 27 3.06 -12.92 -6.36
CA THR A 27 3.94 -11.79 -6.07
C THR A 27 5.03 -11.66 -7.14
N SER A 28 5.62 -10.47 -7.26
CA SER A 28 6.61 -10.23 -8.29
C SER A 28 7.71 -9.24 -7.91
N ASN A 29 7.83 -8.93 -6.63
CA ASN A 29 8.82 -7.93 -6.19
C ASN A 29 10.15 -8.57 -5.85
N PHE A 30 10.93 -8.79 -6.89
CA PHE A 30 12.24 -9.40 -6.83
C PHE A 30 12.96 -9.13 -8.15
N ASP A 31 14.24 -9.49 -8.21
CA ASP A 31 15.09 -9.23 -9.37
C ASP A 31 14.44 -9.82 -10.63
N ALA A 32 14.09 -8.95 -11.58
CA ALA A 32 13.49 -9.33 -12.87
C ALA A 32 12.01 -9.74 -12.79
N GLY A 33 11.41 -9.60 -11.62
CA GLY A 33 9.97 -9.86 -11.44
C GLY A 33 9.13 -8.97 -12.34
N ALA A 34 8.10 -9.54 -12.96
CA ALA A 34 7.14 -8.76 -13.77
C ALA A 34 5.84 -9.53 -14.04
N ILE A 35 4.70 -8.96 -13.58
CA ILE A 35 3.37 -9.51 -13.85
C ILE A 35 2.31 -8.50 -13.41
N ASP A 36 1.16 -8.47 -14.08
CA ASP A 36 -0.03 -7.78 -13.57
C ASP A 36 -1.09 -8.82 -13.30
N VAL A 37 -1.58 -8.86 -12.06
CA VAL A 37 -2.57 -9.84 -11.67
C VAL A 37 -3.95 -9.22 -11.90
N VAL A 38 -4.78 -9.88 -12.70
CA VAL A 38 -6.14 -9.44 -12.97
C VAL A 38 -7.08 -10.12 -11.97
N SER A 39 -6.93 -11.43 -11.81
CA SER A 39 -7.75 -12.20 -10.88
C SER A 39 -6.98 -13.42 -10.38
N CYS A 40 -7.04 -13.65 -9.07
CA CYS A 40 -6.32 -14.76 -8.43
C CYS A 40 -7.02 -15.24 -7.16
N ASP A 41 -8.18 -15.86 -7.30
CA ASP A 41 -8.86 -16.38 -6.11
C ASP A 41 -9.44 -17.78 -6.29
N SER A 42 -9.32 -18.30 -7.50
CA SER A 42 -9.57 -19.70 -7.77
C SER A 42 -8.45 -20.22 -8.67
N PRO A 43 -7.80 -21.34 -8.28
CA PRO A 43 -6.63 -21.88 -9.01
C PRO A 43 -6.91 -22.14 -10.47
N ASP A 44 -8.15 -22.53 -10.76
CA ASP A 44 -8.56 -22.87 -12.11
C ASP A 44 -8.99 -21.67 -12.95
N ALA A 45 -8.88 -20.45 -12.39
CA ALA A 45 -9.33 -19.24 -13.07
C ALA A 45 -8.39 -18.06 -12.84
N ILE A 46 -7.09 -18.31 -12.83
CA ILE A 46 -6.12 -17.24 -12.63
C ILE A 46 -5.99 -16.42 -13.92
N ARG A 47 -6.18 -15.10 -13.80
CA ARG A 47 -6.11 -14.20 -14.94
C ARG A 47 -4.99 -13.20 -14.71
N LEU A 48 -4.13 -13.08 -15.73
CA LEU A 48 -2.87 -12.30 -15.66
C LEU A 48 -2.70 -11.45 -16.92
N ARG A 49 -1.86 -10.41 -16.81
CA ARG A 49 -1.36 -9.68 -17.99
C ARG A 49 0.15 -9.58 -17.96
N VAL A 50 0.79 -9.74 -19.12
CA VAL A 50 2.20 -9.37 -19.26
C VAL A 50 2.30 -7.88 -18.94
N ARG A 51 3.19 -7.53 -18.01
CA ARG A 51 3.24 -6.18 -17.45
C ARG A 51 3.76 -5.15 -18.45
N GLY A 52 4.87 -5.49 -19.11
CA GLY A 52 5.50 -4.60 -20.09
C GLY A 52 6.72 -3.84 -19.55
N ASP A 53 7.53 -3.31 -20.45
CA ASP A 53 8.75 -2.61 -20.07
C ASP A 53 8.43 -1.35 -19.27
N ASN A 54 9.34 -0.97 -18.37
CA ASN A 54 9.05 0.09 -17.42
C ASN A 54 8.78 1.45 -18.05
N ARG A 55 9.44 1.76 -19.16
CA ARG A 55 9.26 3.05 -19.84
C ARG A 55 9.17 2.89 -21.37
N SER A 56 8.44 1.87 -21.79
CA SER A 56 8.33 1.53 -23.20
C SER A 56 7.11 0.66 -23.40
N GLU A 57 6.51 0.76 -24.60
CA GLU A 57 5.36 -0.08 -24.96
C GLU A 57 5.67 -1.56 -25.16
N PHE A 58 6.94 -1.93 -25.41
CA PHE A 58 7.31 -3.33 -25.59
C PHE A 58 6.90 -4.17 -24.37
N ALA A 59 6.16 -5.25 -24.62
CA ALA A 59 5.73 -6.17 -23.56
C ALA A 59 5.97 -7.62 -23.98
N GLN A 60 6.67 -8.38 -23.15
CA GLN A 60 6.87 -9.82 -23.40
C GLN A 60 7.41 -10.58 -22.19
N TRP A 61 8.32 -9.96 -21.43
CA TRP A 61 8.93 -10.66 -20.30
C TRP A 61 7.91 -10.82 -19.18
N PHE A 62 7.90 -12.00 -18.55
CA PHE A 62 7.14 -12.22 -17.30
C PHE A 62 7.92 -13.11 -16.34
N TYR A 63 7.69 -12.92 -15.04
CA TYR A 63 8.39 -13.68 -13.99
C TYR A 63 7.61 -13.39 -12.72
N TYR A 64 7.01 -14.42 -12.14
CA TYR A 64 6.24 -14.25 -10.89
C TYR A 64 6.32 -15.45 -9.99
N ARG A 65 6.01 -15.24 -8.71
CA ARG A 65 5.95 -16.28 -7.71
C ARG A 65 4.48 -16.57 -7.43
N LEU A 66 4.14 -17.86 -7.34
CA LEU A 66 2.81 -18.31 -6.95
C LEU A 66 2.93 -19.21 -5.72
N THR A 67 2.21 -18.84 -4.66
CA THR A 67 2.17 -19.64 -3.43
C THR A 67 0.75 -20.06 -3.07
N GLY A 68 0.66 -21.14 -2.29
CA GLY A 68 -0.62 -21.64 -1.78
C GLY A 68 -1.31 -22.66 -2.69
N ALA A 69 -0.62 -23.10 -3.74
CA ALA A 69 -1.22 -23.96 -4.77
C ALA A 69 -0.65 -25.39 -4.83
N ARG A 70 -0.02 -25.87 -3.76
CA ARG A 70 0.49 -27.23 -3.72
C ARG A 70 -0.65 -28.23 -4.01
N GLY A 71 -0.45 -29.10 -5.00
CA GLY A 71 -1.41 -30.14 -5.35
C GLY A 71 -2.71 -29.66 -5.99
N GLU A 72 -2.72 -28.39 -6.38
CA GLU A 72 -3.89 -27.79 -7.03
CA GLU A 72 -3.88 -27.77 -7.02
C GLU A 72 -3.57 -27.47 -8.48
N ARG A 73 -4.48 -27.83 -9.37
CA ARG A 73 -4.29 -27.56 -10.79
C ARG A 73 -4.50 -26.07 -11.05
N CYS A 74 -3.43 -25.40 -11.52
CA CYS A 74 -3.51 -23.97 -11.77
C CYS A 74 -3.63 -23.70 -13.27
N VAL A 75 -4.62 -22.89 -13.63
CA VAL A 75 -4.85 -22.53 -15.02
C VAL A 75 -4.68 -21.01 -15.10
N MET A 76 -3.54 -20.59 -15.65
CA MET A 76 -3.13 -19.20 -15.63
C MET A 76 -3.17 -18.62 -17.03
N THR A 77 -4.11 -17.71 -17.25
CA THR A 77 -4.35 -17.16 -18.59
C THR A 77 -3.80 -15.75 -18.71
N PHE A 78 -2.93 -15.55 -19.69
CA PHE A 78 -2.36 -14.24 -19.99
C PHE A 78 -3.25 -13.57 -21.03
N GLU A 79 -4.08 -12.65 -20.55
CA GLU A 79 -5.17 -12.10 -21.35
C GLU A 79 -4.73 -11.18 -22.48
N ASN A 80 -3.53 -10.59 -22.34
CA ASN A 80 -2.98 -9.66 -23.35
C ASN A 80 -1.87 -10.27 -24.21
N ALA A 81 -1.81 -11.60 -24.27
CA ALA A 81 -0.78 -12.32 -25.04
C ALA A 81 -0.60 -11.85 -26.48
N ALA A 82 -1.73 -11.63 -27.17
CA ALA A 82 -1.74 -11.13 -28.56
C ALA A 82 -1.24 -9.69 -28.74
N GLU A 83 -1.23 -8.91 -27.65
CA GLU A 83 -0.81 -7.50 -27.71
C GLU A 83 0.67 -7.33 -27.38
N CYS A 84 1.35 -8.45 -27.11
CA CYS A 84 2.78 -8.45 -26.80
C CYS A 84 3.65 -8.11 -28.01
N ALA A 85 4.92 -7.82 -27.75
CA ALA A 85 5.86 -7.38 -28.79
C ALA A 85 5.95 -8.41 -29.93
N TYR A 86 6.04 -9.69 -29.57
CA TYR A 86 6.17 -10.79 -30.53
C TYR A 86 5.18 -11.94 -30.25
N PRO A 87 3.92 -11.80 -30.71
CA PRO A 87 2.91 -12.84 -30.45
C PRO A 87 3.29 -14.22 -30.98
N SER A 88 4.05 -14.28 -32.09
CA SER A 88 4.51 -15.60 -32.60
C SER A 88 5.46 -16.29 -31.62
N GLY A 89 6.01 -15.50 -30.69
CA GLY A 89 6.82 -16.04 -29.60
C GLY A 89 6.05 -16.99 -28.71
N TRP A 90 4.71 -16.92 -28.76
CA TRP A 90 3.88 -17.82 -27.95
C TRP A 90 3.46 -19.07 -28.69
N ARG A 91 3.69 -19.12 -30.01
CA ARG A 91 3.38 -20.31 -30.82
C ARG A 91 4.42 -21.43 -30.56
N ASN A 92 3.94 -22.62 -30.19
CA ASN A 92 4.80 -23.76 -29.91
C ASN A 92 5.79 -23.41 -28.80
N TYR A 93 5.29 -22.71 -27.79
CA TYR A 93 6.11 -22.23 -26.70
C TYR A 93 5.58 -22.80 -25.37
N SER A 94 6.48 -23.24 -24.50
CA SER A 94 6.13 -23.60 -23.13
C SER A 94 6.85 -22.71 -22.13
N ALA A 95 6.13 -22.23 -21.11
CA ALA A 95 6.74 -21.43 -20.05
C ALA A 95 7.75 -22.26 -19.26
N VAL A 96 8.59 -21.59 -18.46
CA VAL A 96 9.51 -22.30 -17.56
C VAL A 96 9.08 -22.05 -16.11
N ALA A 97 9.44 -22.99 -15.24
CA ALA A 97 9.03 -22.93 -13.83
C ALA A 97 10.16 -23.46 -12.94
N SER A 98 10.12 -23.11 -11.66
CA SER A 98 11.14 -23.53 -10.70
C SER A 98 10.60 -23.39 -9.27
N TYR A 99 10.94 -24.35 -8.43
CA TYR A 99 10.62 -24.29 -6.99
C TYR A 99 11.62 -23.47 -6.18
N ASP A 100 12.83 -23.27 -6.72
CA ASP A 100 13.90 -22.62 -5.95
C ASP A 100 14.76 -21.57 -6.66
N ARG A 101 14.44 -21.26 -7.91
CA ARG A 101 15.24 -20.35 -8.77
C ARG A 101 16.55 -20.98 -9.29
N VAL A 102 16.83 -22.21 -8.89
CA VAL A 102 18.03 -22.96 -9.29
C VAL A 102 17.75 -23.90 -10.47
N ASP A 103 16.81 -24.84 -10.29
N ASP A 103 16.81 -24.83 -10.28
CA ASP A 103 16.46 -25.80 -11.34
CA ASP A 103 16.45 -25.82 -11.31
C ASP A 103 15.15 -25.43 -12.01
C ASP A 103 15.15 -25.42 -12.01
N TRP A 104 15.22 -25.26 -13.32
CA TRP A 104 14.09 -24.78 -14.12
C TRP A 104 13.68 -25.85 -15.09
N PHE A 105 12.37 -25.93 -15.36
CA PHE A 105 11.84 -26.96 -16.27
C PHE A 105 10.63 -26.40 -17.03
N ARG A 106 10.31 -26.99 -18.20
CA ARG A 106 9.19 -26.47 -19.00
C ARG A 106 7.88 -27.02 -18.48
N VAL A 107 6.81 -26.24 -18.63
CA VAL A 107 5.47 -26.63 -18.12
C VAL A 107 4.41 -26.50 -19.22
N PRO A 108 3.28 -27.25 -19.11
CA PRO A 108 2.30 -27.27 -20.21
C PRO A 108 1.66 -25.90 -20.48
N THR A 109 1.67 -25.49 -21.74
CA THR A 109 1.30 -24.14 -22.16
C THR A 109 0.63 -24.23 -23.51
N THR A 110 -0.46 -23.48 -23.70
CA THR A 110 -1.14 -23.42 -25.01
C THR A 110 -1.38 -21.96 -25.44
N PHE A 111 -1.50 -21.74 -26.74
CA PHE A 111 -1.71 -20.40 -27.28
C PHE A 111 -2.60 -20.51 -28.50
N ASP A 112 -3.61 -19.67 -28.58
CA ASP A 112 -4.56 -19.70 -29.69
C ASP A 112 -4.56 -18.44 -30.56
N GLY A 113 -3.52 -17.63 -30.43
CA GLY A 113 -3.40 -16.37 -31.16
C GLY A 113 -4.08 -15.21 -30.47
N LYS A 114 -4.76 -15.49 -29.35
CA LYS A 114 -5.49 -14.47 -28.60
C LYS A 114 -4.99 -14.40 -27.16
N THR A 115 -5.08 -15.52 -26.43
CA THR A 115 -4.55 -15.62 -25.07
C THR A 115 -3.56 -16.80 -24.95
N MET A 116 -2.72 -16.77 -23.93
N MET A 116 -2.72 -16.77 -23.93
CA MET A 116 -1.78 -17.84 -23.61
CA MET A 116 -1.81 -17.88 -23.64
C MET A 116 -2.22 -18.41 -22.27
C MET A 116 -2.07 -18.41 -22.23
N THR A 117 -2.14 -19.73 -22.10
CA THR A 117 -2.52 -20.35 -20.83
C THR A 117 -1.48 -21.38 -20.38
N ILE A 118 -1.01 -21.24 -19.14
CA ILE A 118 -0.21 -22.27 -18.48
C ILE A 118 -1.15 -23.12 -17.64
N ASP A 119 -1.08 -24.44 -17.82
CA ASP A 119 -1.93 -25.38 -17.07
C ASP A 119 -0.98 -26.31 -16.33
N HIS A 120 -0.81 -26.10 -15.03
CA HIS A 120 0.23 -26.77 -14.27
C HIS A 120 -0.18 -27.01 -12.83
N THR A 121 0.24 -28.13 -12.26
CA THR A 121 -0.11 -28.49 -10.88
C THR A 121 1.17 -28.48 -10.01
N PRO A 122 1.41 -27.38 -9.26
CA PRO A 122 2.64 -27.27 -8.46
C PRO A 122 2.75 -28.42 -7.46
N GLU A 123 3.95 -28.96 -7.32
CA GLU A 123 4.22 -30.09 -6.43
C GLU A 123 4.50 -29.59 -5.00
N PHE A 124 4.83 -28.30 -4.88
CA PHE A 124 5.20 -27.72 -3.59
C PHE A 124 4.49 -26.39 -3.34
N ASP A 125 4.71 -25.80 -2.17
CA ASP A 125 3.95 -24.64 -1.71
C ASP A 125 4.26 -23.33 -2.45
N SER A 126 5.48 -23.20 -2.98
CA SER A 126 5.94 -21.96 -3.61
C SER A 126 6.64 -22.27 -4.92
N ILE A 127 6.19 -21.63 -5.99
CA ILE A 127 6.75 -21.89 -7.33
C ILE A 127 6.89 -20.58 -8.10
N TYR A 128 7.83 -20.54 -9.05
CA TYR A 128 8.01 -19.40 -9.95
C TYR A 128 7.73 -19.87 -11.38
N TYR A 129 7.11 -18.98 -12.16
CA TYR A 129 6.92 -19.16 -13.59
C TYR A 129 7.63 -17.98 -14.28
N ALA A 130 8.30 -18.24 -15.40
CA ALA A 130 9.01 -17.17 -16.13
C ALA A 130 9.05 -17.45 -17.64
N TYR A 131 9.38 -16.40 -18.41
CA TYR A 131 9.48 -16.52 -19.85
C TYR A 131 10.71 -17.35 -20.25
N PHE A 132 11.80 -17.22 -19.49
CA PHE A 132 13.03 -17.99 -19.77
C PHE A 132 13.81 -18.14 -18.46
N GLU A 133 14.73 -19.11 -18.38
CA GLU A 133 15.58 -19.23 -17.18
C GLU A 133 16.29 -17.90 -16.89
N PRO A 134 15.98 -17.25 -15.74
CA PRO A 134 16.55 -15.93 -15.43
C PRO A 134 18.07 -16.00 -15.19
N TYR A 135 18.71 -14.85 -15.18
CA TYR A 135 20.12 -14.75 -14.79
C TYR A 135 20.21 -13.52 -13.93
N SER A 136 20.34 -13.70 -12.62
CA SER A 136 20.16 -12.61 -11.67
C SER A 136 21.39 -11.70 -11.51
N GLU A 137 21.17 -10.50 -10.96
N GLU A 137 21.17 -10.52 -10.94
CA GLU A 137 22.25 -9.57 -10.65
CA GLU A 137 22.28 -9.63 -10.60
C GLU A 137 23.21 -10.16 -9.61
C GLU A 137 23.25 -10.26 -9.57
N GLU A 138 22.67 -10.90 -8.65
N GLU A 138 22.69 -10.97 -8.60
CA GLU A 138 23.48 -11.59 -7.66
CA GLU A 138 23.49 -11.64 -7.59
C GLU A 138 24.41 -12.58 -8.35
C GLU A 138 24.36 -12.75 -8.20
N ARG A 139 23.85 -13.41 -9.24
CA ARG A 139 24.65 -14.40 -9.96
C ARG A 139 25.79 -13.74 -10.74
N HIS A 140 25.47 -12.63 -11.41
CA HIS A 140 26.45 -11.82 -12.13
C HIS A 140 27.58 -11.37 -11.22
N ALA A 141 27.21 -10.89 -10.03
CA ALA A 141 28.19 -10.33 -9.10
C ALA A 141 29.08 -11.42 -8.50
N ALA A 142 28.49 -12.58 -8.18
CA ALA A 142 29.27 -13.72 -7.69
C ALA A 142 30.26 -14.22 -8.74
N PHE A 143 29.80 -14.32 -10.00
CA PHE A 143 30.63 -14.85 -11.09
C PHE A 143 31.82 -13.92 -11.39
N LEU A 144 31.52 -12.64 -11.63
N LEU A 144 31.51 -12.64 -11.63
CA LEU A 144 32.58 -11.65 -11.91
CA LEU A 144 32.53 -11.62 -11.89
C LEU A 144 33.53 -11.45 -10.74
C LEU A 144 33.53 -11.54 -10.75
N GLY A 145 33.01 -11.53 -9.52
CA GLY A 145 33.84 -11.44 -8.30
C GLY A 145 34.84 -12.57 -8.16
N ALA A 146 34.49 -13.75 -8.68
CA ALA A 146 35.41 -14.88 -8.72
C ALA A 146 36.34 -14.82 -9.95
N VAL A 147 35.78 -14.51 -11.13
CA VAL A 147 36.57 -14.43 -12.37
C VAL A 147 37.72 -13.42 -12.29
N GLN A 148 37.50 -12.28 -11.64
CA GLN A 148 38.52 -11.25 -11.53
C GLN A 148 39.78 -11.73 -10.78
N GLN A 149 39.69 -12.87 -10.13
CA GLN A 149 40.79 -13.41 -9.33
C GLN A 149 41.76 -14.26 -10.14
N LEU A 150 41.43 -14.52 -11.40
CA LEU A 150 42.31 -15.29 -12.27
C LEU A 150 43.49 -14.40 -12.67
N PRO A 151 44.72 -15.00 -12.74
CA PRO A 151 45.88 -14.18 -13.13
C PRO A 151 45.71 -13.43 -14.47
N GLN A 152 44.95 -14.01 -15.41
CA GLN A 152 44.77 -13.39 -16.73
C GLN A 152 43.58 -12.43 -16.81
N ALA A 153 42.89 -12.19 -15.70
CA ALA A 153 41.68 -11.39 -15.71
C ALA A 153 41.83 -9.99 -15.15
N SER A 154 41.06 -9.06 -15.71
CA SER A 154 40.86 -7.76 -15.10
C SER A 154 39.41 -7.34 -15.33
N VAL A 155 38.91 -6.51 -14.44
CA VAL A 155 37.56 -6.00 -14.57
C VAL A 155 37.63 -4.49 -14.40
N VAL A 156 37.12 -3.75 -15.38
CA VAL A 156 37.16 -2.29 -15.38
C VAL A 156 35.74 -1.76 -15.46
N GLU A 157 35.39 -0.84 -14.58
CA GLU A 157 34.11 -0.14 -14.70
C GLU A 157 34.19 1.00 -15.74
N LEU A 158 33.49 0.83 -16.86
CA LEU A 158 33.53 1.77 -17.99
C LEU A 158 32.66 2.98 -17.77
N GLY A 159 31.68 2.84 -16.89
CA GLY A 159 30.70 3.91 -16.63
C GLY A 159 29.54 3.34 -15.85
N ARG A 160 28.49 4.16 -15.70
CA ARG A 160 27.30 3.82 -14.93
C ARG A 160 26.06 3.75 -15.82
N THR A 161 25.15 2.86 -15.48
CA THR A 161 23.84 2.80 -16.12
C THR A 161 23.03 4.03 -15.70
N VAL A 162 21.87 4.21 -16.32
CA VAL A 162 20.91 5.23 -15.92
C VAL A 162 20.69 5.21 -14.41
N GLU A 163 20.55 4.01 -13.84
CA GLU A 163 20.28 3.91 -12.38
C GLU A 163 21.51 3.68 -11.49
N GLY A 164 22.69 4.01 -12.01
CA GLY A 164 23.92 3.97 -11.22
C GLY A 164 24.50 2.59 -10.94
N ARG A 165 24.20 1.62 -11.80
CA ARG A 165 24.82 0.30 -11.74
C ARG A 165 26.08 0.28 -12.63
N PRO A 166 27.10 -0.53 -12.26
CA PRO A 166 28.31 -0.49 -13.09
C PRO A 166 28.11 -1.11 -14.48
N MET A 167 28.75 -0.52 -15.49
CA MET A 167 28.95 -1.16 -16.78
C MET A 167 30.34 -1.80 -16.75
N SER A 168 30.38 -3.12 -16.59
CA SER A 168 31.64 -3.81 -16.32
C SER A 168 32.21 -4.54 -17.54
N LEU A 169 33.49 -4.27 -17.78
CA LEU A 169 34.23 -4.91 -18.85
C LEU A 169 35.20 -5.93 -18.27
N LEU A 170 35.06 -7.16 -18.72
CA LEU A 170 35.96 -8.23 -18.33
C LEU A 170 36.98 -8.39 -19.45
N THR A 171 38.25 -8.25 -19.12
CA THR A 171 39.34 -8.57 -20.06
C THR A 171 40.06 -9.85 -19.63
N LEU A 172 40.26 -10.75 -20.59
CA LEU A 172 40.99 -12.00 -20.37
C LEU A 172 42.13 -12.13 -21.37
N GLY A 173 43.35 -12.16 -20.86
CA GLY A 173 44.53 -12.20 -21.74
C GLY A 173 45.83 -12.30 -20.98
N THR A 174 46.90 -12.57 -21.71
CA THR A 174 48.25 -12.68 -21.18
C THR A 174 49.12 -11.65 -21.91
N PRO A 175 50.31 -11.30 -21.35
CA PRO A 175 51.18 -10.29 -21.97
C PRO A 175 51.54 -10.52 -23.44
N GLU A 176 51.59 -9.45 -24.21
CA GLU A 176 52.05 -9.51 -25.59
C GLU A 176 53.55 -9.31 -25.60
N THR A 177 54.28 -10.23 -26.22
CA THR A 177 55.73 -10.13 -26.32
C THR A 177 56.19 -9.92 -27.76
N ALA A 180 54.56 -8.59 -31.08
CA ALA A 180 53.42 -9.09 -31.85
C ALA A 180 52.10 -8.75 -31.15
N PRO A 181 51.26 -7.91 -31.79
CA PRO A 181 49.98 -7.50 -31.24
C PRO A 181 48.96 -8.63 -31.35
N LYS A 182 48.32 -8.98 -30.25
CA LYS A 182 47.28 -10.01 -30.25
C LYS A 182 45.97 -9.44 -30.79
N LYS A 183 45.14 -10.32 -31.35
CA LYS A 183 43.83 -9.93 -31.87
C LYS A 183 42.86 -9.56 -30.75
N LYS A 184 42.09 -8.51 -30.93
CA LYS A 184 41.11 -8.11 -29.93
C LYS A 184 39.77 -8.75 -30.28
N VAL A 185 39.30 -9.65 -29.42
CA VAL A 185 37.99 -10.30 -29.64
C VAL A 185 36.98 -9.72 -28.65
N TRP A 186 35.91 -9.13 -29.18
CA TRP A 186 34.85 -8.53 -28.38
C TRP A 186 33.60 -9.37 -28.33
N ILE A 187 33.10 -9.61 -27.12
CA ILE A 187 31.83 -10.28 -26.92
C ILE A 187 30.97 -9.45 -25.96
N ILE A 188 29.82 -8.97 -26.46
CA ILE A 188 28.84 -8.28 -25.62
C ILE A 188 27.52 -9.03 -25.58
N ALA A 189 26.85 -8.97 -24.43
CA ALA A 189 25.66 -9.76 -24.21
C ALA A 189 24.54 -8.97 -23.54
N ARG A 190 23.30 -9.32 -23.89
CA ARG A 190 22.11 -8.90 -23.14
C ARG A 190 21.80 -7.41 -23.27
N GLN A 191 22.06 -6.83 -24.45
CA GLN A 191 21.58 -5.47 -24.73
C GLN A 191 20.06 -5.38 -24.53
N HIS A 192 19.39 -6.48 -24.85
CA HIS A 192 17.96 -6.65 -24.57
C HIS A 192 17.88 -7.46 -23.30
N PRO A 193 17.42 -6.83 -22.20
CA PRO A 193 17.58 -7.37 -20.83
C PRO A 193 16.84 -8.66 -20.54
N GLY A 194 15.76 -8.94 -21.27
CA GLY A 194 14.99 -10.19 -21.08
C GLY A 194 15.63 -11.39 -21.77
N GLU A 195 16.65 -11.13 -22.57
CA GLU A 195 17.36 -12.20 -23.26
C GLU A 195 18.46 -12.78 -22.38
N SER A 196 18.05 -13.38 -21.26
CA SER A 196 18.96 -13.89 -20.25
C SER A 196 19.86 -15.03 -20.76
N MET A 197 19.40 -15.77 -21.78
CA MET A 197 20.25 -16.76 -22.48
C MET A 197 21.60 -16.17 -22.89
N ALA A 198 21.63 -14.86 -23.17
CA ALA A 198 22.87 -14.20 -23.60
C ALA A 198 23.94 -14.21 -22.51
N GLU A 199 23.53 -13.96 -21.26
CA GLU A 199 24.46 -13.97 -20.14
C GLU A 199 24.88 -15.40 -19.77
N TRP A 200 23.96 -16.37 -19.90
CA TRP A 200 24.31 -17.80 -19.71
C TRP A 200 25.39 -18.26 -20.67
N PHE A 201 25.26 -17.83 -21.91
CA PHE A 201 26.24 -18.11 -22.99
C PHE A 201 27.63 -17.58 -22.60
N VAL A 202 27.68 -16.32 -22.17
CA VAL A 202 28.95 -15.73 -21.71
C VAL A 202 29.51 -16.51 -20.52
N GLU A 203 28.64 -16.92 -19.58
CA GLU A 203 29.13 -17.67 -18.43
C GLU A 203 29.82 -18.97 -18.87
N GLY A 204 29.21 -19.72 -19.78
CA GLY A 204 29.83 -20.98 -20.29
C GLY A 204 31.15 -20.70 -20.99
N LEU A 205 31.19 -19.63 -21.80
CA LEU A 205 32.40 -19.26 -22.51
C LEU A 205 33.50 -18.86 -21.52
N VAL A 206 33.15 -18.00 -20.56
CA VAL A 206 34.15 -17.56 -19.58
C VAL A 206 34.66 -18.73 -18.74
N LYS A 207 33.75 -19.61 -18.32
CA LYS A 207 34.16 -20.77 -17.50
C LYS A 207 35.23 -21.60 -18.22
N ARG A 208 35.08 -21.75 -19.54
CA ARG A 208 36.05 -22.50 -20.34
C ARG A 208 37.38 -21.74 -20.38
N LEU A 209 37.32 -20.41 -20.55
CA LEU A 209 38.53 -19.58 -20.51
C LEU A 209 39.24 -19.63 -19.15
N ALA A 210 38.47 -19.88 -18.09
CA ALA A 210 38.98 -19.97 -16.73
C ALA A 210 39.63 -21.31 -16.46
N GLY A 211 39.35 -22.31 -17.29
CA GLY A 211 39.80 -23.69 -17.01
C GLY A 211 39.14 -24.28 -15.77
N TRP A 212 37.91 -23.86 -15.50
CA TRP A 212 37.14 -24.40 -14.37
C TRP A 212 36.32 -25.60 -14.73
N GLY A 213 36.01 -26.40 -13.71
CA GLY A 213 35.12 -27.57 -13.83
C GLY A 213 35.73 -28.58 -14.77
N ASP A 214 34.91 -29.07 -15.69
CA ASP A 214 35.35 -30.00 -16.73
C ASP A 214 36.31 -29.40 -17.76
N TRP A 215 36.51 -28.08 -17.71
CA TRP A 215 37.42 -27.36 -18.62
C TRP A 215 38.86 -27.34 -18.19
N ALA A 216 39.10 -27.79 -16.97
CA ALA A 216 40.44 -28.03 -16.48
C ALA A 216 40.99 -29.14 -17.36
N GLY A 217 42.18 -28.93 -17.89
CA GLY A 217 42.83 -29.95 -18.73
C GLY A 217 42.67 -29.71 -20.23
N ASP A 218 41.65 -28.93 -20.59
N ASP A 218 41.62 -28.98 -20.63
CA ASP A 218 41.35 -28.60 -22.00
CA ASP A 218 41.38 -28.74 -22.06
C ASP A 218 42.33 -27.55 -22.52
C ASP A 218 42.27 -27.59 -22.55
N PRO A 219 42.96 -27.78 -23.69
CA PRO A 219 44.00 -26.86 -24.17
C PRO A 219 43.55 -25.63 -24.99
N VAL A 220 42.24 -25.49 -25.24
CA VAL A 220 41.75 -24.42 -26.13
C VAL A 220 42.04 -23.00 -25.61
N ALA A 221 41.71 -22.74 -24.36
CA ALA A 221 41.98 -21.45 -23.72
C ALA A 221 43.46 -21.05 -23.79
N ARG A 222 44.32 -21.97 -23.35
CA ARG A 222 45.76 -21.78 -23.40
C ARG A 222 46.25 -21.35 -24.79
N LYS A 223 45.85 -22.08 -25.84
CA LYS A 223 46.22 -21.75 -27.22
C LYS A 223 45.68 -20.39 -27.65
N LEU A 224 44.42 -20.12 -27.29
CA LEU A 224 43.79 -18.84 -27.58
C LEU A 224 44.57 -17.64 -27.02
N TYR A 225 45.03 -17.72 -25.78
CA TYR A 225 45.74 -16.61 -25.15
C TYR A 225 47.05 -16.25 -25.84
N ASP A 226 47.66 -17.22 -26.52
CA ASP A 226 48.84 -16.98 -27.35
C ASP A 226 48.56 -16.06 -28.55
N ARG A 227 47.28 -15.93 -28.93
CA ARG A 227 46.92 -15.21 -30.17
C ARG A 227 45.93 -14.06 -30.02
N VAL A 228 45.18 -14.09 -28.92
CA VAL A 228 43.94 -13.32 -28.78
C VAL A 228 43.85 -12.75 -27.37
N THR A 229 43.27 -11.55 -27.26
CA THR A 229 42.85 -10.97 -25.98
C THR A 229 41.33 -10.72 -26.03
N PHE A 230 40.62 -11.20 -25.01
CA PHE A 230 39.16 -11.12 -24.96
C PHE A 230 38.71 -9.89 -24.19
N HIS A 231 37.67 -9.23 -24.71
CA HIS A 231 37.02 -8.12 -24.03
C HIS A 231 35.54 -8.39 -24.03
N ILE A 232 34.98 -8.54 -22.83
CA ILE A 232 33.67 -9.15 -22.66
C ILE A 232 32.80 -8.29 -21.75
N VAL A 233 31.58 -8.00 -22.19
CA VAL A 233 30.56 -7.37 -21.32
C VAL A 233 29.44 -8.39 -21.10
N PRO A 234 29.43 -9.09 -19.94
CA PRO A 234 28.40 -10.11 -19.64
C PRO A 234 26.96 -9.57 -19.59
N ASN A 235 26.79 -8.34 -19.14
CA ASN A 235 25.45 -7.74 -19.07
C ASN A 235 25.46 -6.29 -19.54
N MET A 236 25.04 -6.08 -20.78
CA MET A 236 24.97 -4.76 -21.39
C MET A 236 23.84 -3.88 -20.82
N ASN A 237 22.88 -4.47 -20.11
CA ASN A 237 21.69 -3.75 -19.63
C ASN A 237 21.33 -4.12 -18.18
N PRO A 238 22.20 -3.76 -17.22
CA PRO A 238 21.91 -4.13 -15.83
C PRO A 238 20.54 -3.66 -15.31
N ASP A 239 20.15 -2.44 -15.65
CA ASP A 239 18.88 -1.87 -15.17
C ASP A 239 17.66 -2.57 -15.75
N GLY A 240 17.67 -2.77 -17.07
CA GLY A 240 16.55 -3.42 -17.75
C GLY A 240 16.32 -4.80 -17.21
N SER A 241 17.42 -5.48 -16.88
CA SER A 241 17.38 -6.84 -16.35
C SER A 241 16.58 -6.90 -15.06
N VAL A 242 17.01 -6.12 -14.06
CA VAL A 242 16.37 -6.17 -12.76
CA VAL A 242 16.38 -6.13 -12.73
C VAL A 242 14.93 -5.67 -12.80
N HIS A 243 14.67 -4.72 -13.72
CA HIS A 243 13.32 -4.18 -13.95
C HIS A 243 12.32 -5.16 -14.52
N GLY A 244 12.79 -6.30 -15.00
CA GLY A 244 11.86 -7.25 -15.64
C GLY A 244 11.46 -6.81 -17.05
N ASN A 245 12.35 -6.07 -17.72
CA ASN A 245 12.06 -5.60 -19.09
C ASN A 245 12.47 -6.67 -20.09
N LEU A 246 11.93 -6.62 -21.30
CA LEU A 246 12.40 -7.47 -22.39
C LEU A 246 13.44 -6.78 -23.25
N ARG A 247 13.11 -5.58 -23.73
CA ARG A 247 13.81 -5.00 -24.88
C ARG A 247 14.52 -3.69 -24.60
N THR A 248 14.17 -3.02 -23.49
CA THR A 248 14.64 -1.66 -23.24
C THR A 248 15.37 -1.46 -21.91
N ASN A 249 16.20 -0.42 -21.84
CA ASN A 249 16.81 0.00 -20.55
C ASN A 249 15.78 0.76 -19.70
N ALA A 250 16.20 1.29 -18.55
CA ALA A 250 15.31 1.95 -17.61
C ALA A 250 14.75 3.26 -18.17
N ALA A 251 15.41 3.83 -19.18
CA ALA A 251 14.94 5.08 -19.80
C ALA A 251 14.05 4.83 -21.03
N GLY A 252 13.82 3.56 -21.36
CA GLY A 252 12.96 3.19 -22.48
C GLY A 252 13.69 3.05 -23.81
N ALA A 253 15.02 3.04 -23.78
CA ALA A 253 15.81 2.98 -25.01
C ALA A 253 16.08 1.53 -25.42
N ASN A 254 15.96 1.25 -26.72
CA ASN A 254 16.40 -0.03 -27.27
C ASN A 254 17.89 0.12 -27.55
N LEU A 255 18.71 -0.45 -26.66
CA LEU A 255 20.17 -0.31 -26.76
C LEU A 255 20.74 -0.71 -28.11
N ASN A 256 20.10 -1.67 -28.78
CA ASN A 256 20.63 -2.11 -30.08
C ASN A 256 20.09 -1.27 -31.26
N ARG A 257 19.62 -0.06 -30.94
CA ARG A 257 19.33 0.99 -31.93
C ARG A 257 20.13 2.29 -31.65
N GLU A 258 21.04 2.23 -30.68
CA GLU A 258 21.73 3.42 -30.16
C GLU A 258 23.18 3.57 -30.65
N TRP A 259 23.61 2.69 -31.54
CA TRP A 259 25.03 2.58 -31.89
C TRP A 259 25.59 3.65 -32.78
N MET A 260 24.75 4.29 -33.57
N MET A 260 24.74 4.27 -33.59
CA MET A 260 25.21 5.42 -34.41
CA MET A 260 25.16 5.42 -34.39
C MET A 260 25.26 6.76 -33.66
C MET A 260 25.38 6.66 -33.53
N ALA A 261 24.43 6.91 -32.63
CA ALA A 261 24.45 8.14 -31.79
C ALA A 261 23.95 7.91 -30.36
N PRO A 262 24.77 7.25 -29.51
CA PRO A 262 24.38 7.01 -28.11
C PRO A 262 24.39 8.30 -27.29
N ASP A 263 23.68 8.30 -26.16
CA ASP A 263 23.44 9.50 -25.39
C ASP A 263 23.74 9.24 -23.92
N ALA A 264 24.31 10.23 -23.23
CA ALA A 264 24.68 10.06 -21.81
C ALA A 264 23.48 9.92 -20.89
N GLU A 265 22.34 10.50 -21.27
CA GLU A 265 21.12 10.42 -20.46
C GLU A 265 20.24 9.24 -20.83
N ARG A 266 20.06 9.04 -22.14
CA ARG A 266 19.17 7.99 -22.65
C ARG A 266 19.82 6.60 -22.74
N SER A 267 21.07 6.55 -23.19
CA SER A 267 21.75 5.25 -23.42
C SER A 267 23.23 5.26 -23.00
N PRO A 268 23.51 5.59 -21.72
CA PRO A 268 24.90 5.61 -21.23
C PRO A 268 25.57 4.23 -21.32
N GLU A 269 24.76 3.17 -21.32
CA GLU A 269 25.27 1.80 -21.45
C GLU A 269 26.04 1.64 -22.79
N VAL A 270 25.43 2.11 -23.87
CA VAL A 270 26.10 2.03 -25.18
C VAL A 270 27.18 3.09 -25.34
N LEU A 271 26.92 4.31 -24.86
CA LEU A 271 27.92 5.36 -24.93
C LEU A 271 29.27 4.91 -24.38
N ALA A 272 29.26 4.29 -23.20
CA ALA A 272 30.47 3.82 -22.51
C ALA A 272 31.16 2.65 -23.24
N VAL A 273 30.38 1.68 -23.70
CA VAL A 273 30.95 0.51 -24.37
C VAL A 273 31.49 0.85 -25.79
N ARG A 274 30.70 1.59 -26.56
CA ARG A 274 31.17 2.06 -27.88
C ARG A 274 32.49 2.85 -27.76
N ASP A 275 32.58 3.74 -26.77
CA ASP A 275 33.82 4.49 -26.54
C ASP A 275 35.01 3.55 -26.29
N ALA A 276 34.84 2.55 -25.41
CA ALA A 276 35.89 1.58 -25.09
C ALA A 276 36.34 0.76 -26.31
N ILE A 277 35.38 0.34 -27.14
CA ILE A 277 35.71 -0.43 -28.37
C ILE A 277 36.60 0.40 -29.30
N HIS A 278 36.25 1.67 -29.47
CA HIS A 278 37.07 2.60 -30.27
C HIS A 278 38.45 2.84 -29.69
N ALA A 279 38.51 2.99 -28.38
CA ALA A 279 39.78 3.20 -27.69
C ALA A 279 40.68 1.96 -27.75
N ILE A 280 40.07 0.78 -27.66
CA ILE A 280 40.82 -0.48 -27.54
C ILE A 280 41.13 -1.13 -28.87
N GLY A 281 40.19 -1.04 -29.82
CA GLY A 281 40.34 -1.70 -31.11
C GLY A 281 39.57 -3.00 -31.13
N CYS A 282 39.31 -3.53 -32.34
CA CYS A 282 38.44 -4.68 -32.51
C CYS A 282 38.78 -5.48 -33.78
N ASP A 283 39.06 -6.77 -33.59
CA ASP A 283 39.37 -7.68 -34.71
C ASP A 283 38.24 -8.67 -34.96
N MET A 284 37.50 -9.01 -33.91
CA MET A 284 36.34 -9.91 -34.02
C MET A 284 35.25 -9.44 -33.06
N PHE A 285 34.01 -9.38 -33.52
CA PHE A 285 32.91 -8.85 -32.71
C PHE A 285 31.69 -9.75 -32.72
N PHE A 286 31.15 -10.03 -31.53
CA PHE A 286 30.01 -10.90 -31.32
C PHE A 286 29.04 -10.21 -30.38
N ASP A 287 27.82 -9.99 -30.88
CA ASP A 287 26.74 -9.43 -30.08
C ASP A 287 25.76 -10.58 -29.80
N ILE A 288 25.60 -10.92 -28.51
CA ILE A 288 24.80 -12.08 -28.10
C ILE A 288 23.34 -11.73 -27.73
N HIS A 289 22.39 -12.35 -28.43
CA HIS A 289 20.94 -12.11 -28.28
C HIS A 289 20.16 -13.38 -28.11
N GLY A 290 18.88 -13.23 -27.77
CA GLY A 290 17.89 -14.29 -27.88
C GLY A 290 16.79 -13.88 -28.85
N ASP A 291 16.23 -14.84 -29.59
CA ASP A 291 15.12 -14.54 -30.49
C ASP A 291 13.80 -15.17 -30.04
N GLU A 292 12.75 -14.35 -29.94
CA GLU A 292 11.43 -14.82 -29.50
C GLU A 292 10.77 -15.83 -30.45
N ASP A 293 10.81 -15.53 -31.75
N ASP A 293 10.78 -15.53 -31.75
CA ASP A 293 10.01 -16.22 -32.75
CA ASP A 293 10.00 -16.26 -32.75
C ASP A 293 10.59 -17.55 -33.26
C ASP A 293 10.62 -17.60 -33.15
N LEU A 294 11.87 -17.57 -33.62
CA LEU A 294 12.50 -18.75 -34.24
C LEU A 294 13.07 -19.78 -33.26
N PRO A 295 12.69 -21.07 -33.40
CA PRO A 295 13.23 -22.14 -32.55
C PRO A 295 14.55 -22.72 -33.10
N TYR A 296 15.54 -21.86 -33.31
CA TYR A 296 16.84 -22.24 -33.89
C TYR A 296 17.93 -21.35 -33.33
N VAL A 297 19.15 -21.87 -33.32
CA VAL A 297 20.36 -21.10 -33.05
C VAL A 297 20.91 -20.67 -34.42
N PHE A 298 21.11 -19.37 -34.61
CA PHE A 298 21.58 -18.85 -35.90
C PHE A 298 22.41 -17.58 -35.71
N VAL A 299 23.07 -17.12 -36.77
CA VAL A 299 23.75 -15.82 -36.74
C VAL A 299 23.20 -14.88 -37.81
N ALA A 300 23.31 -13.59 -37.56
CA ALA A 300 23.08 -12.58 -38.59
C ALA A 300 24.43 -11.92 -38.86
N GLY A 301 24.92 -12.07 -40.09
CA GLY A 301 26.22 -11.57 -40.47
C GLY A 301 26.19 -10.17 -41.06
N SER A 302 27.32 -9.78 -41.63
CA SER A 302 27.52 -8.44 -42.13
C SER A 302 27.43 -8.36 -43.66
N GLU A 303 26.99 -9.45 -44.29
CA GLU A 303 27.02 -9.56 -45.77
C GLU A 303 26.16 -8.52 -46.51
N MET A 304 25.16 -7.96 -45.82
N MET A 304 25.15 -7.96 -45.81
CA MET A 304 24.29 -6.94 -46.39
CA MET A 304 24.27 -6.92 -46.34
C MET A 304 24.92 -5.54 -46.42
C MET A 304 24.97 -5.57 -46.50
N LEU A 305 26.09 -5.40 -45.79
CA LEU A 305 26.81 -4.11 -45.77
C LEU A 305 27.50 -3.82 -47.11
N PRO A 306 27.34 -2.59 -47.62
CA PRO A 306 28.01 -2.15 -48.85
C PRO A 306 29.54 -2.18 -48.73
N SER A 307 30.01 -2.20 -47.49
CA SER A 307 31.44 -2.27 -47.16
C SER A 307 31.98 -3.72 -47.09
N PHE A 308 31.09 -4.70 -47.27
CA PHE A 308 31.43 -6.12 -47.16
C PHE A 308 32.30 -6.61 -48.33
N THR A 309 33.60 -6.77 -48.06
CA THR A 309 34.58 -7.14 -49.08
C THR A 309 34.65 -8.65 -49.31
N GLU A 310 35.29 -9.04 -50.40
CA GLU A 310 35.54 -10.45 -50.72
C GLU A 310 36.24 -11.20 -49.59
N GLN A 311 37.28 -10.59 -49.02
CA GLN A 311 38.00 -11.17 -47.88
C GLN A 311 37.08 -11.33 -46.66
N GLN A 312 36.24 -10.33 -46.39
CA GLN A 312 35.23 -10.43 -45.33
C GLN A 312 34.28 -11.60 -45.54
N GLY A 313 33.83 -11.79 -46.79
CA GLY A 313 32.99 -12.93 -47.16
C GLY A 313 33.66 -14.26 -46.86
N LYS A 314 34.88 -14.40 -47.37
CA LYS A 314 35.74 -15.56 -47.11
C LYS A 314 35.86 -15.84 -45.60
N GLU A 315 36.14 -14.80 -44.82
N GLU A 315 36.18 -14.80 -44.84
CA GLU A 315 36.30 -14.91 -43.38
CA GLU A 315 36.29 -14.84 -43.38
C GLU A 315 35.01 -15.28 -42.63
C GLU A 315 35.01 -15.32 -42.71
N GLN A 316 33.89 -14.65 -43.02
CA GLN A 316 32.61 -14.93 -42.39
C GLN A 316 32.11 -16.35 -42.67
N THR A 317 32.23 -16.76 -43.94
CA THR A 317 31.87 -18.13 -44.37
C THR A 317 32.69 -19.16 -43.60
N ALA A 318 33.98 -18.91 -43.48
CA ALA A 318 34.88 -19.86 -42.82
C ALA A 318 34.63 -19.93 -41.30
N PHE A 319 34.32 -18.81 -40.66
CA PHE A 319 33.96 -18.88 -39.25
C PHE A 319 32.66 -19.68 -39.08
N ILE A 320 31.69 -19.42 -39.93
CA ILE A 320 30.41 -20.11 -39.82
C ILE A 320 30.57 -21.63 -40.00
N GLU A 321 31.44 -22.03 -40.94
CA GLU A 321 31.75 -23.44 -41.14
C GLU A 321 32.39 -24.08 -39.90
N ALA A 322 33.37 -23.39 -39.32
CA ALA A 322 34.00 -23.81 -38.06
C ALA A 322 33.01 -23.91 -36.89
N PHE A 323 32.06 -22.97 -36.80
CA PHE A 323 31.05 -22.96 -35.72
C PHE A 323 30.07 -24.14 -35.91
N LYS A 324 29.77 -24.49 -37.17
CA LYS A 324 28.93 -25.65 -37.44
C LYS A 324 29.55 -26.95 -36.96
N VAL A 325 30.86 -27.07 -37.11
CA VAL A 325 31.62 -28.20 -36.60
C VAL A 325 31.70 -28.21 -35.06
N ALA A 326 32.05 -27.06 -34.46
CA ALA A 326 32.15 -26.94 -32.99
C ALA A 326 30.84 -27.24 -32.27
N SER A 327 29.72 -26.80 -32.83
CA SER A 327 28.42 -27.00 -32.17
C SER A 327 27.30 -27.53 -33.08
N PRO A 328 26.86 -28.77 -32.81
CA PRO A 328 25.68 -29.32 -33.48
C PRO A 328 24.40 -28.49 -33.32
N ASP A 329 24.30 -27.65 -32.27
CA ASP A 329 23.13 -26.77 -32.11
C ASP A 329 23.09 -25.65 -33.15
N PHE A 330 24.26 -25.12 -33.50
CA PHE A 330 24.36 -24.06 -34.49
C PHE A 330 24.02 -24.56 -35.90
N GLN A 331 23.31 -23.73 -36.66
CA GLN A 331 22.93 -24.08 -38.04
C GLN A 331 22.77 -22.82 -38.91
N THR A 332 22.56 -23.01 -40.21
CA THR A 332 22.43 -21.89 -41.15
C THR A 332 21.17 -21.96 -42.02
N GLU A 333 20.49 -23.11 -42.01
CA GLU A 333 19.23 -23.31 -42.75
C GLU A 333 18.19 -22.22 -42.43
N HIS A 334 17.94 -22.03 -41.14
CA HIS A 334 16.94 -21.08 -40.65
C HIS A 334 17.56 -19.83 -40.10
N GLY A 335 16.86 -18.70 -40.23
CA GLY A 335 17.37 -17.43 -39.73
C GLY A 335 16.50 -16.26 -40.14
N TYR A 336 17.03 -15.05 -39.97
CA TYR A 336 16.35 -13.86 -40.50
C TYR A 336 16.50 -13.80 -42.03
N ALA A 337 15.38 -13.59 -42.73
CA ALA A 337 15.43 -13.33 -44.16
C ALA A 337 16.15 -11.99 -44.35
N ALA A 338 17.27 -12.02 -45.06
CA ALA A 338 18.10 -10.83 -45.25
C ALA A 338 17.49 -9.88 -46.27
N SER A 339 16.79 -8.87 -45.76
CA SER A 339 16.18 -7.83 -46.60
C SER A 339 17.23 -6.82 -47.06
N LYS A 340 16.80 -5.88 -47.91
CA LYS A 340 17.71 -4.90 -48.48
C LYS A 340 18.32 -3.97 -47.41
N TYR A 341 19.58 -3.62 -47.64
CA TYR A 341 20.33 -2.72 -46.78
C TYR A 341 19.71 -1.33 -46.76
N LYS A 342 19.60 -0.77 -45.57
CA LYS A 342 19.20 0.62 -45.41
CA LYS A 342 19.17 0.61 -45.38
C LYS A 342 20.15 1.26 -44.40
N GLU A 343 20.39 2.56 -44.56
CA GLU A 343 21.33 3.28 -43.69
C GLU A 343 21.12 3.08 -42.18
N ASP A 344 19.86 2.89 -41.75
CA ASP A 344 19.57 2.71 -40.33
C ASP A 344 19.95 1.33 -39.77
N ALA A 345 20.40 0.43 -40.64
CA ALA A 345 20.97 -0.85 -40.19
C ALA A 345 22.21 -0.64 -39.32
N LEU A 346 22.88 0.50 -39.49
CA LEU A 346 24.07 0.86 -38.71
C LEU A 346 23.79 1.20 -37.24
N LYS A 347 22.51 1.34 -36.89
CA LYS A 347 22.10 1.54 -35.50
C LYS A 347 22.32 0.28 -34.66
N LEU A 348 22.41 -0.86 -35.34
CA LEU A 348 22.61 -2.16 -34.68
C LEU A 348 24.10 -2.43 -34.50
N ALA A 349 24.47 -2.96 -33.32
CA ALA A 349 25.88 -3.11 -32.93
C ALA A 349 26.74 -3.83 -33.96
N SER A 350 26.30 -5.03 -34.37
CA SER A 350 27.14 -5.86 -35.23
C SER A 350 27.32 -5.23 -36.63
N LYS A 351 26.35 -4.42 -37.05
CA LYS A 351 26.46 -3.74 -38.34
C LYS A 351 27.36 -2.51 -38.22
N TYR A 352 27.13 -1.72 -37.17
CA TYR A 352 28.00 -0.59 -36.83
C TYR A 352 29.47 -1.02 -36.78
N ILE A 353 29.76 -2.04 -35.99
CA ILE A 353 31.13 -2.54 -35.82
C ILE A 353 31.69 -3.10 -37.13
N GLY A 354 30.88 -3.89 -37.85
CA GLY A 354 31.27 -4.41 -39.16
C GLY A 354 31.63 -3.31 -40.14
N HIS A 355 30.83 -2.24 -40.16
CA HIS A 355 31.06 -1.13 -41.07
C HIS A 355 32.23 -0.27 -40.65
N GLN A 356 32.33 -0.01 -39.34
CA GLN A 356 33.37 0.84 -38.78
C GLN A 356 34.77 0.22 -38.83
N PHE A 357 34.86 -1.07 -38.50
CA PHE A 357 36.15 -1.75 -38.33
C PHE A 357 36.52 -2.70 -39.47
N GLY A 358 35.53 -3.08 -40.27
CA GLY A 358 35.78 -4.01 -41.39
C GLY A 358 36.16 -5.42 -40.97
N CYS A 359 35.79 -5.81 -39.75
CA CYS A 359 36.22 -7.09 -39.19
C CYS A 359 35.07 -8.11 -39.21
N LEU A 360 35.37 -9.37 -38.86
CA LEU A 360 34.31 -10.34 -38.59
C LEU A 360 33.38 -9.75 -37.51
N SER A 361 32.10 -9.60 -37.87
CA SER A 361 31.13 -9.04 -36.93
C SER A 361 29.77 -9.73 -37.03
N LEU A 362 29.34 -10.35 -35.94
CA LEU A 362 28.14 -11.19 -35.99
C LEU A 362 27.18 -10.90 -34.84
N THR A 363 25.88 -10.99 -35.14
CA THR A 363 24.88 -11.14 -34.08
C THR A 363 24.56 -12.63 -33.97
N LEU A 364 24.63 -13.15 -32.74
CA LEU A 364 24.23 -14.53 -32.45
C LEU A 364 22.87 -14.56 -31.74
N GLU A 365 21.99 -15.42 -32.22
CA GLU A 365 20.63 -15.56 -31.70
C GLU A 365 20.41 -16.98 -31.15
N MET A 366 19.94 -17.05 -29.90
CA MET A 366 19.47 -18.30 -29.28
C MET A 366 17.95 -18.25 -29.08
N PRO A 367 17.28 -19.41 -29.12
CA PRO A 367 15.84 -19.41 -29.02
C PRO A 367 15.29 -19.35 -27.57
N PHE A 368 14.17 -18.65 -27.40
CA PHE A 368 13.38 -18.71 -26.15
C PHE A 368 12.61 -20.03 -26.06
N LYS A 369 12.29 -20.62 -27.21
CA LYS A 369 11.48 -21.85 -27.29
C LYS A 369 12.34 -23.11 -27.06
N ASP A 370 12.98 -23.59 -28.11
CA ASP A 370 13.83 -24.77 -28.05
C ASP A 370 14.64 -24.72 -29.35
N ASN A 371 15.63 -25.58 -29.47
CA ASN A 371 16.23 -25.88 -30.78
C ASN A 371 15.39 -27.00 -31.41
N ALA A 372 14.54 -26.62 -32.37
CA ALA A 372 13.62 -27.53 -33.06
C ALA A 372 14.32 -28.71 -33.75
N ASN A 373 15.58 -28.53 -34.13
CA ASN A 373 16.40 -29.61 -34.70
C ASN A 373 16.77 -30.66 -33.64
N LEU A 374 16.97 -30.18 -32.40
CA LEU A 374 17.36 -31.04 -31.27
C LEU A 374 16.49 -30.72 -30.03
N PRO A 375 15.19 -31.04 -30.09
CA PRO A 375 14.32 -30.58 -29.01
C PRO A 375 14.59 -31.27 -27.67
N ASP A 376 14.17 -30.63 -26.59
CA ASP A 376 14.20 -31.21 -25.26
C ASP A 376 12.91 -30.84 -24.56
N GLU A 377 12.00 -31.80 -24.45
CA GLU A 377 10.68 -31.58 -23.84
C GLU A 377 10.76 -31.18 -22.37
N ARG A 378 11.82 -31.61 -21.69
CA ARG A 378 11.93 -31.31 -20.27
C ARG A 378 12.32 -29.86 -19.99
N VAL A 379 13.33 -29.35 -20.72
CA VAL A 379 13.89 -28.01 -20.45
C VAL A 379 13.83 -27.03 -21.62
N GLY A 380 13.55 -27.53 -22.83
CA GLY A 380 13.62 -26.68 -24.05
C GLY A 380 15.03 -26.10 -24.20
N TRP A 381 15.14 -24.88 -24.71
CA TRP A 381 16.42 -24.15 -24.63
C TRP A 381 16.57 -23.57 -23.24
N ASN A 382 17.77 -23.62 -22.67
CA ASN A 382 17.94 -23.17 -21.27
C ASN A 382 19.32 -22.59 -20.95
N GLY A 383 19.59 -22.38 -19.67
CA GLY A 383 20.89 -21.89 -19.21
C GLY A 383 22.07 -22.78 -19.57
N GLU A 384 21.96 -24.07 -19.27
N GLU A 384 21.98 -24.07 -19.25
CA GLU A 384 23.04 -25.06 -19.53
CA GLU A 384 23.07 -25.02 -19.55
C GLU A 384 23.35 -25.26 -21.02
C GLU A 384 23.37 -25.11 -21.05
N ARG A 385 22.32 -25.22 -21.88
CA ARG A 385 22.51 -25.32 -23.34
C ARG A 385 23.12 -24.04 -23.94
N SER A 386 22.69 -22.87 -23.46
CA SER A 386 23.31 -21.58 -23.82
C SER A 386 24.82 -21.53 -23.44
N ALA A 387 25.12 -21.93 -22.21
CA ALA A 387 26.49 -21.98 -21.72
C ALA A 387 27.36 -22.97 -22.51
N ALA A 388 26.80 -24.13 -22.85
CA ALA A 388 27.52 -25.11 -23.68
C ALA A 388 27.84 -24.52 -25.04
N LEU A 389 26.89 -23.73 -25.58
CA LEU A 389 27.09 -23.04 -26.86
C LEU A 389 28.24 -22.03 -26.82
N GLY A 390 28.34 -21.29 -25.72
CA GLY A 390 29.42 -20.30 -25.51
C GLY A 390 30.79 -20.95 -25.44
N ALA A 391 30.87 -22.06 -24.70
CA ALA A 391 32.08 -22.87 -24.66
C ALA A 391 32.46 -23.45 -26.03
N ALA A 392 31.46 -23.89 -26.79
CA ALA A 392 31.67 -24.42 -28.14
C ALA A 392 32.20 -23.34 -29.08
N MET A 393 31.66 -22.12 -28.99
CA MET A 393 32.07 -21.05 -29.87
C MET A 393 33.55 -20.67 -29.72
N LEU A 394 34.08 -20.80 -28.50
CA LEU A 394 35.51 -20.61 -28.27
C LEU A 394 36.36 -21.50 -29.16
N ALA A 395 35.91 -22.74 -29.34
CA ALA A 395 36.68 -23.69 -30.14
C ALA A 395 36.66 -23.26 -31.61
N ALA A 396 35.54 -22.67 -32.05
CA ALA A 396 35.45 -22.13 -33.41
C ALA A 396 36.32 -20.88 -33.58
N ILE A 397 36.39 -20.04 -32.55
CA ILE A 397 37.27 -18.86 -32.57
C ILE A 397 38.73 -19.27 -32.75
N LEU A 398 39.13 -20.31 -32.01
CA LEU A 398 40.51 -20.83 -32.13
C LEU A 398 40.83 -21.31 -33.54
N VAL A 399 39.98 -22.21 -34.06
CA VAL A 399 40.10 -22.70 -35.45
C VAL A 399 40.29 -21.52 -36.39
N HIS A 400 39.40 -20.52 -36.26
CA HIS A 400 39.39 -19.33 -37.09
C HIS A 400 40.68 -18.53 -37.07
N VAL A 401 41.17 -18.16 -35.88
CA VAL A 401 42.43 -17.40 -35.80
C VAL A 401 43.65 -18.20 -36.25
N ASP A 402 43.61 -19.51 -36.08
CA ASP A 402 44.68 -20.39 -36.58
C ASP A 402 44.68 -20.51 -38.11
N THR A 403 43.55 -20.19 -38.74
CA THR A 403 43.44 -20.19 -40.21
C THR A 403 43.75 -18.81 -40.82
N PHE A 404 43.32 -17.75 -40.13
CA PHE A 404 43.51 -16.38 -40.62
C PHE A 404 44.36 -15.58 -39.65
N THR B 23 40.46 4.95 -12.37
CA THR B 23 39.38 5.77 -11.73
C THR B 23 38.64 4.93 -10.68
N LEU B 24 38.46 5.51 -9.50
CA LEU B 24 37.69 4.86 -8.45
C LEU B 24 36.21 5.01 -8.72
N SER B 25 35.42 4.00 -8.37
CA SER B 25 33.97 4.08 -8.43
C SER B 25 33.35 3.38 -7.23
N ILE B 26 32.51 4.13 -6.52
CA ILE B 26 31.73 3.57 -5.42
C ILE B 26 30.26 3.53 -5.83
N THR B 27 29.70 2.32 -5.85
CA THR B 27 28.29 2.10 -6.19
C THR B 27 27.59 1.34 -5.06
N SER B 28 26.26 1.40 -5.06
CA SER B 28 25.48 0.78 -3.97
C SER B 28 24.09 0.31 -4.38
N ASN B 29 23.77 0.36 -5.68
CA ASN B 29 22.46 -0.10 -6.15
C ASN B 29 22.38 -1.63 -6.30
N PHE B 30 22.15 -2.30 -5.18
CA PHE B 30 21.98 -3.75 -5.16
C PHE B 30 21.30 -4.09 -3.85
N ASP B 31 20.89 -5.34 -3.70
CA ASP B 31 20.20 -5.83 -2.47
C ASP B 31 21.01 -5.46 -1.21
N ALA B 32 20.41 -4.62 -0.36
CA ALA B 32 20.97 -4.22 0.95
C ALA B 32 22.08 -3.15 0.84
N GLY B 33 22.33 -2.68 -0.37
CA GLY B 33 23.34 -1.63 -0.58
C GLY B 33 22.94 -0.34 0.12
N ALA B 34 23.92 0.38 0.68
CA ALA B 34 23.64 1.66 1.35
C ALA B 34 24.93 2.42 1.63
N ILE B 35 25.04 3.62 1.05
CA ILE B 35 26.18 4.52 1.32
C ILE B 35 25.92 5.88 0.68
N ASP B 36 26.49 6.93 1.27
CA ASP B 36 26.53 8.23 0.61
C ASP B 36 28.00 8.58 0.35
N VAL B 37 28.31 9.03 -0.86
CA VAL B 37 29.70 9.36 -1.21
C VAL B 37 29.90 10.86 -1.14
N VAL B 38 30.79 11.30 -0.25
CA VAL B 38 31.14 12.70 -0.13
C VAL B 38 32.25 13.03 -1.13
N SER B 39 33.30 12.20 -1.18
CA SER B 39 34.41 12.42 -2.11
C SER B 39 35.14 11.11 -2.39
N CYS B 40 35.50 10.89 -3.66
CA CYS B 40 36.20 9.69 -4.07
CA CYS B 40 36.28 9.70 -4.01
C CYS B 40 37.20 10.01 -5.20
N ASP B 41 38.08 10.97 -4.97
CA ASP B 41 39.03 11.45 -5.99
C ASP B 41 40.39 10.80 -5.89
N SER B 42 40.63 10.13 -4.77
CA SER B 42 41.92 9.56 -4.46
C SER B 42 41.73 8.42 -3.47
N PRO B 43 42.44 7.28 -3.67
CA PRO B 43 42.25 6.11 -2.79
C PRO B 43 42.47 6.44 -1.32
N ASP B 44 43.48 7.26 -1.01
CA ASP B 44 43.73 7.64 0.38
C ASP B 44 42.89 8.82 0.85
N ALA B 45 41.85 9.18 0.10
CA ALA B 45 40.99 10.29 0.51
C ALA B 45 39.50 10.05 0.22
N ILE B 46 39.07 8.81 0.40
CA ILE B 46 37.66 8.47 0.21
C ILE B 46 36.84 8.91 1.45
N ARG B 47 35.88 9.77 1.22
CA ARG B 47 35.05 10.29 2.30
C ARG B 47 33.61 9.88 2.06
N LEU B 48 33.01 9.25 3.06
CA LEU B 48 31.69 8.61 2.96
C LEU B 48 30.81 9.03 4.11
N ARG B 49 29.50 8.87 3.94
CA ARG B 49 28.57 8.95 5.08
C ARG B 49 27.71 7.68 5.11
N VAL B 50 27.38 7.21 6.31
CA VAL B 50 26.36 6.18 6.48
C VAL B 50 25.06 6.82 6.01
N ARG B 51 24.35 6.12 5.13
CA ARG B 51 23.16 6.66 4.45
C ARG B 51 21.96 6.82 5.40
N GLY B 52 21.64 5.76 6.14
CA GLY B 52 20.49 5.76 7.05
C GLY B 52 19.28 5.00 6.50
N ASP B 53 18.36 4.63 7.39
CA ASP B 53 17.20 3.81 6.98
C ASP B 53 16.35 4.58 5.97
N ASN B 54 15.66 3.88 5.08
CA ASN B 54 14.95 4.57 3.97
C ASN B 54 13.87 5.57 4.40
N ARG B 55 13.20 5.28 5.50
CA ARG B 55 12.08 6.10 5.91
C ARG B 55 12.12 6.38 7.41
N SER B 56 13.32 6.42 7.95
CA SER B 56 13.55 6.71 9.36
C SER B 56 14.91 7.37 9.57
N GLU B 57 15.02 8.15 10.66
CA GLU B 57 16.27 8.84 11.03
C GLU B 57 17.38 7.90 11.48
N PHE B 58 17.03 6.66 11.81
CA PHE B 58 17.99 5.67 12.26
C PHE B 58 19.07 5.40 11.20
N ALA B 59 20.33 5.47 11.61
CA ALA B 59 21.45 5.28 10.65
C ALA B 59 22.56 4.44 11.25
N GLN B 60 22.89 3.31 10.59
CA GLN B 60 24.04 2.48 11.01
C GLN B 60 24.51 1.53 9.90
N TRP B 61 23.58 0.90 9.19
CA TRP B 61 23.93 -0.10 8.16
C TRP B 61 24.64 0.56 6.99
N PHE B 62 25.69 -0.08 6.50
CA PHE B 62 26.35 0.32 5.25
C PHE B 62 26.79 -0.93 4.46
N TYR B 63 26.91 -0.78 3.14
CA TYR B 63 27.22 -1.87 2.22
C TYR B 63 27.43 -1.19 0.85
N TYR B 64 28.65 -1.32 0.31
CA TYR B 64 28.96 -0.70 -0.97
C TYR B 64 30.02 -1.45 -1.76
N ARG B 65 30.08 -1.15 -3.05
CA ARG B 65 31.07 -1.71 -3.97
C ARG B 65 32.14 -0.65 -4.26
N LEU B 66 33.40 -1.03 -4.22
CA LEU B 66 34.47 -0.16 -4.68
C LEU B 66 35.23 -0.82 -5.81
N THR B 67 35.28 -0.16 -6.97
CA THR B 67 36.07 -0.68 -8.09
C THR B 67 37.19 0.32 -8.46
N GLY B 68 38.24 -0.22 -9.10
CA GLY B 68 39.34 0.58 -9.63
C GLY B 68 40.52 0.75 -8.69
N ALA B 69 40.52 0.00 -7.60
CA ALA B 69 41.49 0.20 -6.53
C ALA B 69 42.45 -0.97 -6.30
N ARG B 70 42.57 -1.87 -7.28
CA ARG B 70 43.47 -3.01 -7.14
C ARG B 70 44.87 -2.55 -6.77
N GLY B 71 45.38 -3.05 -5.64
CA GLY B 71 46.74 -2.76 -5.22
C GLY B 71 46.95 -1.33 -4.71
N GLU B 72 45.85 -0.60 -4.47
CA GLU B 72 45.91 0.78 -3.94
C GLU B 72 45.51 0.79 -2.47
N ARG B 73 46.24 1.54 -1.65
CA ARG B 73 45.88 1.66 -0.24
C ARG B 73 44.65 2.58 -0.12
N CYS B 74 43.51 2.00 0.26
CA CYS B 74 42.28 2.78 0.36
C CYS B 74 42.05 3.21 1.79
N VAL B 75 41.82 4.51 1.99
CA VAL B 75 41.53 5.06 3.31
C VAL B 75 40.11 5.64 3.22
N MET B 76 39.14 4.96 3.84
CA MET B 76 37.74 5.31 3.68
C MET B 76 37.18 5.78 5.01
N THR B 77 36.89 7.08 5.08
CA THR B 77 36.43 7.68 6.33
C THR B 77 34.93 7.89 6.30
N PHE B 78 34.26 7.46 7.37
CA PHE B 78 32.82 7.66 7.53
C PHE B 78 32.66 8.91 8.40
N GLU B 79 32.36 10.05 7.77
N GLU B 79 32.32 10.03 7.76
CA GLU B 79 32.40 11.34 8.48
CA GLU B 79 32.35 11.35 8.39
C GLU B 79 31.30 11.50 9.54
C GLU B 79 31.27 11.55 9.46
N ASN B 80 30.19 10.79 9.37
CA ASN B 80 29.07 10.91 10.31
C ASN B 80 28.95 9.77 11.31
N ALA B 81 30.05 9.04 11.56
CA ALA B 81 30.01 7.86 12.43
C ALA B 81 29.48 8.12 13.86
N ALA B 82 29.79 9.29 14.42
CA ALA B 82 29.38 9.61 15.80
C ALA B 82 27.93 10.10 15.84
N GLU B 83 27.35 10.34 14.67
CA GLU B 83 25.95 10.76 14.53
C GLU B 83 25.03 9.56 14.29
N CYS B 84 25.61 8.37 14.15
CA CYS B 84 24.83 7.16 13.89
C CYS B 84 24.03 6.75 15.14
N ALA B 85 23.14 5.78 14.95
CA ALA B 85 22.27 5.35 16.03
C ALA B 85 23.03 4.77 17.22
N TYR B 86 24.13 4.06 16.93
CA TYR B 86 24.95 3.43 17.96
C TYR B 86 26.44 3.70 17.77
N PRO B 87 26.91 4.88 18.20
CA PRO B 87 28.33 5.23 18.04
C PRO B 87 29.28 4.23 18.67
N SER B 88 28.86 3.60 19.77
CA SER B 88 29.67 2.59 20.44
CA SER B 88 29.67 2.59 20.45
C SER B 88 29.76 1.29 19.63
N GLY B 89 28.89 1.17 18.64
CA GLY B 89 28.98 0.09 17.66
C GLY B 89 30.30 0.12 16.88
N TRP B 90 30.95 1.28 16.85
CA TRP B 90 32.21 1.44 16.11
C TRP B 90 33.41 1.21 16.97
N ARG B 91 33.21 1.14 18.28
CA ARG B 91 34.31 0.85 19.21
C ARG B 91 34.71 -0.64 19.20
N ASN B 92 36.01 -0.91 19.05
CA ASN B 92 36.50 -2.31 18.97
C ASN B 92 35.81 -3.08 17.86
N TYR B 93 35.56 -2.40 16.74
CA TYR B 93 34.78 -2.95 15.65
C TYR B 93 35.66 -2.95 14.40
N SER B 94 35.57 -4.01 13.60
CA SER B 94 36.19 -4.02 12.27
C SER B 94 35.14 -4.30 11.19
N ALA B 95 35.20 -3.55 10.09
CA ALA B 95 34.30 -3.77 8.95
C ALA B 95 34.58 -5.12 8.30
N VAL B 96 33.64 -5.59 7.48
CA VAL B 96 33.80 -6.81 6.71
C VAL B 96 33.89 -6.47 5.22
N ALA B 97 34.54 -7.34 4.47
CA ALA B 97 34.77 -7.11 3.05
C ALA B 97 34.73 -8.44 2.30
N SER B 98 34.52 -8.38 0.99
CA SER B 98 34.41 -9.60 0.16
C SER B 98 34.61 -9.23 -1.30
N TYR B 99 35.33 -10.07 -2.04
CA TYR B 99 35.50 -9.86 -3.49
C TYR B 99 34.33 -10.39 -4.33
N ASP B 100 33.51 -11.25 -3.74
CA ASP B 100 32.44 -11.92 -4.51
C ASP B 100 31.04 -11.98 -3.85
N ARG B 101 30.91 -11.42 -2.65
CA ARG B 101 29.69 -11.51 -1.83
C ARG B 101 29.50 -12.91 -1.23
N VAL B 102 30.48 -13.78 -1.42
CA VAL B 102 30.39 -15.15 -0.91
C VAL B 102 31.24 -15.37 0.36
N ASP B 103 32.54 -15.08 0.26
CA ASP B 103 33.44 -15.21 1.40
CA ASP B 103 33.47 -15.21 1.37
C ASP B 103 33.80 -13.82 1.94
N TRP B 104 33.58 -13.64 3.25
CA TRP B 104 33.73 -12.36 3.94
C TRP B 104 34.80 -12.41 4.98
N PHE B 105 35.53 -11.31 5.15
CA PHE B 105 36.62 -11.24 6.13
C PHE B 105 36.70 -9.84 6.76
N ARG B 106 37.20 -9.76 7.99
CA ARG B 106 37.33 -8.45 8.65
C ARG B 106 38.55 -7.70 8.06
N VAL B 107 38.44 -6.37 7.98
CA VAL B 107 39.51 -5.50 7.47
C VAL B 107 39.92 -4.45 8.52
N PRO B 108 41.16 -3.88 8.43
CA PRO B 108 41.64 -2.95 9.44
C PRO B 108 40.76 -1.69 9.49
N THR B 109 40.32 -1.36 10.71
CA THR B 109 39.29 -0.35 10.94
C THR B 109 39.65 0.37 12.25
N THR B 110 39.57 1.69 12.26
CA THR B 110 39.79 2.45 13.51
C THR B 110 38.65 3.44 13.72
N PHE B 111 38.48 3.85 14.98
CA PHE B 111 37.45 4.81 15.38
C PHE B 111 38.02 5.69 16.49
N ASP B 112 37.87 7.01 16.35
CA ASP B 112 38.48 7.92 17.31
C ASP B 112 37.47 8.67 18.16
N GLY B 113 36.20 8.29 18.05
CA GLY B 113 35.13 8.97 18.79
C GLY B 113 34.32 9.93 17.91
N LYS B 114 34.87 10.26 16.74
CA LYS B 114 34.22 11.17 15.80
C LYS B 114 33.99 10.49 14.46
N THR B 115 35.08 9.97 13.88
CA THR B 115 35.00 9.30 12.60
C THR B 115 35.53 7.87 12.67
N MET B 116 35.08 7.05 11.75
CA MET B 116 35.58 5.68 11.60
CA MET B 116 35.57 5.69 11.61
C MET B 116 36.25 5.57 10.25
N THR B 117 37.37 4.87 10.20
CA THR B 117 38.14 4.79 8.96
C THR B 117 38.51 3.34 8.68
N ILE B 118 38.24 2.88 7.45
CA ILE B 118 38.74 1.58 6.98
C ILE B 118 40.03 1.85 6.21
N ASP B 119 41.07 1.09 6.49
CA ASP B 119 42.35 1.29 5.85
C ASP B 119 42.71 -0.06 5.25
N HIS B 120 42.56 -0.21 3.93
CA HIS B 120 42.65 -1.53 3.32
C HIS B 120 43.12 -1.44 1.89
N THR B 121 43.92 -2.43 1.47
CA THR B 121 44.41 -2.47 0.10
C THR B 121 43.71 -3.61 -0.68
N PRO B 122 42.74 -3.26 -1.55
CA PRO B 122 42.06 -4.33 -2.28
C PRO B 122 43.03 -5.15 -3.14
N GLU B 123 42.86 -6.47 -3.09
CA GLU B 123 43.76 -7.39 -3.81
C GLU B 123 43.30 -7.56 -5.27
N PHE B 124 42.06 -7.14 -5.55
CA PHE B 124 41.46 -7.30 -6.89
C PHE B 124 40.71 -6.04 -7.32
N ASP B 125 40.15 -6.06 -8.52
CA ASP B 125 39.56 -4.88 -9.16
C ASP B 125 38.23 -4.40 -8.57
N SER B 126 37.54 -5.29 -7.86
CA SER B 126 36.19 -5.03 -7.35
C SER B 126 36.04 -5.70 -5.98
N ILE B 127 35.68 -4.91 -4.98
CA ILE B 127 35.53 -5.39 -3.61
C ILE B 127 34.26 -4.76 -3.00
N TYR B 128 33.68 -5.45 -2.01
CA TYR B 128 32.55 -4.91 -1.24
C TYR B 128 32.99 -4.70 0.19
N TYR B 129 32.49 -3.63 0.82
CA TYR B 129 32.64 -3.41 2.28
C TYR B 129 31.24 -3.29 2.88
N ALA B 130 31.07 -3.85 4.08
CA ALA B 130 29.75 -3.89 4.70
C ALA B 130 29.87 -3.92 6.24
N TYR B 131 28.77 -3.57 6.91
CA TYR B 131 28.73 -3.55 8.36
C TYR B 131 28.81 -4.98 8.95
N PHE B 132 28.17 -5.94 8.27
CA PHE B 132 28.18 -7.34 8.68
C PHE B 132 27.98 -8.24 7.46
N GLU B 133 28.31 -9.53 7.57
CA GLU B 133 28.07 -10.48 6.47
C GLU B 133 26.58 -10.48 6.10
N PRO B 134 26.23 -10.02 4.89
CA PRO B 134 24.80 -9.92 4.54
C PRO B 134 24.15 -11.28 4.27
N TYR B 135 22.83 -11.29 4.19
CA TYR B 135 22.06 -12.47 3.84
C TYR B 135 21.01 -11.97 2.83
N SER B 136 21.21 -12.33 1.57
CA SER B 136 20.43 -11.71 0.49
C SER B 136 19.03 -12.33 0.31
N GLU B 137 18.15 -11.58 -0.36
CA GLU B 137 16.83 -12.08 -0.72
CA GLU B 137 16.82 -12.08 -0.73
C GLU B 137 16.94 -13.32 -1.61
N GLU B 138 17.88 -13.31 -2.57
CA GLU B 138 18.11 -14.48 -3.44
CA GLU B 138 18.10 -14.48 -3.43
C GLU B 138 18.51 -15.70 -2.60
N ARG B 139 19.36 -15.50 -1.59
CA ARG B 139 19.77 -16.63 -0.72
C ARG B 139 18.54 -17.18 0.03
N HIS B 140 17.75 -16.29 0.62
CA HIS B 140 16.46 -16.65 1.25
C HIS B 140 15.56 -17.44 0.32
N ALA B 141 15.42 -16.95 -0.91
CA ALA B 141 14.54 -17.59 -1.91
C ALA B 141 15.04 -19.01 -2.27
N ALA B 142 16.35 -19.15 -2.46
CA ALA B 142 16.92 -20.45 -2.81
C ALA B 142 16.83 -21.43 -1.64
N PHE B 143 17.07 -20.93 -0.42
CA PHE B 143 17.02 -21.78 0.78
C PHE B 143 15.60 -22.29 1.04
N LEU B 144 14.64 -21.38 1.18
CA LEU B 144 13.25 -21.81 1.38
CA LEU B 144 13.23 -21.75 1.36
C LEU B 144 12.72 -22.63 0.22
N GLY B 145 13.09 -22.28 -1.02
CA GLY B 145 12.68 -23.08 -2.19
C GLY B 145 13.11 -24.56 -2.14
N ALA B 146 14.27 -24.81 -1.52
CA ALA B 146 14.79 -26.17 -1.31
C ALA B 146 14.18 -26.84 -0.07
N VAL B 147 14.08 -26.08 1.02
CA VAL B 147 13.59 -26.64 2.30
C VAL B 147 12.12 -27.11 2.20
N GLN B 148 11.30 -26.36 1.46
CA GLN B 148 9.90 -26.73 1.27
C GLN B 148 9.70 -28.14 0.66
N GLN B 149 10.74 -28.68 0.06
CA GLN B 149 10.64 -29.99 -0.59
C GLN B 149 10.88 -31.18 0.37
N LEU B 150 11.24 -30.89 1.63
CA LEU B 150 11.37 -31.94 2.63
C LEU B 150 10.00 -32.48 3.02
N PRO B 151 9.90 -33.80 3.26
CA PRO B 151 8.64 -34.46 3.68
C PRO B 151 7.96 -33.81 4.90
N GLN B 152 8.76 -33.31 5.84
CA GLN B 152 8.23 -32.67 7.05
C GLN B 152 7.99 -31.15 6.92
N ALA B 153 8.16 -30.60 5.70
CA ALA B 153 8.14 -29.15 5.51
C ALA B 153 6.86 -28.64 4.84
N SER B 154 6.40 -27.48 5.29
CA SER B 154 5.43 -26.71 4.50
C SER B 154 5.81 -25.24 4.59
N VAL B 155 5.41 -24.45 3.60
CA VAL B 155 5.62 -23.01 3.62
C VAL B 155 4.29 -22.32 3.37
N VAL B 156 3.93 -21.40 4.25
CA VAL B 156 2.67 -20.68 4.13
C VAL B 156 2.96 -19.19 4.05
N GLU B 157 2.35 -18.52 3.08
CA GLU B 157 2.44 -17.07 2.97
C GLU B 157 1.36 -16.45 3.86
N LEU B 158 1.78 -15.85 4.97
CA LEU B 158 0.85 -15.32 5.97
C LEU B 158 0.28 -13.96 5.57
N GLY B 159 1.01 -13.27 4.71
CA GLY B 159 0.57 -11.99 4.17
C GLY B 159 1.68 -11.33 3.37
N ARG B 160 1.47 -10.07 3.01
CA ARG B 160 2.45 -9.28 2.27
C ARG B 160 3.06 -8.18 3.15
N THR B 161 4.34 -7.86 2.88
CA THR B 161 4.99 -6.71 3.51
C THR B 161 4.41 -5.41 2.91
N VAL B 162 4.87 -4.26 3.41
CA VAL B 162 4.45 -2.97 2.85
C VAL B 162 4.64 -2.94 1.33
N GLU B 163 5.77 -3.49 0.86
CA GLU B 163 6.11 -3.43 -0.58
C GLU B 163 5.78 -4.70 -1.39
N GLY B 164 4.93 -5.55 -0.84
CA GLY B 164 4.39 -6.70 -1.58
C GLY B 164 5.28 -7.93 -1.66
N ARG B 165 6.18 -8.09 -0.69
CA ARG B 165 6.98 -9.31 -0.59
C ARG B 165 6.25 -10.25 0.37
N PRO B 166 6.41 -11.59 0.19
CA PRO B 166 5.74 -12.54 1.08
C PRO B 166 6.28 -12.53 2.52
N MET B 167 5.37 -12.70 3.48
CA MET B 167 5.75 -13.01 4.87
C MET B 167 5.61 -14.53 4.97
N SER B 168 6.73 -15.24 4.93
CA SER B 168 6.72 -16.70 4.80
C SER B 168 6.95 -17.42 6.11
N LEU B 169 6.03 -18.31 6.45
CA LEU B 169 6.15 -19.16 7.63
C LEU B 169 6.59 -20.54 7.18
N LEU B 170 7.74 -20.99 7.69
CA LEU B 170 8.21 -22.35 7.52
C LEU B 170 7.76 -23.20 8.71
N THR B 171 7.04 -24.28 8.42
CA THR B 171 6.69 -25.28 9.43
C THR B 171 7.46 -26.56 9.17
N LEU B 172 8.12 -27.06 10.22
CA LEU B 172 8.83 -28.34 10.18
C LEU B 172 8.30 -29.23 11.28
N GLY B 173 7.70 -30.34 10.88
CA GLY B 173 7.21 -31.34 11.84
C GLY B 173 6.56 -32.53 11.18
N THR B 174 6.34 -33.57 11.97
CA THR B 174 5.64 -34.77 11.51
C THR B 174 4.19 -34.72 12.04
N PRO B 175 3.24 -35.44 11.39
CA PRO B 175 1.84 -35.40 11.86
C PRO B 175 1.64 -35.75 13.35
N GLU B 176 0.71 -35.08 14.00
CA GLU B 176 0.33 -35.43 15.37
C GLU B 176 -0.65 -36.60 15.35
N THR B 177 -0.56 -37.45 16.35
CA THR B 177 -1.55 -38.50 16.55
C THR B 177 -2.68 -37.93 17.41
N ASP B 178 -3.89 -38.45 17.23
CA ASP B 178 -5.09 -38.02 17.94
C ASP B 178 -4.88 -38.06 19.46
N GLY B 179 -4.97 -36.88 20.09
CA GLY B 179 -4.83 -36.75 21.54
C GLY B 179 -3.40 -36.59 22.04
N ALA B 180 -2.45 -36.45 21.13
CA ALA B 180 -1.06 -36.23 21.52
C ALA B 180 -0.54 -34.98 20.83
N PRO B 181 -1.01 -33.79 21.25
CA PRO B 181 -0.57 -32.59 20.54
C PRO B 181 0.90 -32.30 20.85
N LYS B 182 1.62 -31.80 19.86
CA LYS B 182 3.03 -31.51 20.03
C LYS B 182 3.26 -30.06 20.48
N LYS B 183 4.39 -29.82 21.15
CA LYS B 183 4.75 -28.46 21.56
C LYS B 183 4.97 -27.58 20.32
N LYS B 184 4.43 -26.37 20.34
CA LYS B 184 4.61 -25.43 19.23
C LYS B 184 5.78 -24.52 19.53
N VAL B 185 6.89 -24.72 18.83
CA VAL B 185 8.09 -23.91 19.03
C VAL B 185 8.21 -22.87 17.94
N TRP B 186 8.12 -21.60 18.34
CA TRP B 186 8.22 -20.47 17.42
C TRP B 186 9.59 -19.86 17.44
N ILE B 187 10.16 -19.63 16.24
CA ILE B 187 11.42 -18.90 16.10
C ILE B 187 11.26 -17.88 14.98
N ILE B 188 11.39 -16.59 15.33
CA ILE B 188 11.28 -15.52 14.33
C ILE B 188 12.57 -14.71 14.33
N ALA B 189 12.99 -14.27 13.14
CA ALA B 189 14.31 -13.67 13.01
C ALA B 189 14.26 -12.39 12.18
N ARG B 190 15.18 -11.48 12.49
CA ARG B 190 15.43 -10.34 11.60
C ARG B 190 14.27 -9.34 11.53
N GLN B 191 13.60 -9.09 12.66
CA GLN B 191 12.66 -7.95 12.72
C GLN B 191 13.39 -6.65 12.44
N HIS B 192 14.65 -6.58 12.87
CA HIS B 192 15.52 -5.46 12.52
C HIS B 192 16.34 -5.91 11.33
N PRO B 193 16.09 -5.33 10.15
CA PRO B 193 16.57 -5.84 8.86
C PRO B 193 18.08 -5.95 8.69
N GLY B 194 18.84 -5.07 9.34
CA GLY B 194 20.30 -5.09 9.24
C GLY B 194 20.96 -6.13 10.11
N GLU B 195 20.17 -6.81 10.95
CA GLU B 195 20.73 -7.87 11.80
C GLU B 195 20.73 -9.23 11.09
N SER B 196 21.51 -9.29 10.01
CA SER B 196 21.54 -10.44 9.12
C SER B 196 22.01 -11.74 9.82
N MET B 197 22.81 -11.61 10.88
CA MET B 197 23.21 -12.77 11.72
C MET B 197 21.99 -13.61 12.16
N ALA B 198 20.85 -12.94 12.38
CA ALA B 198 19.62 -13.62 12.77
C ALA B 198 19.12 -14.60 11.70
N GLU B 199 19.21 -14.23 10.44
CA GLU B 199 18.81 -15.16 9.36
C GLU B 199 19.86 -16.26 9.16
N TRP B 200 21.15 -15.93 9.32
CA TRP B 200 22.20 -16.97 9.30
C TRP B 200 21.97 -18.02 10.36
N PHE B 201 21.60 -17.57 11.56
CA PHE B 201 21.24 -18.42 12.69
C PHE B 201 20.09 -19.38 12.32
N VAL B 202 19.04 -18.85 11.71
CA VAL B 202 17.91 -19.67 11.28
C VAL B 202 18.36 -20.71 10.23
N GLU B 203 19.21 -20.30 9.29
CA GLU B 203 19.71 -21.24 8.26
C GLU B 203 20.44 -22.44 8.91
N GLY B 204 21.31 -22.17 9.89
CA GLY B 204 22.02 -23.25 10.59
C GLY B 204 21.10 -24.19 11.34
N LEU B 205 20.08 -23.62 11.98
CA LEU B 205 19.09 -24.39 12.74
C LEU B 205 18.25 -25.27 11.80
N VAL B 206 17.72 -24.66 10.74
CA VAL B 206 16.96 -25.39 9.72
C VAL B 206 17.80 -26.49 9.04
N LYS B 207 19.07 -26.20 8.76
CA LYS B 207 19.95 -27.20 8.15
C LYS B 207 20.06 -28.44 9.00
N ARG B 208 20.18 -28.25 10.31
CA ARG B 208 20.22 -29.40 11.22
C ARG B 208 18.88 -30.14 11.25
N LEU B 209 17.78 -29.39 11.29
CA LEU B 209 16.45 -30.00 11.22
C LEU B 209 16.24 -30.76 9.92
N ALA B 210 16.89 -30.32 8.84
CA ALA B 210 16.76 -30.97 7.54
C ALA B 210 17.58 -32.25 7.41
N GLY B 211 18.56 -32.43 8.32
CA GLY B 211 19.50 -33.55 8.24
C GLY B 211 20.46 -33.41 7.06
N TRP B 212 20.76 -32.16 6.69
CA TRP B 212 21.69 -31.87 5.59
C TRP B 212 23.12 -31.76 6.01
N GLY B 213 24.03 -31.97 5.05
CA GLY B 213 25.47 -31.83 5.28
C GLY B 213 25.93 -32.76 6.39
N ASP B 214 26.69 -32.22 7.32
CA ASP B 214 27.20 -33.02 8.43
C ASP B 214 26.13 -33.39 9.47
N TRP B 215 24.92 -32.85 9.31
CA TRP B 215 23.77 -33.20 10.17
C TRP B 215 23.04 -34.46 9.79
N ALA B 216 23.44 -35.09 8.68
CA ALA B 216 22.87 -36.38 8.31
C ALA B 216 23.42 -37.39 9.32
N GLY B 217 22.55 -38.21 9.88
CA GLY B 217 23.02 -39.15 10.89
C GLY B 217 22.97 -38.70 12.34
N ASP B 218 22.72 -37.41 12.56
N ASP B 218 22.71 -37.41 12.57
CA ASP B 218 22.57 -36.89 13.92
CA ASP B 218 22.57 -36.89 13.92
C ASP B 218 21.12 -37.05 14.39
C ASP B 218 21.12 -37.03 14.39
N PRO B 219 20.92 -37.64 15.58
CA PRO B 219 19.56 -37.98 16.04
C PRO B 219 18.72 -36.84 16.64
N VAL B 220 19.31 -35.66 16.85
CA VAL B 220 18.62 -34.60 17.59
C VAL B 220 17.30 -34.16 16.94
N ALA B 221 17.33 -33.91 15.62
CA ALA B 221 16.13 -33.52 14.87
C ALA B 221 15.02 -34.57 14.91
N ARG B 222 15.39 -35.83 14.69
N ARG B 222 15.39 -35.84 14.72
CA ARG B 222 14.42 -36.92 14.73
CA ARG B 222 14.41 -36.93 14.72
C ARG B 222 13.69 -36.98 16.08
C ARG B 222 13.72 -37.11 16.07
N LYS B 223 14.45 -36.91 17.17
CA LYS B 223 13.86 -36.92 18.51
C LYS B 223 12.97 -35.71 18.77
N LEU B 224 13.40 -34.53 18.32
CA LEU B 224 12.58 -33.33 18.43
C LEU B 224 11.22 -33.49 17.77
N TYR B 225 11.20 -34.08 16.57
CA TYR B 225 9.94 -34.27 15.82
C TYR B 225 8.89 -35.15 16.54
N ASP B 226 9.35 -36.04 17.41
CA ASP B 226 8.44 -36.82 18.26
C ASP B 226 7.61 -35.92 19.17
N ARG B 227 8.16 -34.77 19.56
CA ARG B 227 7.49 -33.95 20.56
C ARG B 227 7.19 -32.51 20.21
N VAL B 228 7.72 -32.03 19.08
CA VAL B 228 7.70 -30.61 18.75
C VAL B 228 7.36 -30.37 17.29
N THR B 229 6.57 -29.31 17.05
CA THR B 229 6.42 -28.76 15.72
CA THR B 229 6.39 -28.75 15.71
C THR B 229 7.05 -27.35 15.67
N PHE B 230 7.92 -27.12 14.69
CA PHE B 230 8.57 -25.82 14.58
C PHE B 230 7.80 -24.92 13.62
N HIS B 231 7.64 -23.66 14.05
CA HIS B 231 7.06 -22.60 13.23
C HIS B 231 8.06 -21.48 13.16
N ILE B 232 8.62 -21.27 11.96
CA ILE B 232 9.83 -20.44 11.80
C ILE B 232 9.64 -19.34 10.75
N VAL B 233 9.96 -18.10 11.10
CA VAL B 233 9.98 -17.00 10.11
C VAL B 233 11.42 -16.56 9.91
N PRO B 234 12.08 -17.02 8.83
CA PRO B 234 13.51 -16.68 8.66
C PRO B 234 13.79 -15.19 8.45
N ASN B 235 12.83 -14.46 7.87
CA ASN B 235 13.00 -13.01 7.66
C ASN B 235 11.71 -12.27 7.91
N MET B 236 11.62 -11.67 9.10
CA MET B 236 10.48 -10.85 9.50
C MET B 236 10.42 -9.50 8.76
N ASN B 237 11.51 -9.09 8.13
CA ASN B 237 11.56 -7.76 7.49
C ASN B 237 12.19 -7.77 6.08
N PRO B 238 11.52 -8.43 5.11
CA PRO B 238 12.05 -8.54 3.75
C PRO B 238 12.37 -7.19 3.08
N ASP B 239 11.49 -6.20 3.26
CA ASP B 239 11.65 -4.87 2.66
C ASP B 239 12.82 -4.10 3.26
N GLY B 240 12.89 -4.08 4.60
CA GLY B 240 13.96 -3.37 5.28
C GLY B 240 15.30 -3.97 4.89
N SER B 241 15.33 -5.28 4.69
CA SER B 241 16.56 -5.98 4.34
C SER B 241 17.11 -5.47 3.00
N VAL B 242 16.29 -5.55 1.95
CA VAL B 242 16.74 -5.17 0.62
C VAL B 242 17.09 -3.68 0.55
N HIS B 243 16.42 -2.86 1.36
CA HIS B 243 16.61 -1.40 1.41
C HIS B 243 17.91 -0.97 2.06
N GLY B 244 18.64 -1.91 2.68
CA GLY B 244 19.85 -1.53 3.38
C GLY B 244 19.58 -0.74 4.65
N ASN B 245 18.45 -1.06 5.31
CA ASN B 245 18.11 -0.52 6.62
C ASN B 245 18.75 -1.36 7.72
N LEU B 246 18.87 -0.78 8.92
CA LEU B 246 19.31 -1.53 10.09
C LEU B 246 18.10 -1.91 10.97
N ARG B 247 17.26 -0.92 11.27
CA ARG B 247 16.29 -1.08 12.37
C ARG B 247 14.81 -1.08 11.96
N THR B 248 14.49 -0.56 10.77
CA THR B 248 13.10 -0.28 10.41
C THR B 248 12.62 -0.96 9.10
N ASN B 249 11.31 -1.15 8.99
CA ASN B 249 10.74 -1.66 7.75
C ASN B 249 10.68 -0.52 6.71
N ALA B 250 10.10 -0.78 5.54
CA ALA B 250 10.08 0.22 4.48
C ALA B 250 9.22 1.43 4.85
N ALA B 251 8.29 1.24 5.79
CA ALA B 251 7.45 2.34 6.24
C ALA B 251 8.08 3.13 7.39
N GLY B 252 9.26 2.72 7.85
CA GLY B 252 9.91 3.42 8.97
C GLY B 252 9.54 2.91 10.35
N ALA B 253 8.77 1.83 10.41
CA ALA B 253 8.38 1.24 11.70
C ALA B 253 9.49 0.34 12.28
N ASN B 254 9.70 0.44 13.59
CA ASN B 254 10.49 -0.54 14.33
C ASN B 254 9.56 -1.70 14.64
N LEU B 255 9.73 -2.83 13.95
CA LEU B 255 8.80 -3.95 14.09
C LEU B 255 8.77 -4.49 15.53
N ASN B 256 9.90 -4.39 16.22
CA ASN B 256 9.90 -4.83 17.61
C ASN B 256 9.37 -3.82 18.64
N ARG B 257 8.56 -2.88 18.15
CA ARG B 257 7.74 -2.02 19.01
C ARG B 257 6.26 -2.10 18.65
N GLU B 258 5.91 -3.02 17.75
CA GLU B 258 4.57 -3.09 17.16
C GLU B 258 3.66 -4.20 17.68
N TRP B 259 4.12 -4.94 18.68
CA TRP B 259 3.42 -6.16 19.10
C TRP B 259 2.16 -5.97 19.88
N MET B 260 1.97 -4.79 20.48
CA MET B 260 0.72 -4.52 21.20
CA MET B 260 0.73 -4.48 21.21
C MET B 260 -0.37 -4.00 20.28
N ALA B 261 0.01 -3.30 19.21
CA ALA B 261 -0.96 -2.75 18.28
C ALA B 261 -0.42 -2.64 16.85
N PRO B 262 -0.20 -3.79 16.19
CA PRO B 262 0.32 -3.74 14.81
C PRO B 262 -0.71 -3.14 13.85
N ASP B 263 -0.26 -2.75 12.66
CA ASP B 263 -1.14 -2.02 11.75
C ASP B 263 -0.99 -2.51 10.32
N ALA B 264 -2.11 -2.70 9.63
CA ALA B 264 -2.14 -3.18 8.24
C ALA B 264 -1.24 -2.39 7.28
N GLU B 265 -1.12 -1.09 7.50
CA GLU B 265 -0.36 -0.23 6.60
C GLU B 265 1.05 0.11 7.09
N ARG B 266 1.23 0.20 8.40
CA ARG B 266 2.53 0.58 8.99
C ARG B 266 3.39 -0.65 9.30
N SER B 267 2.75 -1.69 9.81
CA SER B 267 3.49 -2.88 10.24
C SER B 267 2.77 -4.19 9.91
N PRO B 268 2.50 -4.42 8.61
CA PRO B 268 1.74 -5.61 8.20
C PRO B 268 2.54 -6.91 8.48
N GLU B 269 3.86 -6.78 8.56
CA GLU B 269 4.76 -7.89 8.88
C GLU B 269 4.39 -8.45 10.26
N VAL B 270 4.26 -7.56 11.24
CA VAL B 270 3.93 -7.99 12.60
C VAL B 270 2.46 -8.40 12.72
N LEU B 271 1.56 -7.66 12.07
CA LEU B 271 0.13 -8.05 12.06
C LEU B 271 -0.07 -9.48 11.60
N ALA B 272 0.57 -9.87 10.49
CA ALA B 272 0.42 -11.21 9.92
C ALA B 272 0.97 -12.31 10.83
N VAL B 273 2.15 -12.08 11.42
CA VAL B 273 2.80 -13.09 12.23
C VAL B 273 2.09 -13.24 13.58
N ARG B 274 1.74 -12.12 14.21
CA ARG B 274 1.04 -12.15 15.50
C ARG B 274 -0.32 -12.85 15.39
N ASP B 275 -1.05 -12.59 14.30
CA ASP B 275 -2.31 -13.27 14.03
C ASP B 275 -2.11 -14.79 13.92
N ALA B 276 -1.06 -15.19 13.20
CA ALA B 276 -0.72 -16.61 13.04
C ALA B 276 -0.38 -17.30 14.36
N ILE B 277 0.40 -16.62 15.20
CA ILE B 277 0.78 -17.19 16.49
C ILE B 277 -0.46 -17.46 17.35
N HIS B 278 -1.41 -16.54 17.35
CA HIS B 278 -2.67 -16.74 18.07
C HIS B 278 -3.51 -17.86 17.52
N ALA B 279 -3.57 -17.97 16.19
CA ALA B 279 -4.33 -19.03 15.54
C ALA B 279 -3.74 -20.42 15.80
N ILE B 280 -2.41 -20.53 15.79
CA ILE B 280 -1.70 -21.82 15.91
C ILE B 280 -1.43 -22.24 17.37
N GLY B 281 -1.14 -21.27 18.24
CA GLY B 281 -0.71 -21.56 19.59
C GLY B 281 0.81 -21.49 19.72
N CYS B 282 1.29 -21.43 20.96
CA CYS B 282 2.71 -21.20 21.22
C CYS B 282 3.12 -21.78 22.58
N ASP B 283 4.13 -22.64 22.58
CA ASP B 283 4.62 -23.26 23.81
C ASP B 283 6.03 -22.80 24.19
N MET B 284 6.79 -22.35 23.20
CA MET B 284 8.15 -21.84 23.36
C MET B 284 8.35 -20.79 22.28
N PHE B 285 8.94 -19.65 22.64
CA PHE B 285 9.13 -18.55 21.70
C PHE B 285 10.54 -17.93 21.74
N PHE B 286 11.15 -17.78 20.56
CA PHE B 286 12.46 -17.16 20.41
C PHE B 286 12.42 -16.07 19.35
N ASP B 287 12.97 -14.92 19.70
CA ASP B 287 13.07 -13.78 18.79
C ASP B 287 14.57 -13.53 18.60
N ILE B 288 15.06 -13.77 17.39
CA ILE B 288 16.51 -13.73 17.08
C ILE B 288 16.96 -12.36 16.56
N HIS B 289 17.90 -11.76 17.28
CA HIS B 289 18.44 -10.42 17.02
C HIS B 289 19.96 -10.37 16.98
N GLY B 290 20.48 -9.21 16.56
CA GLY B 290 21.89 -8.83 16.69
C GLY B 290 21.99 -7.58 17.54
N ASP B 291 23.08 -7.44 18.30
CA ASP B 291 23.30 -6.22 19.10
C ASP B 291 24.55 -5.49 18.63
N GLU B 292 24.41 -4.19 18.35
CA GLU B 292 25.52 -3.39 17.80
C GLU B 292 26.66 -3.22 18.82
N ASP B 293 26.32 -3.07 20.08
CA ASP B 293 27.27 -2.61 21.11
C ASP B 293 28.04 -3.70 21.83
N LEU B 294 27.32 -4.71 22.33
CA LEU B 294 27.94 -5.75 23.15
CA LEU B 294 27.91 -5.76 23.15
C LEU B 294 28.61 -6.83 22.31
N PRO B 295 29.89 -7.14 22.64
CA PRO B 295 30.59 -8.24 21.96
C PRO B 295 30.34 -9.58 22.65
N TYR B 296 29.06 -9.92 22.81
CA TYR B 296 28.68 -11.17 23.48
C TYR B 296 27.44 -11.81 22.87
N VAL B 297 27.29 -13.11 23.08
CA VAL B 297 26.06 -13.83 22.79
C VAL B 297 25.24 -13.95 24.10
N PHE B 298 23.98 -13.52 24.09
CA PHE B 298 23.18 -13.53 25.32
C PHE B 298 21.67 -13.57 25.02
N VAL B 299 20.86 -13.81 26.06
CA VAL B 299 19.41 -13.77 25.93
C VAL B 299 18.84 -12.74 26.91
N ALA B 300 17.63 -12.27 26.62
CA ALA B 300 16.87 -11.46 27.55
C ALA B 300 15.50 -12.12 27.72
N GLY B 301 15.12 -12.35 28.98
CA GLY B 301 13.90 -13.08 29.29
C GLY B 301 12.74 -12.21 29.75
N SER B 302 11.71 -12.86 30.28
CA SER B 302 10.47 -12.18 30.64
C SER B 302 10.33 -11.86 32.14
N GLU B 303 11.43 -12.02 32.89
CA GLU B 303 11.38 -11.94 34.36
C GLU B 303 10.87 -10.61 34.94
N MET B 304 10.90 -9.54 34.14
CA MET B 304 10.43 -8.22 34.58
CA MET B 304 10.43 -8.20 34.52
C MET B 304 8.89 -8.09 34.57
N LEU B 305 8.22 -9.01 33.88
CA LEU B 305 6.75 -8.95 33.79
C LEU B 305 6.08 -9.23 35.14
N PRO B 306 5.10 -8.38 35.54
CA PRO B 306 4.38 -8.61 36.80
C PRO B 306 3.71 -9.97 36.78
N SER B 307 3.30 -10.40 35.58
CA SER B 307 2.68 -11.70 35.38
C SER B 307 3.68 -12.88 35.45
N PHE B 308 4.97 -12.58 35.53
CA PHE B 308 6.03 -13.60 35.52
C PHE B 308 6.04 -14.38 36.83
N THR B 309 5.73 -15.67 36.74
CA THR B 309 5.57 -16.52 37.92
C THR B 309 6.88 -17.19 38.31
N GLU B 310 6.93 -17.68 39.56
CA GLU B 310 8.06 -18.45 40.07
C GLU B 310 8.40 -19.62 39.14
N GLN B 311 7.35 -20.32 38.67
CA GLN B 311 7.50 -21.42 37.73
C GLN B 311 8.15 -20.96 36.43
N GLN B 312 7.65 -19.86 35.87
CA GLN B 312 8.24 -19.28 34.67
C GLN B 312 9.73 -19.02 34.85
N GLY B 313 10.13 -18.59 36.04
CA GLY B 313 11.53 -18.35 36.38
C GLY B 313 12.40 -19.61 36.38
N LYS B 314 11.85 -20.68 36.92
CA LYS B 314 12.54 -21.98 36.96
C LYS B 314 12.72 -22.54 35.54
N GLU B 315 11.66 -22.48 34.74
CA GLU B 315 11.69 -22.97 33.38
C GLU B 315 12.73 -22.21 32.56
N GLN B 316 12.75 -20.88 32.69
CA GLN B 316 13.72 -20.04 31.97
C GLN B 316 15.17 -20.37 32.36
N THR B 317 15.43 -20.50 33.67
CA THR B 317 16.77 -20.82 34.16
C THR B 317 17.27 -22.17 33.62
N ALA B 318 16.41 -23.18 33.68
CA ALA B 318 16.73 -24.51 33.14
C ALA B 318 17.09 -24.47 31.66
N PHE B 319 16.38 -23.69 30.86
CA PHE B 319 16.71 -23.62 29.43
C PHE B 319 18.07 -22.95 29.22
N ILE B 320 18.28 -21.85 29.94
CA ILE B 320 19.53 -21.10 29.86
C ILE B 320 20.71 -22.01 30.25
N GLU B 321 20.56 -22.80 31.30
CA GLU B 321 21.58 -23.80 31.68
C GLU B 321 21.85 -24.83 30.58
N ALA B 322 20.82 -25.35 29.92
CA ALA B 322 20.99 -26.30 28.82
C ALA B 322 21.72 -25.63 27.64
N PHE B 323 21.40 -24.37 27.38
CA PHE B 323 22.00 -23.64 26.27
C PHE B 323 23.48 -23.38 26.54
N LYS B 324 23.85 -23.13 27.79
CA LYS B 324 25.26 -22.94 28.13
C LYS B 324 26.08 -24.20 27.79
N VAL B 325 25.50 -25.36 28.08
CA VAL B 325 26.14 -26.64 27.79
C VAL B 325 26.21 -26.86 26.27
N ALA B 326 25.11 -26.58 25.58
CA ALA B 326 25.03 -26.78 24.13
C ALA B 326 26.00 -25.91 23.30
N SER B 327 26.22 -24.66 23.73
CA SER B 327 27.13 -23.77 23.03
C SER B 327 28.09 -22.98 23.94
N PRO B 328 29.41 -23.21 23.77
CA PRO B 328 30.44 -22.41 24.44
C PRO B 328 30.37 -20.90 24.14
N ASP B 329 29.75 -20.50 23.02
CA ASP B 329 29.59 -19.06 22.70
C ASP B 329 28.57 -18.34 23.57
N PHE B 330 27.51 -19.04 23.98
CA PHE B 330 26.45 -18.46 24.82
C PHE B 330 26.91 -18.23 26.27
N GLN B 331 26.54 -17.08 26.85
CA GLN B 331 26.94 -16.74 28.22
C GLN B 331 25.87 -15.90 28.92
N THR B 332 26.06 -15.64 30.21
CA THR B 332 25.05 -14.89 30.98
C THR B 332 25.59 -13.71 31.80
N GLU B 333 26.91 -13.53 31.84
CA GLU B 333 27.48 -12.43 32.64
C GLU B 333 27.30 -11.04 32.02
N HIS B 334 27.17 -10.99 30.69
CA HIS B 334 26.88 -9.74 29.98
C HIS B 334 25.57 -9.80 29.25
N GLY B 335 24.83 -8.69 29.25
CA GLY B 335 23.53 -8.63 28.54
C GLY B 335 22.74 -7.36 28.82
N TYR B 336 21.40 -7.47 28.79
CA TYR B 336 20.51 -6.37 29.16
C TYR B 336 20.06 -6.47 30.62
N ALA B 337 19.93 -5.31 31.27
CA ALA B 337 19.34 -5.21 32.59
C ALA B 337 17.82 -5.37 32.51
N ALA B 338 17.22 -5.82 33.61
CA ALA B 338 15.75 -5.93 33.71
C ALA B 338 15.03 -4.58 33.55
N SER B 339 15.75 -3.49 33.86
CA SER B 339 15.23 -2.12 33.70
C SER B 339 14.63 -1.87 32.32
N TYR B 341 10.29 -2.71 35.34
CA TYR B 341 9.15 -2.91 34.45
C TYR B 341 8.43 -1.61 34.12
N LYS B 342 7.88 -1.55 32.91
CA LYS B 342 7.00 -0.47 32.47
C LYS B 342 6.03 -1.08 31.42
N GLU B 343 4.84 -0.52 31.17
CA GLU B 343 3.90 -1.13 30.20
C GLU B 343 4.43 -1.17 28.76
N ASP B 344 5.21 -0.19 28.35
CA ASP B 344 5.69 -0.23 26.96
C ASP B 344 6.64 -1.41 26.68
N ALA B 345 7.09 -2.10 27.73
CA ALA B 345 7.85 -3.36 27.58
C ALA B 345 7.08 -4.42 26.77
N LEU B 346 5.75 -4.37 26.82
CA LEU B 346 4.91 -5.33 26.07
C LEU B 346 4.90 -5.11 24.56
N LYS B 347 5.43 -3.98 24.11
CA LYS B 347 5.60 -3.72 22.66
C LYS B 347 6.62 -4.62 21.97
N LEU B 348 7.54 -5.21 22.75
CA LEU B 348 8.57 -6.12 22.22
C LEU B 348 8.04 -7.54 22.15
N ALA B 349 8.37 -8.26 21.07
CA ALA B 349 7.82 -9.61 20.82
C ALA B 349 7.90 -10.59 22.00
N SER B 350 9.10 -10.80 22.55
CA SER B 350 9.23 -11.82 23.59
C SER B 350 8.49 -11.47 24.87
N LYS B 351 8.36 -10.18 25.16
CA LYS B 351 7.57 -9.74 26.31
C LYS B 351 6.06 -9.86 26.02
N TYR B 352 5.64 -9.50 24.80
CA TYR B 352 4.24 -9.70 24.39
C TYR B 352 3.84 -11.18 24.53
N ILE B 353 4.64 -12.06 23.92
CA ILE B 353 4.37 -13.51 23.90
C ILE B 353 4.42 -14.11 25.32
N GLY B 354 5.41 -13.71 26.10
CA GLY B 354 5.53 -14.14 27.50
C GLY B 354 4.30 -13.77 28.32
N HIS B 355 3.76 -12.58 28.07
CA HIS B 355 2.58 -12.13 28.81
C HIS B 355 1.34 -12.84 28.35
N GLN B 356 1.24 -13.04 27.04
CA GLN B 356 0.04 -13.62 26.42
C GLN B 356 -0.09 -15.11 26.64
N PHE B 357 1.02 -15.81 26.55
CA PHE B 357 1.00 -17.27 26.57
C PHE B 357 1.54 -17.86 27.87
N GLY B 358 2.33 -17.08 28.60
CA GLY B 358 2.92 -17.55 29.87
C GLY B 358 3.96 -18.64 29.67
N CYS B 359 4.52 -18.71 28.45
CA CYS B 359 5.47 -19.76 28.09
C CYS B 359 6.91 -19.26 28.13
N LEU B 360 7.87 -20.17 27.99
CA LEU B 360 9.26 -19.78 27.78
C LEU B 360 9.32 -18.84 26.57
N SER B 361 9.91 -17.66 26.77
CA SER B 361 9.91 -16.64 25.73
C SER B 361 11.15 -15.75 25.85
N LEU B 362 12.02 -15.80 24.84
CA LEU B 362 13.34 -15.19 24.93
C LEU B 362 13.68 -14.38 23.67
N THR B 363 14.36 -13.26 23.89
CA THR B 363 15.09 -12.57 22.84
C THR B 363 16.54 -13.08 22.90
N LEU B 364 17.09 -13.46 21.76
CA LEU B 364 18.49 -13.88 21.68
C LEU B 364 19.26 -12.84 20.87
N GLU B 365 20.45 -12.49 21.36
CA GLU B 365 21.29 -11.49 20.72
C GLU B 365 22.66 -12.06 20.35
N MET B 366 23.10 -11.76 19.13
CA MET B 366 24.44 -12.09 18.66
C MET B 366 25.17 -10.79 18.30
N PRO B 367 26.50 -10.76 18.43
CA PRO B 367 27.24 -9.52 18.23
C PRO B 367 27.58 -9.21 16.76
N PHE B 368 27.51 -7.92 16.41
CA PHE B 368 28.07 -7.40 15.15
C PHE B 368 29.60 -7.40 15.14
N LYS B 369 30.20 -7.27 16.32
CA LYS B 369 31.65 -7.18 16.46
C LYS B 369 32.28 -8.59 16.46
N ASP B 370 32.28 -9.25 17.61
CA ASP B 370 32.87 -10.56 17.83
C ASP B 370 32.40 -11.06 19.21
N ASN B 371 32.61 -12.34 19.52
CA ASN B 371 32.42 -12.81 20.89
C ASN B 371 33.74 -12.56 21.63
N ALA B 372 33.77 -11.53 22.49
CA ALA B 372 34.99 -11.16 23.21
C ALA B 372 35.58 -12.31 24.04
N ASN B 373 34.75 -13.28 24.44
CA ASN B 373 35.26 -14.45 25.16
C ASN B 373 36.04 -15.42 24.27
N LEU B 374 35.71 -15.44 22.98
CA LEU B 374 36.32 -16.38 22.04
C LEU B 374 36.51 -15.68 20.70
N PRO B 375 37.43 -14.68 20.64
CA PRO B 375 37.50 -13.86 19.43
C PRO B 375 38.10 -14.58 18.24
N ASP B 376 37.74 -14.14 17.04
CA ASP B 376 38.40 -14.61 15.84
C ASP B 376 38.74 -13.37 15.04
N GLU B 377 40.04 -13.06 15.00
CA GLU B 377 40.53 -11.87 14.28
C GLU B 377 40.18 -11.87 12.80
N ARG B 378 40.16 -13.06 12.20
CA ARG B 378 39.97 -13.14 10.76
C ARG B 378 38.56 -12.76 10.31
N VAL B 379 37.55 -13.21 11.07
CA VAL B 379 36.14 -13.04 10.65
C VAL B 379 35.26 -12.31 11.67
N GLY B 380 35.70 -12.21 12.92
CA GLY B 380 34.85 -11.70 14.00
C GLY B 380 33.65 -12.63 14.16
N TRP B 381 32.50 -12.09 14.54
CA TRP B 381 31.26 -12.87 14.45
C TRP B 381 30.84 -12.86 13.01
N ASN B 382 30.33 -13.98 12.50
CA ASN B 382 29.93 -14.05 11.08
C ASN B 382 28.77 -15.02 10.81
N GLY B 383 28.51 -15.28 9.52
CA GLY B 383 27.44 -16.16 9.12
C GLY B 383 27.63 -17.57 9.65
N GLU B 384 28.82 -18.14 9.47
CA GLU B 384 29.11 -19.51 9.92
CA GLU B 384 29.06 -19.52 9.91
C GLU B 384 28.93 -19.70 11.44
N ARG B 385 29.35 -18.71 12.20
CA ARG B 385 29.30 -18.80 13.66
C ARG B 385 27.86 -18.66 14.15
N SER B 386 27.11 -17.77 13.50
CA SER B 386 25.68 -17.61 13.78
C SER B 386 24.93 -18.91 13.47
N ALA B 387 25.28 -19.51 12.33
CA ALA B 387 24.63 -20.75 11.89
C ALA B 387 24.88 -21.88 12.88
N ALA B 388 26.15 -22.01 13.29
CA ALA B 388 26.53 -23.01 14.30
C ALA B 388 25.80 -22.81 15.61
N LEU B 389 25.58 -21.55 16.00
CA LEU B 389 24.83 -21.25 17.23
C LEU B 389 23.38 -21.73 17.11
N GLY B 390 22.79 -21.50 15.93
CA GLY B 390 21.43 -21.96 15.63
C GLY B 390 21.32 -23.47 15.77
N ALA B 391 22.28 -24.17 15.16
CA ALA B 391 22.29 -25.63 15.22
C ALA B 391 22.45 -26.10 16.66
N ALA B 392 23.31 -25.42 17.42
CA ALA B 392 23.56 -25.78 18.82
C ALA B 392 22.32 -25.57 19.70
N MET B 393 21.59 -24.48 19.46
CA MET B 393 20.38 -24.22 20.25
C MET B 393 19.33 -25.34 20.12
N LEU B 394 19.33 -26.04 18.97
CA LEU B 394 18.42 -27.18 18.81
C LEU B 394 18.63 -28.28 19.84
N ALA B 395 19.90 -28.53 20.18
CA ALA B 395 20.24 -29.51 21.20
C ALA B 395 19.68 -29.09 22.57
N ALA B 396 19.74 -27.78 22.85
CA ALA B 396 19.22 -27.25 24.10
C ALA B 396 17.69 -27.34 24.15
N ILE B 397 17.03 -27.11 23.02
CA ILE B 397 15.58 -27.28 22.93
C ILE B 397 15.18 -28.73 23.23
N LEU B 398 15.92 -29.70 22.67
CA LEU B 398 15.61 -31.11 22.93
C LEU B 398 15.76 -31.47 24.43
N VAL B 399 16.86 -31.02 25.04
CA VAL B 399 17.09 -31.23 26.47
C VAL B 399 15.89 -30.64 27.23
N HIS B 400 15.53 -29.40 26.90
CA HIS B 400 14.42 -28.72 27.58
C HIS B 400 13.12 -29.45 27.46
N VAL B 401 12.75 -29.79 26.23
CA VAL B 401 11.52 -30.51 25.89
C VAL B 401 11.42 -31.85 26.65
N ASP B 402 12.54 -32.55 26.77
CA ASP B 402 12.57 -33.87 27.40
C ASP B 402 12.46 -33.80 28.91
N THR B 403 13.07 -32.77 29.50
CA THR B 403 12.95 -32.49 30.93
C THR B 403 11.55 -32.02 31.31
N PHE B 404 10.94 -31.21 30.45
CA PHE B 404 9.65 -30.57 30.74
C PHE B 404 8.43 -31.29 30.15
N ALA B 405 8.66 -32.46 29.54
CA ALA B 405 7.60 -33.29 28.96
C ALA B 405 6.63 -33.84 30.03
N THR C 23 1.51 19.55 20.32
CA THR C 23 1.93 18.37 19.51
C THR C 23 1.09 18.27 18.23
N LEU C 24 1.76 18.06 17.11
CA LEU C 24 1.10 17.86 15.83
C LEU C 24 0.52 16.45 15.76
N SER C 25 -0.60 16.33 15.07
CA SER C 25 -1.14 15.03 14.71
C SER C 25 -1.71 15.06 13.31
N ILE C 26 -1.30 14.10 12.49
CA ILE C 26 -1.85 13.93 11.15
C ILE C 26 -2.67 12.64 11.14
N THR C 27 -3.93 12.77 10.73
CA THR C 27 -4.87 11.65 10.67
C THR C 27 -5.57 11.66 9.30
N SER C 28 -6.12 10.50 8.90
CA SER C 28 -6.65 10.35 7.55
C SER C 28 -7.73 9.27 7.44
N ASN C 29 -8.26 8.82 8.58
CA ASN C 29 -9.31 7.81 8.56
C ASN C 29 -10.69 8.48 8.47
N PHE C 30 -11.08 8.79 7.25
CA PHE C 30 -12.38 9.41 6.95
C PHE C 30 -12.62 9.27 5.44
N ASP C 31 -13.83 9.64 4.99
CA ASP C 31 -14.23 9.49 3.59
C ASP C 31 -13.21 10.19 2.67
N ALA C 32 -12.55 9.39 1.82
CA ALA C 32 -11.52 9.85 0.88
C ALA C 32 -10.17 10.25 1.48
N GLY C 33 -9.95 9.94 2.76
CA GLY C 33 -8.67 10.25 3.39
C GLY C 33 -7.57 9.35 2.83
N ALA C 34 -6.36 9.90 2.69
CA ALA C 34 -5.20 9.16 2.14
C ALA C 34 -3.89 9.95 2.35
N ILE C 35 -2.99 9.38 3.13
CA ILE C 35 -1.66 9.94 3.33
C ILE C 35 -0.80 8.91 4.06
N ASP C 36 0.50 8.97 3.85
CA ASP C 36 1.47 8.21 4.63
C ASP C 36 2.39 9.21 5.32
N VAL C 37 2.55 9.05 6.63
CA VAL C 37 3.37 9.96 7.42
C VAL C 37 4.77 9.37 7.59
N VAL C 38 5.79 10.11 7.16
CA VAL C 38 7.17 9.71 7.40
C VAL C 38 7.62 10.24 8.78
N SER C 39 7.45 11.54 8.97
N SER C 39 7.50 11.54 8.98
CA SER C 39 7.83 12.20 10.22
CA SER C 39 7.84 12.16 10.27
C SER C 39 6.89 13.37 10.45
C SER C 39 7.04 13.44 10.48
N CYS C 40 6.60 13.64 11.72
CA CYS C 40 5.70 14.73 12.09
C CYS C 40 6.11 15.33 13.45
N ASP C 41 7.42 15.47 13.67
CA ASP C 41 7.98 15.85 14.98
C ASP C 41 8.05 17.35 15.20
N SER C 42 8.17 18.11 14.12
CA SER C 42 8.36 19.56 14.16
C SER C 42 7.61 20.13 12.95
N PRO C 43 6.84 21.24 13.15
CA PRO C 43 6.02 21.76 12.04
C PRO C 43 6.81 22.13 10.77
N ASP C 44 8.06 22.54 10.93
CA ASP C 44 8.89 22.91 9.78
C ASP C 44 9.58 21.73 9.07
N ALA C 45 9.27 20.51 9.50
CA ALA C 45 9.91 19.31 8.99
C ALA C 45 8.93 18.13 8.86
N ILE C 46 7.70 18.43 8.46
CA ILE C 46 6.70 17.39 8.23
C ILE C 46 7.00 16.68 6.92
N ARG C 47 7.22 15.38 7.00
CA ARG C 47 7.56 14.57 5.84
C ARG C 47 6.46 13.56 5.59
N LEU C 48 5.94 13.58 4.36
CA LEU C 48 4.79 12.77 3.96
C LEU C 48 5.08 12.03 2.66
N ARG C 49 4.22 11.06 2.34
CA ARG C 49 4.18 10.44 1.02
C ARG C 49 2.74 10.29 0.58
N VAL C 50 2.50 10.46 -0.73
CA VAL C 50 1.21 10.09 -1.32
C VAL C 50 1.04 8.58 -1.13
N ARG C 51 -0.11 8.17 -0.57
CA ARG C 51 -0.34 6.78 -0.19
C ARG C 51 -0.51 5.86 -1.41
N GLY C 52 -1.36 6.27 -2.35
CA GLY C 52 -1.63 5.42 -3.52
C GLY C 52 -2.97 4.69 -3.43
N ASP C 53 -3.44 4.20 -4.57
CA ASP C 53 -4.71 3.47 -4.64
C ASP C 53 -4.63 2.17 -3.84
N ASN C 54 -5.76 1.76 -3.25
CA ASN C 54 -5.77 0.62 -2.33
C ASN C 54 -5.28 -0.69 -2.94
N ARG C 55 -5.55 -0.88 -4.23
CA ARG C 55 -5.19 -2.13 -4.89
C ARG C 55 -4.58 -1.93 -6.29
N SER C 56 -3.87 -0.82 -6.46
CA SER C 56 -3.25 -0.46 -7.72
C SER C 56 -1.98 0.34 -7.43
N GLU C 57 -1.07 0.38 -8.39
CA GLU C 57 0.19 1.10 -8.24
C GLU C 57 0.00 2.61 -8.40
N PHE C 58 -1.07 3.00 -9.10
CA PHE C 58 -1.41 4.41 -9.27
C PHE C 58 -1.40 5.16 -7.94
N ALA C 59 -0.66 6.28 -7.90
CA ALA C 59 -0.62 7.15 -6.73
C ALA C 59 -0.63 8.61 -7.15
N GLN C 60 -1.58 9.39 -6.59
CA GLN C 60 -1.66 10.85 -6.78
C GLN C 60 -2.58 11.55 -5.76
N TRP C 61 -3.72 10.93 -5.42
CA TRP C 61 -4.69 11.53 -4.49
C TRP C 61 -4.14 11.61 -3.08
N PHE C 62 -4.40 12.73 -2.38
CA PHE C 62 -4.07 12.85 -0.95
C PHE C 62 -5.15 13.71 -0.29
N TYR C 63 -5.36 13.50 1.01
CA TYR C 63 -6.38 14.18 1.79
C TYR C 63 -6.13 13.77 3.23
N TYR C 64 -5.75 14.73 4.06
CA TYR C 64 -5.48 14.45 5.46
C TYR C 64 -5.85 15.62 6.36
N ARG C 65 -5.93 15.31 7.66
CA ARG C 65 -6.19 16.28 8.70
C ARG C 65 -4.90 16.55 9.46
N LEU C 66 -4.65 17.82 9.72
CA LEU C 66 -3.56 18.24 10.59
C LEU C 66 -4.11 19.02 11.78
N THR C 67 -3.83 18.56 13.00
CA THR C 67 -4.24 19.28 14.21
C THR C 67 -3.03 19.69 15.04
N GLY C 68 -3.26 20.65 15.93
CA GLY C 68 -2.20 21.15 16.82
C GLY C 68 -1.30 22.22 16.23
N ALA C 69 -1.60 22.72 15.02
CA ALA C 69 -0.69 23.65 14.34
C ALA C 69 -1.15 25.11 14.20
N ARG C 70 -2.15 25.50 15.00
CA ARG C 70 -2.65 26.88 14.99
C ARG C 70 -1.48 27.86 15.17
N GLY C 71 -1.27 28.72 14.18
CA GLY C 71 -0.24 29.75 14.27
C GLY C 71 1.18 29.23 14.02
N GLU C 72 1.31 27.94 13.72
CA GLU C 72 2.63 27.36 13.41
C GLU C 72 2.83 27.30 11.89
N ARG C 73 4.04 27.62 11.44
CA ARG C 73 4.37 27.45 10.03
C ARG C 73 4.59 25.97 9.75
N CYS C 74 3.76 25.40 8.88
CA CYS C 74 3.85 23.98 8.55
C CYS C 74 4.49 23.77 7.18
N VAL C 75 5.59 23.03 7.15
CA VAL C 75 6.31 22.78 5.93
C VAL C 75 6.18 21.29 5.65
N MET C 76 5.31 20.95 4.70
CA MET C 76 4.91 19.56 4.49
C MET C 76 5.41 19.07 3.14
N THR C 77 6.41 18.18 3.18
CA THR C 77 7.09 17.72 1.97
C THR C 77 6.64 16.31 1.60
N PHE C 78 6.20 16.17 0.36
CA PHE C 78 5.76 14.89 -0.19
C PHE C 78 6.96 14.27 -0.90
N GLU C 79 7.63 13.35 -0.20
CA GLU C 79 8.92 12.84 -0.66
C GLU C 79 8.85 12.01 -1.95
N ASN C 80 7.67 11.47 -2.26
CA ASN C 80 7.53 10.62 -3.45
C ASN C 80 6.74 11.29 -4.57
N ALA C 81 6.69 12.62 -4.55
CA ALA C 81 5.99 13.38 -5.59
C ALA C 81 6.41 12.94 -7.01
N ALA C 82 7.71 12.79 -7.24
CA ALA C 82 8.19 12.45 -8.59
C ALA C 82 7.84 11.02 -9.02
N GLU C 83 7.47 10.18 -8.06
CA GLU C 83 7.11 8.78 -8.33
C GLU C 83 5.61 8.60 -8.49
N CYS C 84 4.87 9.70 -8.45
CA CYS C 84 3.42 9.63 -8.61
C CYS C 84 3.01 9.37 -10.06
N ALA C 85 1.73 9.07 -10.29
CA ALA C 85 1.24 8.72 -11.62
C ALA C 85 1.48 9.85 -12.64
N TYR C 86 1.24 11.09 -12.23
CA TYR C 86 1.44 12.25 -13.11
C TYR C 86 2.33 13.32 -12.48
N PRO C 87 3.66 13.13 -12.55
CA PRO C 87 4.55 14.09 -11.90
C PRO C 87 4.35 15.54 -12.38
N SER C 88 4.00 15.74 -13.66
CA SER C 88 3.76 17.09 -14.19
C SER C 88 2.51 17.74 -13.59
N GLY C 89 1.65 16.92 -13.00
CA GLY C 89 0.52 17.41 -12.22
C GLY C 89 0.90 18.28 -11.04
N TRP C 90 2.15 18.20 -10.60
CA TRP C 90 2.64 19.04 -9.50
C TRP C 90 3.26 20.33 -9.96
N ARG C 91 3.51 20.46 -11.26
CA ARG C 91 4.09 21.68 -11.82
CA ARG C 91 4.09 21.68 -11.83
C ARG C 91 3.00 22.75 -11.95
N ASN C 92 3.24 23.95 -11.39
CA ASN C 92 2.26 25.04 -11.42
C ASN C 92 0.98 24.61 -10.71
N TYR C 93 1.13 23.83 -9.66
CA TYR C 93 0.00 23.33 -8.89
C TYR C 93 0.06 23.88 -7.46
N SER C 94 -1.09 24.28 -6.92
CA SER C 94 -1.23 24.58 -5.48
C SER C 94 -2.23 23.65 -4.80
N ALA C 95 -1.87 23.14 -3.62
CA ALA C 95 -2.78 22.27 -2.85
C ALA C 95 -3.99 23.06 -2.36
N VAL C 96 -5.06 22.36 -2.00
CA VAL C 96 -6.22 22.99 -1.37
C VAL C 96 -6.32 22.63 0.10
N ALA C 97 -6.98 23.50 0.85
CA ALA C 97 -7.07 23.36 2.30
C ALA C 97 -8.43 23.86 2.79
N SER C 98 -8.84 23.39 3.98
CA SER C 98 -10.15 23.79 4.54
C SER C 98 -10.15 23.57 6.05
N TYR C 99 -10.76 24.51 6.77
CA TYR C 99 -10.96 24.37 8.23
C TYR C 99 -12.15 23.48 8.62
N ASP C 100 -13.09 23.27 7.68
CA ASP C 100 -14.39 22.65 8.00
C ASP C 100 -14.97 21.64 6.99
N ARG C 101 -14.22 21.37 5.92
CA ARG C 101 -14.65 20.56 4.77
C ARG C 101 -15.66 21.28 3.86
N VAL C 102 -16.06 22.49 4.23
CA VAL C 102 -17.09 23.24 3.51
C VAL C 102 -16.49 24.27 2.54
N ASP C 103 -15.67 25.19 3.06
CA ASP C 103 -15.00 26.18 2.21
C ASP C 103 -13.54 25.81 2.00
N TRP C 104 -13.13 25.74 0.73
CA TRP C 104 -11.79 25.33 0.34
C TRP C 104 -11.06 26.46 -0.35
N PHE C 105 -9.74 26.51 -0.18
CA PHE C 105 -8.90 27.59 -0.74
C PHE C 105 -7.52 27.04 -1.05
N ARG C 106 -6.81 27.66 -2.00
CA ARG C 106 -5.47 27.16 -2.40
C ARG C 106 -4.41 27.66 -1.42
N VAL C 107 -3.37 26.85 -1.22
CA VAL C 107 -2.26 27.21 -0.33
C VAL C 107 -0.89 27.17 -1.06
N PRO C 108 0.11 27.94 -0.55
CA PRO C 108 1.44 28.00 -1.18
C PRO C 108 2.11 26.64 -1.28
N THR C 109 2.51 26.29 -2.49
CA THR C 109 2.99 24.96 -2.87
C THR C 109 4.07 25.12 -3.93
N THR C 110 5.16 24.36 -3.79
CA THR C 110 6.24 24.39 -4.78
C THR C 110 6.65 22.94 -5.09
N PHE C 111 7.31 22.78 -6.24
CA PHE C 111 7.72 21.47 -6.74
C PHE C 111 8.98 21.69 -7.56
N ASP C 112 10.01 20.90 -7.26
CA ASP C 112 11.31 21.05 -7.93
C ASP C 112 11.66 19.86 -8.85
N GLY C 113 10.69 19.02 -9.18
CA GLY C 113 10.97 17.84 -10.01
C GLY C 113 11.22 16.55 -9.23
N LYS C 114 11.55 16.67 -7.95
CA LYS C 114 11.75 15.53 -7.06
C LYS C 114 10.68 15.48 -5.98
N THR C 115 10.56 16.56 -5.19
CA THR C 115 9.57 16.60 -4.11
C THR C 115 8.64 17.80 -4.27
N MET C 116 7.45 17.71 -3.66
N MET C 116 7.46 17.70 -3.67
CA MET C 116 6.51 18.81 -3.60
CA MET C 116 6.51 18.80 -3.60
C MET C 116 6.26 19.24 -2.16
C MET C 116 6.44 19.25 -2.14
N THR C 117 6.27 20.55 -1.91
CA THR C 117 6.16 21.06 -0.54
C THR C 117 5.01 22.05 -0.39
N ILE C 118 4.15 21.79 0.59
CA ILE C 118 3.15 22.78 0.99
C ILE C 118 3.77 23.57 2.15
N ASP C 119 3.69 24.90 2.05
CA ASP C 119 4.20 25.79 3.09
C ASP C 119 3.03 26.68 3.54
N HIS C 120 2.49 26.43 4.73
CA HIS C 120 1.27 27.10 5.13
C HIS C 120 1.18 27.21 6.63
N THR C 121 0.58 28.29 7.12
CA THR C 121 0.41 28.52 8.55
C THR C 121 -1.07 28.48 8.90
N PRO C 122 -1.54 27.36 9.49
CA PRO C 122 -2.98 27.27 9.81
C PRO C 122 -3.45 28.35 10.78
N GLU C 123 -4.58 28.97 10.46
CA GLU C 123 -5.17 30.00 11.30
C GLU C 123 -5.86 29.39 12.54
N PHE C 124 -6.24 28.12 12.45
CA PHE C 124 -6.99 27.46 13.53
C PHE C 124 -6.36 26.12 13.90
N ASP C 125 -6.96 25.50 14.92
CA ASP C 125 -6.46 24.26 15.52
C ASP C 125 -6.53 23.01 14.63
N SER C 126 -7.48 22.98 13.71
CA SER C 126 -7.67 21.79 12.87
C SER C 126 -7.88 22.20 11.42
N ILE C 127 -7.13 21.58 10.52
CA ILE C 127 -7.20 21.93 9.08
C ILE C 127 -7.06 20.68 8.21
N TYR C 128 -7.63 20.71 7.01
CA TYR C 128 -7.48 19.60 6.07
C TYR C 128 -6.71 20.10 4.86
N TYR C 129 -5.87 19.23 4.31
CA TYR C 129 -5.23 19.48 3.01
C TYR C 129 -5.61 18.36 2.07
N ALA C 130 -5.87 18.70 0.81
CA ALA C 130 -6.29 17.73 -0.20
C ALA C 130 -5.82 18.14 -1.60
N TYR C 131 -5.88 17.18 -2.53
CA TYR C 131 -5.43 17.40 -3.90
C TYR C 131 -6.43 18.25 -4.68
N PHE C 132 -7.71 18.03 -4.39
CA PHE C 132 -8.81 18.82 -4.98
C PHE C 132 -9.95 18.88 -3.97
N GLU C 133 -10.87 19.83 -4.15
CA GLU C 133 -12.09 19.93 -3.33
C GLU C 133 -12.86 18.59 -3.41
N PRO C 134 -12.90 17.85 -2.29
CA PRO C 134 -13.55 16.54 -2.25
C PRO C 134 -15.06 16.65 -2.47
N TYR C 135 -15.68 15.52 -2.80
CA TYR C 135 -17.13 15.39 -2.86
C TYR C 135 -17.48 14.09 -2.15
N SER C 136 -18.05 14.20 -0.95
CA SER C 136 -18.22 13.06 -0.07
C SER C 136 -19.44 12.16 -0.36
N GLU C 137 -19.40 10.93 0.14
CA GLU C 137 -20.53 10.02 0.10
CA GLU C 137 -20.54 10.02 0.10
C GLU C 137 -21.76 10.66 0.74
N GLU C 138 -21.57 11.31 1.90
CA GLU C 138 -22.68 11.97 2.62
CA GLU C 138 -22.68 11.95 2.61
C GLU C 138 -23.34 13.06 1.77
N ARG C 139 -22.51 13.87 1.08
CA ARG C 139 -23.05 14.92 0.21
C ARG C 139 -23.90 14.31 -0.92
N HIS C 140 -23.36 13.23 -1.52
CA HIS C 140 -24.04 12.49 -2.58
C HIS C 140 -25.38 11.96 -2.12
N ALA C 141 -25.42 11.41 -0.91
CA ALA C 141 -26.65 10.79 -0.41
C ALA C 141 -27.69 11.85 -0.11
N ALA C 142 -27.26 12.98 0.43
CA ALA C 142 -28.17 14.07 0.72
C ALA C 142 -28.69 14.71 -0.58
N PHE C 143 -27.85 14.79 -1.60
CA PHE C 143 -28.26 15.44 -2.88
C PHE C 143 -29.28 14.60 -3.66
N LEU C 144 -28.96 13.34 -3.90
CA LEU C 144 -29.92 12.43 -4.55
C LEU C 144 -31.17 12.24 -3.71
N GLY C 145 -31.01 12.28 -2.38
CA GLY C 145 -32.14 12.11 -1.47
C GLY C 145 -33.17 13.22 -1.63
N ALA C 146 -32.71 14.41 -1.99
CA ALA C 146 -33.58 15.56 -2.25
C ALA C 146 -34.08 15.54 -3.69
N VAL C 147 -33.18 15.33 -4.64
CA VAL C 147 -33.51 15.37 -6.08
C VAL C 147 -34.60 14.35 -6.42
N GLN C 148 -34.54 13.16 -5.79
CA GLN C 148 -35.50 12.09 -6.03
C GLN C 148 -36.95 12.55 -5.82
N GLN C 149 -37.14 13.64 -5.09
CA GLN C 149 -38.46 14.11 -4.68
C GLN C 149 -39.12 15.02 -5.72
N LEU C 150 -38.34 15.41 -6.73
CA LEU C 150 -38.86 16.18 -7.86
C LEU C 150 -39.82 15.31 -8.68
N PRO C 151 -40.94 15.89 -9.13
CA PRO C 151 -41.93 15.17 -9.94
C PRO C 151 -41.33 14.52 -11.20
N GLN C 152 -40.29 15.12 -11.76
CA GLN C 152 -39.69 14.59 -13.00
C GLN C 152 -38.53 13.61 -12.76
N ALA C 153 -38.26 13.28 -11.49
CA ALA C 153 -37.11 12.45 -11.14
C ALA C 153 -37.44 11.01 -10.77
N SER C 154 -36.53 10.10 -11.09
CA SER C 154 -36.51 8.78 -10.48
C SER C 154 -35.07 8.38 -10.23
N VAL C 155 -34.86 7.56 -9.21
CA VAL C 155 -33.55 7.01 -8.90
C VAL C 155 -33.70 5.49 -8.90
N VAL C 156 -32.80 4.83 -9.64
CA VAL C 156 -32.85 3.38 -9.82
C VAL C 156 -31.49 2.82 -9.47
N GLU C 157 -31.48 1.84 -8.59
CA GLU C 157 -30.24 1.16 -8.25
C GLU C 157 -29.97 0.08 -9.29
N LEU C 158 -28.93 0.26 -10.10
CA LEU C 158 -28.64 -0.66 -11.21
C LEU C 158 -27.88 -1.89 -10.75
N GLY C 159 -27.28 -1.81 -9.57
CA GLY C 159 -26.47 -2.91 -9.06
C GLY C 159 -25.63 -2.43 -7.91
N ARG C 160 -24.66 -3.26 -7.52
CA ARG C 160 -23.74 -2.92 -6.43
C ARG C 160 -22.29 -2.82 -6.90
N THR C 161 -21.52 -1.95 -6.24
CA THR C 161 -20.08 -1.89 -6.43
C THR C 161 -19.47 -3.14 -5.78
N VAL C 162 -18.16 -3.29 -5.90
CA VAL C 162 -17.44 -4.42 -5.27
C VAL C 162 -17.73 -4.52 -3.77
N GLU C 163 -17.79 -3.37 -3.09
CA GLU C 163 -17.97 -3.33 -1.63
C GLU C 163 -19.42 -3.11 -1.19
N GLY C 164 -20.34 -3.26 -2.13
CA GLY C 164 -21.78 -3.29 -1.83
C GLY C 164 -22.46 -1.94 -1.69
N ARG C 165 -21.92 -0.93 -2.35
CA ARG C 165 -22.59 0.37 -2.41
C ARG C 165 -23.46 0.40 -3.67
N PRO C 166 -24.55 1.19 -3.64
CA PRO C 166 -25.41 1.28 -4.83
C PRO C 166 -24.73 1.98 -6.00
N MET C 167 -24.99 1.47 -7.21
CA MET C 167 -24.74 2.21 -8.45
C MET C 167 -26.06 2.87 -8.82
N SER C 168 -26.14 4.19 -8.64
CA SER C 168 -27.43 4.89 -8.78
C SER C 168 -27.54 5.67 -10.07
N LEU C 169 -28.63 5.40 -10.78
CA LEU C 169 -29.00 6.10 -12.00
C LEU C 169 -30.11 7.09 -11.64
N LEU C 170 -29.83 8.37 -11.89
CA LEU C 170 -30.85 9.41 -11.79
C LEU C 170 -31.42 9.69 -13.17
N THR C 171 -32.74 9.55 -13.31
CA THR C 171 -33.41 9.89 -14.56
C THR C 171 -34.22 11.15 -14.33
N LEU C 172 -34.11 12.10 -15.26
CA LEU C 172 -34.87 13.34 -15.19
C LEU C 172 -35.61 13.55 -16.51
N GLY C 173 -36.94 13.55 -16.44
CA GLY C 173 -37.73 13.60 -17.66
C GLY C 173 -39.21 13.72 -17.40
N THR C 174 -39.92 14.17 -18.42
CA THR C 174 -41.36 14.34 -18.37
C THR C 174 -41.98 13.34 -19.36
N PRO C 175 -43.26 12.96 -19.16
CA PRO C 175 -43.85 11.93 -20.05
C PRO C 175 -43.77 12.27 -21.55
N GLU C 176 -43.65 11.23 -22.37
CA GLU C 176 -43.68 11.36 -23.83
C GLU C 176 -45.10 11.33 -24.40
N THR C 177 -45.29 11.95 -25.55
CA THR C 177 -46.59 11.99 -26.21
C THR C 177 -46.47 11.68 -27.71
N ALA C 180 -42.82 12.59 -31.01
CA ALA C 180 -43.09 11.59 -30.00
C ALA C 180 -41.85 11.23 -29.15
N PRO C 181 -40.86 10.51 -29.75
CA PRO C 181 -39.79 9.98 -28.90
C PRO C 181 -38.71 11.03 -28.59
N LYS C 182 -38.35 11.12 -27.31
CA LYS C 182 -37.38 12.12 -26.86
C LYS C 182 -35.96 11.54 -26.90
N LYS C 183 -34.99 12.43 -27.10
CA LYS C 183 -33.57 12.06 -27.11
C LYS C 183 -33.11 11.57 -25.74
N LYS C 184 -32.31 10.49 -25.73
CA LYS C 184 -31.75 9.97 -24.48
C LYS C 184 -30.35 10.54 -24.31
N VAL C 185 -30.19 11.42 -23.32
CA VAL C 185 -28.90 12.03 -23.02
C VAL C 185 -28.31 11.41 -21.77
N TRP C 186 -27.14 10.79 -21.95
CA TRP C 186 -26.40 10.14 -20.88
C TRP C 186 -25.25 10.98 -20.39
N ILE C 187 -25.13 11.10 -19.08
CA ILE C 187 -23.99 11.79 -18.47
C ILE C 187 -23.52 10.93 -17.31
N ILE C 188 -22.28 10.45 -17.38
CA ILE C 188 -21.72 9.67 -16.27
C ILE C 188 -20.49 10.40 -15.77
N ALA C 189 -20.19 10.29 -14.47
CA ALA C 189 -19.14 11.07 -13.84
C ALA C 189 -18.33 10.24 -12.87
N ARG C 190 -17.05 10.59 -12.74
CA ARG C 190 -16.19 10.08 -11.67
C ARG C 190 -15.87 8.59 -11.79
N GLN C 191 -15.74 8.08 -13.02
CA GLN C 191 -15.16 6.75 -13.19
C GLN C 191 -13.82 6.66 -12.48
N HIS C 192 -13.06 7.76 -12.51
CA HIS C 192 -11.82 7.88 -11.74
C HIS C 192 -12.12 8.59 -10.45
N PRO C 193 -12.04 7.85 -9.33
CA PRO C 193 -12.65 8.33 -8.09
C PRO C 193 -12.05 9.63 -7.53
N GLY C 194 -10.78 9.90 -7.79
CA GLY C 194 -10.16 11.13 -7.30
C GLY C 194 -10.60 12.37 -8.07
N GLU C 195 -11.26 12.16 -9.21
CA GLU C 195 -11.69 13.28 -10.06
C GLU C 195 -13.02 13.86 -9.56
N SER C 196 -12.99 14.37 -8.34
CA SER C 196 -14.22 14.84 -7.66
C SER C 196 -14.87 16.02 -8.39
N MET C 197 -14.08 16.80 -9.13
CA MET C 197 -14.65 17.82 -10.02
C MET C 197 -15.82 17.32 -10.90
N ALA C 198 -15.77 16.04 -11.29
CA ALA C 198 -16.80 15.44 -12.15
C ALA C 198 -18.15 15.38 -11.45
N GLU C 199 -18.16 15.03 -10.17
CA GLU C 199 -19.42 15.00 -9.42
C GLU C 199 -19.95 16.41 -9.10
N TRP C 200 -19.04 17.36 -8.85
CA TRP C 200 -19.44 18.77 -8.71
C TRP C 200 -20.12 19.31 -9.95
N PHE C 201 -19.57 18.96 -11.10
CA PHE C 201 -20.12 19.31 -12.41
C PHE C 201 -21.56 18.78 -12.52
N VAL C 202 -21.76 17.50 -12.20
CA VAL C 202 -23.11 16.91 -12.21
C VAL C 202 -24.05 17.61 -11.23
N GLU C 203 -23.55 17.93 -10.03
CA GLU C 203 -24.40 18.63 -9.06
C GLU C 203 -24.93 19.94 -9.66
N GLY C 204 -24.04 20.70 -10.31
CA GLY C 204 -24.44 21.99 -10.91
C GLY C 204 -25.46 21.82 -12.02
N LEU C 205 -25.25 20.79 -12.85
CA LEU C 205 -26.15 20.48 -13.94
C LEU C 205 -27.55 20.09 -13.45
N VAL C 206 -27.59 19.24 -12.43
CA VAL C 206 -28.84 18.72 -11.86
C VAL C 206 -29.61 19.82 -11.12
N LYS C 207 -28.89 20.66 -10.37
N LYS C 207 -28.90 20.67 -10.38
CA LYS C 207 -29.49 21.83 -9.73
CA LYS C 207 -29.53 21.81 -9.73
C LYS C 207 -30.23 22.71 -10.74
C LYS C 207 -30.24 22.71 -10.75
N ARG C 208 -29.66 22.87 -11.93
CA ARG C 208 -30.31 23.67 -13.00
C ARG C 208 -31.57 22.96 -13.53
N LEU C 209 -31.46 21.68 -13.83
CA LEU C 209 -32.60 20.87 -14.26
C LEU C 209 -33.69 20.82 -13.22
N ALA C 210 -33.29 20.89 -11.95
CA ALA C 210 -34.23 20.90 -10.82
C ALA C 210 -34.93 22.27 -10.68
N GLY C 211 -34.35 23.31 -11.26
CA GLY C 211 -34.88 24.65 -11.12
C GLY C 211 -34.70 25.19 -9.71
N TRP C 212 -33.61 24.81 -9.06
CA TRP C 212 -33.33 25.26 -7.70
C TRP C 212 -32.47 26.50 -7.69
N GLY C 213 -32.51 27.23 -6.57
CA GLY C 213 -31.74 28.48 -6.40
C GLY C 213 -32.00 29.52 -7.48
N ASP C 214 -30.93 30.03 -8.07
CA ASP C 214 -31.06 31.05 -9.14
C ASP C 214 -31.50 30.47 -10.50
N TRP C 215 -31.67 29.15 -10.57
CA TRP C 215 -32.18 28.49 -11.77
C TRP C 215 -33.69 28.45 -11.83
N ALA C 216 -34.34 28.78 -10.71
CA ALA C 216 -35.77 29.00 -10.72
C ALA C 216 -36.03 30.18 -11.65
N GLY C 217 -36.94 29.98 -12.58
CA GLY C 217 -37.30 31.05 -13.51
C GLY C 217 -36.61 30.96 -14.85
N ASP C 218 -35.50 30.22 -14.93
CA ASP C 218 -34.75 30.09 -16.19
C ASP C 218 -35.37 29.00 -17.09
N PRO C 219 -35.61 29.30 -18.39
CA PRO C 219 -36.41 28.41 -19.26
C PRO C 219 -35.69 27.26 -19.95
N VAL C 220 -34.35 27.20 -19.89
CA VAL C 220 -33.57 26.13 -20.55
C VAL C 220 -33.99 24.71 -20.12
N ALA C 221 -34.09 24.45 -18.81
CA ALA C 221 -34.51 23.14 -18.32
C ALA C 221 -35.85 22.69 -18.91
N ARG C 222 -36.88 23.55 -18.81
CA ARG C 222 -38.22 23.16 -19.26
C ARG C 222 -38.26 22.92 -20.77
N LYS C 223 -37.50 23.72 -21.51
CA LYS C 223 -37.37 23.54 -22.95
C LYS C 223 -36.71 22.21 -23.28
N LEU C 224 -35.69 21.85 -22.50
CA LEU C 224 -35.00 20.57 -22.68
C LEU C 224 -35.94 19.38 -22.42
N TYR C 225 -36.75 19.46 -21.37
CA TYR C 225 -37.67 18.36 -21.04
C TYR C 225 -38.68 18.03 -22.15
N ASP C 226 -39.02 19.01 -22.99
CA ASP C 226 -39.86 18.75 -24.16
C ASP C 226 -39.17 17.87 -25.23
N ARG C 227 -37.84 17.84 -25.24
CA ARG C 227 -37.10 17.18 -26.33
CA ARG C 227 -37.08 17.20 -26.33
C ARG C 227 -36.18 16.05 -25.86
N VAL C 228 -35.88 16.04 -24.57
CA VAL C 228 -34.83 15.18 -24.02
C VAL C 228 -35.23 14.51 -22.70
N THR C 229 -34.69 13.30 -22.48
CA THR C 229 -34.73 12.61 -21.18
C THR C 229 -33.29 12.42 -20.75
N PHE C 230 -32.99 12.81 -19.51
CA PHE C 230 -31.62 12.69 -18.97
C PHE C 230 -31.44 11.42 -18.15
N HIS C 231 -30.33 10.73 -18.38
CA HIS C 231 -29.96 9.56 -17.61
C HIS C 231 -28.57 9.81 -17.07
N ILE C 232 -28.46 9.94 -15.75
CA ILE C 232 -27.25 10.50 -15.15
C ILE C 232 -26.70 9.61 -14.04
N VAL C 233 -25.40 9.30 -14.09
CA VAL C 233 -24.72 8.62 -12.98
C VAL C 233 -23.71 9.58 -12.31
N PRO C 234 -24.08 10.19 -11.16
CA PRO C 234 -23.22 11.17 -10.46
C PRO C 234 -21.90 10.61 -9.93
N ASN C 235 -21.88 9.33 -9.52
CA ASN C 235 -20.64 8.71 -9.07
C ASN C 235 -20.52 7.29 -9.60
N MET C 236 -19.75 7.14 -10.68
CA MET C 236 -19.44 5.83 -11.26
C MET C 236 -18.58 4.93 -10.37
N ASN C 237 -17.94 5.51 -9.34
CA ASN C 237 -16.93 4.76 -8.53
C ASN C 237 -17.05 5.08 -7.02
N PRO C 238 -18.18 4.71 -6.41
CA PRO C 238 -18.36 4.98 -4.99
C PRO C 238 -17.25 4.38 -4.07
N ASP C 239 -16.81 3.15 -4.32
CA ASP C 239 -15.78 2.53 -3.44
C ASP C 239 -14.44 3.27 -3.50
N GLY C 240 -13.99 3.52 -4.74
CA GLY C 240 -12.73 4.21 -4.98
C GLY C 240 -12.72 5.60 -4.39
N SER C 241 -13.87 6.27 -4.45
CA SER C 241 -14.02 7.60 -3.87
C SER C 241 -13.70 7.57 -2.38
N VAL C 242 -14.43 6.72 -1.66
N VAL C 242 -14.43 6.75 -1.63
CA VAL C 242 -14.32 6.61 -0.21
CA VAL C 242 -14.26 6.71 -0.18
C VAL C 242 -12.92 6.14 0.23
C VAL C 242 -12.92 6.10 0.26
N HIS C 243 -12.33 5.26 -0.59
CA HIS C 243 -10.99 4.73 -0.36
C HIS C 243 -9.86 5.74 -0.49
N GLY C 244 -10.16 6.91 -1.05
CA GLY C 244 -9.11 7.92 -1.32
C GLY C 244 -8.21 7.49 -2.49
N ASN C 245 -8.80 6.75 -3.43
CA ASN C 245 -8.11 6.40 -4.68
C ASN C 245 -8.16 7.54 -5.70
N LEU C 246 -7.23 7.55 -6.64
CA LEU C 246 -7.32 8.48 -7.77
C LEU C 246 -7.99 7.84 -8.98
N ARG C 247 -7.49 6.67 -9.38
CA ARG C 247 -7.77 6.14 -10.72
C ARG C 247 -8.54 4.80 -10.75
N THR C 248 -8.61 4.07 -9.64
CA THR C 248 -9.15 2.72 -9.68
C THR C 248 -10.24 2.46 -8.66
N ASN C 249 -11.12 1.49 -8.96
CA ASN C 249 -12.10 1.04 -7.96
C ASN C 249 -11.41 0.22 -6.85
N ALA C 250 -12.20 -0.40 -5.97
CA ALA C 250 -11.62 -1.12 -4.82
C ALA C 250 -10.92 -2.44 -5.17
N ALA C 251 -11.21 -2.97 -6.36
CA ALA C 251 -10.55 -4.20 -6.86
C ALA C 251 -9.29 -3.89 -7.67
N GLY C 252 -9.01 -2.62 -7.88
CA GLY C 252 -7.82 -2.20 -8.62
C GLY C 252 -8.05 -1.96 -10.10
N ALA C 253 -9.31 -1.99 -10.54
CA ALA C 253 -9.59 -1.81 -11.97
C ALA C 253 -9.71 -0.33 -12.35
N ASN C 254 -9.14 0.02 -13.50
CA ASN C 254 -9.41 1.31 -14.10
C ASN C 254 -10.73 1.17 -14.87
N LEU C 255 -11.79 1.75 -14.33
CA LEU C 255 -13.15 1.62 -14.92
C LEU C 255 -13.21 2.08 -16.36
N ASN C 256 -12.43 3.11 -16.69
CA ASN C 256 -12.40 3.60 -18.07
C ASN C 256 -11.48 2.83 -19.01
N ARG C 257 -11.17 1.59 -18.65
CA ARG C 257 -10.58 0.61 -19.56
C ARG C 257 -11.42 -0.65 -19.57
N GLU C 258 -12.62 -0.58 -18.99
CA GLU C 258 -13.43 -1.79 -18.78
C GLU C 258 -14.62 -1.95 -19.73
N TRP C 259 -14.74 -1.06 -20.71
CA TRP C 259 -15.98 -0.95 -21.49
C TRP C 259 -16.21 -1.99 -22.55
N MET C 260 -15.15 -2.68 -22.98
CA MET C 260 -15.29 -3.77 -23.93
C MET C 260 -15.58 -5.11 -23.25
N ALA C 261 -15.06 -5.31 -22.04
CA ALA C 261 -15.24 -6.58 -21.34
C ALA C 261 -15.41 -6.43 -19.82
N PRO C 262 -16.48 -5.73 -19.38
CA PRO C 262 -16.64 -5.53 -17.93
C PRO C 262 -16.92 -6.85 -17.22
N ASP C 263 -16.64 -6.89 -15.93
CA ASP C 263 -16.67 -8.15 -15.18
C ASP C 263 -17.47 -7.97 -13.89
N ALA C 264 -18.29 -8.97 -13.55
CA ALA C 264 -19.10 -8.94 -12.32
C ALA C 264 -18.30 -8.83 -11.01
N GLU C 265 -17.12 -9.43 -10.98
CA GLU C 265 -16.29 -9.45 -9.77
C GLU C 265 -15.31 -8.28 -9.69
N ARG C 266 -14.78 -7.88 -10.85
CA ARG C 266 -13.72 -6.89 -10.91
C ARG C 266 -14.20 -5.46 -11.24
N SER C 267 -15.17 -5.35 -12.14
CA SER C 267 -15.71 -4.04 -12.52
C SER C 267 -17.24 -4.06 -12.63
N PRO C 268 -17.95 -4.44 -11.54
CA PRO C 268 -19.44 -4.48 -11.57
C PRO C 268 -20.07 -3.10 -11.82
N GLU C 269 -19.34 -2.04 -11.44
CA GLU C 269 -19.73 -0.65 -11.71
C GLU C 269 -20.03 -0.42 -13.20
N VAL C 270 -19.09 -0.82 -14.06
CA VAL C 270 -19.22 -0.66 -15.50
C VAL C 270 -20.18 -1.69 -16.10
N LEU C 271 -20.19 -2.92 -15.57
CA LEU C 271 -21.15 -3.94 -16.04
C LEU C 271 -22.59 -3.43 -15.91
N ALA C 272 -22.97 -2.96 -14.73
CA ALA C 272 -24.33 -2.48 -14.50
C ALA C 272 -24.71 -1.29 -15.39
N VAL C 273 -23.81 -0.31 -15.49
CA VAL C 273 -24.10 0.89 -16.27
C VAL C 273 -24.15 0.62 -17.79
N ARG C 274 -23.18 -0.14 -18.29
CA ARG C 274 -23.17 -0.52 -19.72
C ARG C 274 -24.43 -1.32 -20.10
N ASP C 275 -24.83 -2.25 -19.24
CA ASP C 275 -26.09 -2.99 -19.40
C ASP C 275 -27.30 -2.04 -19.52
N ALA C 276 -27.36 -1.04 -18.62
CA ALA C 276 -28.48 -0.09 -18.61
C ALA C 276 -28.52 0.78 -19.88
N ILE C 277 -27.37 1.30 -20.29
CA ILE C 277 -27.27 2.11 -21.53
C ILE C 277 -27.81 1.33 -22.73
N HIS C 278 -27.44 0.06 -22.84
CA HIS C 278 -27.94 -0.79 -23.93
C HIS C 278 -29.42 -1.04 -23.84
N ALA C 279 -29.93 -1.24 -22.63
CA ALA C 279 -31.35 -1.49 -22.41
C ALA C 279 -32.23 -0.28 -22.72
N ILE C 280 -31.70 0.92 -22.43
CA ILE C 280 -32.44 2.17 -22.53
C ILE C 280 -32.25 2.87 -23.88
N GLY C 281 -31.06 2.76 -24.46
CA GLY C 281 -30.72 3.51 -25.66
C GLY C 281 -29.95 4.78 -25.32
N CYS C 282 -29.34 5.37 -26.34
CA CYS C 282 -28.46 6.52 -26.14
C CYS C 282 -28.36 7.33 -27.43
N ASP C 283 -28.65 8.63 -27.34
CA ASP C 283 -28.57 9.56 -28.48
C ASP C 283 -27.46 10.61 -28.29
N MET C 284 -26.98 10.76 -27.07
CA MET C 284 -25.90 11.70 -26.73
C MET C 284 -25.21 11.23 -25.46
N PHE C 285 -23.88 11.17 -25.48
CA PHE C 285 -23.13 10.64 -24.34
C PHE C 285 -21.99 11.57 -23.89
N PHE C 286 -21.88 11.78 -22.58
CA PHE C 286 -20.82 12.59 -21.98
C PHE C 286 -20.24 11.84 -20.80
N ASP C 287 -18.91 11.71 -20.80
CA ASP C 287 -18.19 11.07 -19.70
C ASP C 287 -17.35 12.19 -19.04
N ILE C 288 -17.62 12.45 -17.77
CA ILE C 288 -17.06 13.64 -17.10
C ILE C 288 -15.89 13.25 -16.22
N HIS C 289 -14.74 13.90 -16.46
CA HIS C 289 -13.43 13.57 -15.89
C HIS C 289 -12.69 14.79 -15.39
N GLY C 290 -11.55 14.57 -14.73
CA GLY C 290 -10.61 15.63 -14.43
C GLY C 290 -9.24 15.26 -14.97
N ASP C 291 -8.45 16.25 -15.38
CA ASP C 291 -7.11 15.98 -15.84
C ASP C 291 -6.05 16.58 -14.91
N GLU C 292 -5.07 15.78 -14.56
CA GLU C 292 -4.04 16.20 -13.61
C GLU C 292 -3.09 17.24 -14.21
N ASP C 293 -2.62 16.98 -15.44
CA ASP C 293 -1.56 17.80 -16.03
CA ASP C 293 -1.56 17.77 -16.06
C ASP C 293 -2.01 19.12 -16.65
N LEU C 294 -3.11 19.11 -17.39
CA LEU C 294 -3.43 20.26 -18.23
C LEU C 294 -4.31 21.28 -17.54
N PRO C 295 -3.86 22.54 -17.52
CA PRO C 295 -4.60 23.57 -16.78
C PRO C 295 -5.59 24.33 -17.66
N TYR C 296 -6.50 23.58 -18.25
CA TYR C 296 -7.63 24.15 -18.94
C TYR C 296 -8.70 23.08 -19.12
N VAL C 297 -9.92 23.51 -19.44
CA VAL C 297 -11.04 22.61 -19.70
C VAL C 297 -11.00 22.21 -21.18
N PHE C 298 -11.00 20.91 -21.46
CA PHE C 298 -11.09 20.45 -22.86
C PHE C 298 -12.04 19.27 -23.04
N VAL C 299 -12.45 19.03 -24.28
CA VAL C 299 -13.16 17.79 -24.64
C VAL C 299 -12.27 16.89 -25.51
N ALA C 300 -12.44 15.58 -25.36
CA ALA C 300 -11.78 14.60 -26.24
C ALA C 300 -12.85 13.94 -27.11
N GLY C 301 -12.70 14.06 -28.42
CA GLY C 301 -13.73 13.61 -29.35
C GLY C 301 -13.54 12.20 -29.87
N SER C 302 -14.47 11.78 -30.71
CA SER C 302 -14.48 10.42 -31.25
C SER C 302 -13.89 10.31 -32.67
N GLU C 303 -13.36 11.42 -33.21
CA GLU C 303 -12.97 11.48 -34.63
C GLU C 303 -11.92 10.48 -35.12
N MET C 304 -11.21 9.84 -34.20
CA MET C 304 -10.19 8.82 -34.57
C MET C 304 -10.79 7.42 -34.85
N LEU C 305 -12.06 7.21 -34.53
CA LEU C 305 -12.73 5.95 -34.82
C LEU C 305 -12.91 5.78 -36.33
N PRO C 306 -12.62 4.58 -36.87
CA PRO C 306 -12.82 4.35 -38.30
C PRO C 306 -14.29 4.49 -38.70
N SER C 307 -15.19 4.20 -37.75
CA SER C 307 -16.62 4.30 -37.95
C SER C 307 -17.15 5.74 -37.93
N PHE C 308 -16.32 6.69 -37.48
CA PHE C 308 -16.70 8.10 -37.39
C PHE C 308 -17.07 8.71 -38.75
N THR C 309 -18.29 9.21 -38.87
CA THR C 309 -18.80 9.72 -40.16
C THR C 309 -18.61 11.22 -40.32
N GLU C 310 -18.80 11.70 -41.54
CA GLU C 310 -18.79 13.14 -41.84
C GLU C 310 -19.94 13.87 -41.11
N GLN C 311 -21.05 13.17 -40.86
CA GLN C 311 -22.18 13.75 -40.12
CA GLN C 311 -22.19 13.72 -40.12
C GLN C 311 -21.84 13.88 -38.64
N GLN C 312 -21.21 12.85 -38.08
CA GLN C 312 -20.75 12.91 -36.70
C GLN C 312 -19.71 14.01 -36.52
N GLY C 313 -18.86 14.20 -37.54
CA GLY C 313 -17.83 15.25 -37.50
C GLY C 313 -18.48 16.61 -37.40
N LYS C 314 -19.38 16.88 -38.34
CA LYS C 314 -20.15 18.11 -38.39
C LYS C 314 -20.93 18.39 -37.09
N GLU C 315 -21.58 17.37 -36.56
CA GLU C 315 -22.36 17.54 -35.33
C GLU C 315 -21.49 17.75 -34.10
N GLN C 316 -20.34 17.08 -34.08
CA GLN C 316 -19.39 17.25 -32.98
C GLN C 316 -18.79 18.66 -32.94
N THR C 317 -18.34 19.17 -34.09
CA THR C 317 -17.84 20.54 -34.23
C THR C 317 -18.90 21.56 -33.77
N ALA C 318 -20.15 21.33 -34.17
CA ALA C 318 -21.25 22.23 -33.84
C ALA C 318 -21.51 22.23 -32.35
N PHE C 319 -21.42 21.05 -31.72
CA PHE C 319 -21.63 20.99 -30.28
C PHE C 319 -20.54 21.76 -29.54
N ILE C 320 -19.29 21.56 -29.98
CA ILE C 320 -18.12 22.20 -29.39
C ILE C 320 -18.21 23.73 -29.49
N GLU C 321 -18.68 24.21 -30.64
CA GLU C 321 -18.88 25.66 -30.84
C GLU C 321 -20.00 26.23 -29.96
N ALA C 322 -21.07 25.46 -29.80
CA ALA C 322 -22.16 25.86 -28.90
C ALA C 322 -21.70 25.89 -27.43
N PHE C 323 -20.86 24.93 -27.04
CA PHE C 323 -20.33 24.83 -25.67
C PHE C 323 -19.39 26.00 -25.40
N LYS C 324 -18.63 26.38 -26.44
CA LYS C 324 -17.74 27.53 -26.41
C LYS C 324 -18.52 28.80 -26.06
N VAL C 325 -19.64 29.00 -26.75
CA VAL C 325 -20.52 30.15 -26.50
C VAL C 325 -21.12 30.06 -25.10
N ALA C 326 -21.61 28.87 -24.71
CA ALA C 326 -22.28 28.70 -23.42
C ALA C 326 -21.38 28.99 -22.22
N SER C 327 -20.09 28.67 -22.34
CA SER C 327 -19.15 28.86 -21.23
C SER C 327 -17.80 29.43 -21.64
N PRO C 328 -17.48 30.64 -21.15
CA PRO C 328 -16.15 31.21 -21.34
C PRO C 328 -15.00 30.32 -20.77
N ASP C 329 -15.30 29.39 -19.85
CA ASP C 329 -14.26 28.50 -19.31
C ASP C 329 -13.85 27.37 -20.27
N PHE C 330 -14.61 27.20 -21.35
CA PHE C 330 -14.35 26.15 -22.33
C PHE C 330 -13.88 26.71 -23.67
N GLN C 331 -12.73 26.23 -24.14
CA GLN C 331 -12.12 26.73 -25.40
C GLN C 331 -11.49 25.67 -26.32
N THR C 332 -11.35 24.43 -25.84
CA THR C 332 -10.43 23.48 -26.50
C THR C 332 -10.98 22.07 -26.77
N GLU C 333 -10.74 21.58 -27.99
CA GLU C 333 -10.95 20.17 -28.31
C GLU C 333 -9.63 19.48 -28.69
N HIS C 334 -9.43 18.29 -28.12
CA HIS C 334 -8.27 17.43 -28.43
C HIS C 334 -8.73 16.06 -28.87
N GLY C 335 -8.03 15.50 -29.84
CA GLY C 335 -8.35 14.15 -30.33
C GLY C 335 -7.25 13.58 -31.17
N TYR C 341 -5.04 5.46 -34.46
CA TYR C 341 -6.08 4.59 -33.92
C TYR C 341 -5.68 3.14 -33.78
N LYS C 342 -5.67 2.67 -32.56
CA LYS C 342 -5.66 1.26 -32.32
C LYS C 342 -6.97 0.95 -31.67
N GLU C 343 -7.40 -0.24 -31.92
CA GLU C 343 -8.71 -0.79 -31.51
C GLU C 343 -8.91 -0.97 -29.99
N ASP C 344 -7.86 -0.73 -29.22
CA ASP C 344 -7.96 -0.74 -27.77
C ASP C 344 -8.51 0.60 -27.24
N ALA C 345 -8.76 1.54 -28.16
CA ALA C 345 -9.42 2.81 -27.82
C ALA C 345 -10.87 2.55 -27.39
N LEU C 346 -11.44 1.44 -27.87
CA LEU C 346 -12.82 1.05 -27.53
C LEU C 346 -13.03 0.63 -26.07
N LYS C 347 -11.94 0.50 -25.32
CA LYS C 347 -12.01 0.23 -23.88
C LYS C 347 -12.47 1.43 -23.07
N LEU C 348 -12.37 2.63 -23.66
CA LEU C 348 -12.74 3.89 -23.01
C LEU C 348 -14.19 4.20 -23.30
N ALA C 349 -14.89 4.69 -22.27
CA ALA C 349 -16.33 4.86 -22.34
C ALA C 349 -16.81 5.61 -23.58
N SER C 350 -16.29 6.80 -23.83
CA SER C 350 -16.83 7.63 -24.91
C SER C 350 -16.52 7.05 -26.31
N LYS C 351 -15.38 6.35 -26.41
CA LYS C 351 -15.03 5.66 -27.66
C LYS C 351 -15.98 4.50 -27.89
N TYR C 352 -16.16 3.66 -26.85
CA TYR C 352 -17.10 2.54 -26.91
C TYR C 352 -18.49 3.01 -27.35
N ILE C 353 -19.05 3.98 -26.63
CA ILE C 353 -20.41 4.47 -26.90
C ILE C 353 -20.52 5.07 -28.31
N GLY C 354 -19.55 5.90 -28.69
CA GLY C 354 -19.53 6.45 -30.04
C GLY C 354 -19.60 5.37 -31.10
N HIS C 355 -18.80 4.32 -30.92
CA HIS C 355 -18.76 3.19 -31.82
C HIS C 355 -20.04 2.39 -31.83
N GLN C 356 -20.60 2.15 -30.65
CA GLN C 356 -21.76 1.28 -30.50
C GLN C 356 -23.07 1.92 -30.99
N PHE C 357 -23.16 3.24 -30.82
CA PHE C 357 -24.38 3.98 -31.09
C PHE C 357 -24.27 5.00 -32.22
N GLY C 358 -23.06 5.41 -32.58
CA GLY C 358 -22.84 6.38 -33.68
C GLY C 358 -23.40 7.78 -33.40
N CYS C 359 -23.64 8.05 -32.11
CA CYS C 359 -24.18 9.30 -31.62
C CYS C 359 -23.05 10.25 -31.20
N LEU C 360 -23.38 11.50 -30.89
CA LEU C 360 -22.43 12.43 -30.28
C LEU C 360 -21.92 11.82 -28.98
N SER C 361 -20.60 11.72 -28.84
CA SER C 361 -20.01 11.05 -27.68
C SER C 361 -18.69 11.69 -27.30
N LEU C 362 -18.63 12.27 -26.09
CA LEU C 362 -17.47 13.05 -25.72
C LEU C 362 -17.00 12.73 -24.31
N THR C 363 -15.69 12.86 -24.10
CA THR C 363 -15.12 12.95 -22.77
C THR C 363 -14.86 14.43 -22.46
N LEU C 364 -15.30 14.87 -21.29
N LEU C 364 -15.30 14.87 -21.29
CA LEU C 364 -15.04 16.23 -20.83
CA LEU C 364 -15.03 16.24 -20.82
C LEU C 364 -14.08 16.20 -19.63
C LEU C 364 -14.10 16.21 -19.63
N GLU C 365 -13.04 17.03 -19.68
CA GLU C 365 -12.01 17.06 -18.65
C GLU C 365 -11.82 18.45 -18.07
N MET C 366 -11.92 18.54 -16.75
CA MET C 366 -11.63 19.77 -16.01
C MET C 366 -10.29 19.66 -15.25
N PRO C 367 -9.61 20.79 -15.02
CA PRO C 367 -8.26 20.76 -14.44
C PRO C 367 -8.22 20.61 -12.92
N PHE C 368 -7.22 19.87 -12.43
CA PHE C 368 -6.91 19.84 -11.00
C PHE C 368 -6.23 21.16 -10.57
N LYS C 369 -5.54 21.79 -11.51
CA LYS C 369 -4.76 23.02 -11.26
C LYS C 369 -5.66 24.27 -11.27
N ASP C 370 -5.94 24.80 -12.45
CA ASP C 370 -6.75 25.99 -12.61
C ASP C 370 -7.08 26.03 -14.10
N ASN C 371 -8.04 26.88 -14.48
CA ASN C 371 -8.18 27.26 -15.87
C ASN C 371 -7.18 28.39 -16.10
N ALA C 372 -6.04 28.07 -16.70
CA ALA C 372 -5.00 29.07 -16.90
C ALA C 372 -5.42 30.26 -17.78
N ASN C 373 -6.50 30.09 -18.55
CA ASN C 373 -7.04 31.18 -19.36
C ASN C 373 -7.86 32.19 -18.55
N LEU C 374 -8.40 31.75 -17.43
CA LEU C 374 -9.17 32.61 -16.54
C LEU C 374 -8.82 32.20 -15.12
N PRO C 375 -7.58 32.46 -14.69
CA PRO C 375 -7.14 31.87 -13.42
C PRO C 375 -7.73 32.56 -12.20
N ASP C 376 -7.66 31.89 -11.05
CA ASP C 376 -8.15 32.45 -9.80
C ASP C 376 -7.17 31.96 -8.75
N GLU C 377 -6.33 32.87 -8.29
CA GLU C 377 -5.30 32.54 -7.30
C GLU C 377 -5.92 31.96 -6.03
N ARG C 378 -7.10 32.42 -5.66
CA ARG C 378 -7.66 32.09 -4.35
C ARG C 378 -8.17 30.65 -4.24
N VAL C 379 -8.80 30.16 -5.31
CA VAL C 379 -9.44 28.85 -5.31
C VAL C 379 -8.96 27.93 -6.44
N GLY C 380 -8.34 28.49 -7.49
CA GLY C 380 -7.96 27.68 -8.66
C GLY C 380 -9.23 27.12 -9.27
N TRP C 381 -9.13 25.95 -9.89
CA TRP C 381 -10.35 25.25 -10.31
C TRP C 381 -10.96 24.60 -9.10
N ASN C 382 -12.28 24.65 -8.97
CA ASN C 382 -12.92 24.08 -7.76
C ASN C 382 -14.33 23.55 -7.95
N GLY C 383 -15.01 23.23 -6.85
CA GLY C 383 -16.39 22.74 -6.91
C GLY C 383 -17.37 23.71 -7.57
N GLU C 384 -17.36 24.97 -7.13
CA GLU C 384 -18.30 25.97 -7.66
CA GLU C 384 -18.31 25.96 -7.65
C GLU C 384 -18.13 26.23 -9.15
N ARG C 385 -16.87 26.30 -9.61
CA ARG C 385 -16.57 26.51 -11.04
C ARG C 385 -16.94 25.29 -11.89
N SER C 386 -16.74 24.09 -11.35
CA SER C 386 -17.19 22.84 -12.01
C SER C 386 -18.71 22.80 -12.12
N ALA C 387 -19.40 23.11 -11.02
CA ALA C 387 -20.88 23.21 -11.00
C ALA C 387 -21.43 24.18 -12.04
N ALA C 388 -20.79 25.34 -12.14
CA ALA C 388 -21.15 26.37 -13.11
C ALA C 388 -20.99 25.84 -14.52
N LEU C 389 -19.91 25.09 -14.76
CA LEU C 389 -19.68 24.48 -16.08
C LEU C 389 -20.76 23.46 -16.47
N GLY C 390 -21.21 22.65 -15.50
CA GLY C 390 -22.26 21.66 -15.75
C GLY C 390 -23.57 22.33 -16.10
N ALA C 391 -23.90 23.40 -15.38
CA ALA C 391 -25.09 24.20 -15.68
C ALA C 391 -24.98 24.78 -17.09
N ALA C 392 -23.78 25.30 -17.43
CA ALA C 392 -23.54 25.88 -18.74
C ALA C 392 -23.66 24.86 -19.85
N MET C 393 -23.20 23.64 -19.59
CA MET C 393 -23.32 22.58 -20.58
C MET C 393 -24.76 22.31 -21.01
N LEU C 394 -25.70 22.44 -20.07
CA LEU C 394 -27.13 22.29 -20.40
CA LEU C 394 -27.13 22.30 -20.37
C LEU C 394 -27.59 23.24 -21.49
N ALA C 395 -27.12 24.50 -21.42
CA ALA C 395 -27.46 25.48 -22.45
C ALA C 395 -26.97 25.04 -23.83
N ALA C 396 -25.77 24.45 -23.87
CA ALA C 396 -25.14 23.97 -25.11
C ALA C 396 -25.93 22.79 -25.68
N ILE C 397 -26.39 21.91 -24.80
CA ILE C 397 -27.23 20.77 -25.19
C ILE C 397 -28.53 21.25 -25.84
N LEU C 398 -29.16 22.28 -25.27
CA LEU C 398 -30.40 22.82 -25.85
C LEU C 398 -30.15 23.37 -27.26
N VAL C 399 -29.11 24.20 -27.43
CA VAL C 399 -28.78 24.74 -28.76
C VAL C 399 -28.60 23.58 -29.75
N HIS C 400 -27.88 22.56 -29.30
CA HIS C 400 -27.60 21.39 -30.13
C HIS C 400 -28.84 20.65 -30.60
N VAL C 401 -29.72 20.27 -29.67
CA VAL C 401 -30.95 19.56 -30.04
C VAL C 401 -31.90 20.44 -30.87
N ASP C 402 -31.88 21.76 -30.63
CA ASP C 402 -32.64 22.72 -31.44
C ASP C 402 -32.14 22.73 -32.89
N THR C 403 -30.83 22.57 -33.06
CA THR C 403 -30.22 22.59 -34.38
C THR C 403 -30.37 21.25 -35.10
N PHE C 404 -30.00 20.17 -34.41
CA PHE C 404 -29.99 18.83 -34.99
C PHE C 404 -31.09 18.00 -34.35
N ALA C 405 -32.32 18.29 -34.74
CA ALA C 405 -33.52 17.80 -34.05
C ALA C 405 -33.74 16.29 -34.14
N MET D 22 -40.20 -2.94 -9.59
CA MET D 22 -38.77 -2.66 -9.30
C MET D 22 -38.17 -3.73 -8.41
N THR D 23 -36.88 -4.01 -8.58
CA THR D 23 -36.18 -4.89 -7.68
C THR D 23 -35.84 -4.08 -6.42
N LEU D 24 -36.16 -4.63 -5.25
CA LEU D 24 -35.75 -4.02 -3.99
C LEU D 24 -34.29 -4.33 -3.72
N SER D 25 -33.63 -3.40 -3.03
CA SER D 25 -32.29 -3.62 -2.54
C SER D 25 -32.09 -2.92 -1.21
N ILE D 26 -31.49 -3.64 -0.27
CA ILE D 26 -31.10 -3.06 1.02
C ILE D 26 -29.58 -3.05 1.15
N THR D 27 -29.04 -1.87 1.45
CA THR D 27 -27.62 -1.69 1.61
C THR D 27 -27.30 -0.95 2.92
N SER D 28 -26.05 -1.08 3.38
CA SER D 28 -25.66 -0.59 4.70
C SER D 28 -24.19 -0.17 4.82
N ASN D 29 -23.49 -0.11 3.68
CA ASN D 29 -22.10 0.34 3.70
C ASN D 29 -21.96 1.87 3.64
N PHE D 30 -22.15 2.49 4.80
CA PHE D 30 -21.99 3.94 5.01
C PHE D 30 -21.81 4.17 6.51
N ASP D 31 -21.48 5.42 6.86
CA ASP D 31 -21.27 5.86 8.25
C ASP D 31 -22.46 5.47 9.14
N ALA D 32 -22.18 4.61 10.13
CA ALA D 32 -23.13 4.05 11.11
C ALA D 32 -24.12 3.03 10.55
N GLY D 33 -23.92 2.60 9.31
CA GLY D 33 -24.77 1.59 8.71
C GLY D 33 -24.56 0.24 9.38
N ALA D 34 -25.66 -0.49 9.58
CA ALA D 34 -25.66 -1.81 10.21
C ALA D 34 -27.00 -2.50 9.97
N ILE D 35 -26.93 -3.65 9.29
CA ILE D 35 -28.06 -4.58 9.15
C ILE D 35 -27.55 -5.89 8.55
N ASP D 36 -28.24 -6.99 8.84
CA ASP D 36 -28.03 -8.26 8.12
C ASP D 36 -29.28 -8.54 7.29
N VAL D 37 -29.10 -8.64 5.98
CA VAL D 37 -30.24 -8.88 5.08
C VAL D 37 -30.44 -10.38 4.95
N VAL D 38 -31.56 -10.88 5.46
CA VAL D 38 -31.91 -12.30 5.36
C VAL D 38 -32.65 -12.56 4.05
N SER D 39 -33.64 -11.74 3.75
CA SER D 39 -34.35 -11.82 2.49
C SER D 39 -34.96 -10.46 2.12
N CYS D 40 -34.77 -10.07 0.86
CA CYS D 40 -35.28 -8.81 0.35
C CYS D 40 -35.65 -9.01 -1.11
N ASP D 41 -36.74 -9.75 -1.32
CA ASP D 41 -37.31 -9.98 -2.64
C ASP D 41 -38.67 -9.31 -2.70
N SER D 42 -39.63 -9.86 -1.97
CA SER D 42 -40.96 -9.28 -1.93
C SER D 42 -41.09 -8.25 -0.80
N PRO D 43 -41.62 -7.05 -1.12
CA PRO D 43 -41.77 -5.97 -0.13
C PRO D 43 -42.57 -6.36 1.11
N ASP D 44 -43.60 -7.20 0.94
CA ASP D 44 -44.42 -7.64 2.07
C ASP D 44 -43.77 -8.70 2.98
N ALA D 45 -42.55 -9.12 2.65
CA ALA D 45 -41.87 -10.15 3.42
C ALA D 45 -40.35 -9.91 3.54
N ILE D 46 -39.95 -8.65 3.74
CA ILE D 46 -38.55 -8.32 3.94
C ILE D 46 -38.11 -8.82 5.32
N ARG D 47 -37.02 -9.60 5.33
N ARG D 47 -37.05 -9.63 5.34
CA ARG D 47 -36.55 -10.26 6.54
CA ARG D 47 -36.59 -10.18 6.61
C ARG D 47 -35.13 -9.76 6.86
C ARG D 47 -35.15 -9.78 6.87
N LEU D 48 -34.94 -9.24 8.07
CA LEU D 48 -33.66 -8.67 8.48
C LEU D 48 -33.20 -9.21 9.83
N ARG D 49 -31.92 -9.00 10.12
CA ARG D 49 -31.38 -9.20 11.46
C ARG D 49 -30.63 -7.94 11.89
N VAL D 50 -30.81 -7.59 13.17
CA VAL D 50 -29.96 -6.59 13.82
C VAL D 50 -28.55 -7.19 13.82
N ARG D 51 -27.58 -6.46 13.25
CA ARG D 51 -26.21 -6.98 12.99
C ARG D 51 -25.40 -7.18 14.27
N GLY D 52 -25.36 -6.17 15.13
CA GLY D 52 -24.60 -6.26 16.37
C GLY D 52 -23.27 -5.51 16.31
N ASP D 53 -22.71 -5.22 17.47
CA ASP D 53 -21.44 -4.48 17.57
C ASP D 53 -20.32 -5.29 16.93
N ASN D 54 -19.34 -4.59 16.33
CA ASN D 54 -18.32 -5.26 15.52
C ASN D 54 -17.48 -6.31 16.27
N ARG D 55 -17.21 -6.06 17.56
CA ARG D 55 -16.38 -6.97 18.37
C ARG D 55 -17.01 -7.22 19.75
N SER D 56 -18.33 -7.19 19.80
CA SER D 56 -19.07 -7.50 21.02
C SER D 56 -20.37 -8.23 20.71
N GLU D 57 -20.84 -9.05 21.65
CA GLU D 57 -22.14 -9.69 21.52
C GLU D 57 -23.34 -8.72 21.68
N PHE D 58 -23.09 -7.51 22.16
CA PHE D 58 -24.14 -6.47 22.27
CA PHE D 58 -24.13 -6.49 22.26
C PHE D 58 -24.73 -6.17 20.88
N ALA D 59 -26.06 -6.22 20.77
CA ALA D 59 -26.76 -5.94 19.52
C ALA D 59 -28.04 -5.13 19.73
N GLN D 60 -28.18 -3.99 19.05
CA GLN D 60 -29.41 -3.17 19.11
C GLN D 60 -29.52 -2.17 17.95
N TRP D 61 -28.40 -1.49 17.65
CA TRP D 61 -28.40 -0.45 16.61
C TRP D 61 -28.61 -1.02 15.24
N PHE D 62 -29.43 -0.32 14.45
CA PHE D 62 -29.59 -0.64 13.02
C PHE D 62 -29.76 0.63 12.22
N TYR D 63 -29.38 0.57 10.94
CA TYR D 63 -29.45 1.71 10.05
C TYR D 63 -29.20 1.15 8.67
N TYR D 64 -30.18 1.27 7.78
CA TYR D 64 -30.01 0.74 6.44
C TYR D 64 -30.74 1.57 5.39
N ARG D 65 -30.34 1.40 4.14
CA ARG D 65 -30.99 2.03 3.00
C ARG D 65 -31.84 0.99 2.26
N LEU D 66 -33.05 1.37 1.88
CA LEU D 66 -33.91 0.52 1.05
C LEU D 66 -34.25 1.27 -0.26
N THR D 67 -33.89 0.69 -1.39
CA THR D 67 -34.21 1.28 -2.70
C THR D 67 -35.18 0.39 -3.47
N GLY D 68 -35.91 1.01 -4.39
CA GLY D 68 -36.82 0.28 -5.28
C GLY D 68 -38.23 0.09 -4.78
N ALA D 69 -38.60 0.79 -3.71
CA ALA D 69 -39.88 0.52 -3.02
C ALA D 69 -40.89 1.68 -3.03
N ARG D 70 -40.68 2.67 -3.91
CA ARG D 70 -41.62 3.76 -4.05
CA ARG D 70 -41.62 3.76 -4.08
C ARG D 70 -43.02 3.19 -4.28
N GLY D 71 -43.95 3.57 -3.40
CA GLY D 71 -45.35 3.15 -3.48
C GLY D 71 -45.67 1.72 -3.09
N GLU D 72 -44.66 0.95 -2.66
CA GLU D 72 -44.84 -0.44 -2.23
C GLU D 72 -45.03 -0.51 -0.72
N ARG D 73 -46.00 -1.29 -0.26
CA ARG D 73 -46.14 -1.53 1.17
C ARG D 73 -45.02 -2.47 1.61
N CYS D 74 -44.09 -1.94 2.40
CA CYS D 74 -42.96 -2.72 2.89
C CYS D 74 -43.17 -3.18 4.31
N VAL D 75 -43.08 -4.50 4.50
CA VAL D 75 -43.19 -5.12 5.81
C VAL D 75 -41.81 -5.74 6.13
N MET D 76 -41.10 -5.10 7.05
CA MET D 76 -39.70 -5.44 7.33
C MET D 76 -39.58 -6.01 8.74
N THR D 77 -39.29 -7.30 8.83
CA THR D 77 -39.25 -7.99 10.12
C THR D 77 -37.82 -8.26 10.58
N PHE D 78 -37.54 -7.83 11.79
CA PHE D 78 -36.28 -8.10 12.46
C PHE D 78 -36.42 -9.38 13.27
N GLU D 79 -35.86 -10.47 12.72
CA GLU D 79 -35.99 -11.82 13.26
C GLU D 79 -35.48 -11.97 14.67
N ASN D 80 -34.40 -11.26 14.99
CA ASN D 80 -33.69 -11.48 16.25
C ASN D 80 -33.94 -10.37 17.27
N ALA D 81 -35.09 -9.70 17.16
CA ALA D 81 -35.45 -8.59 18.06
C ALA D 81 -35.37 -8.98 19.54
N ALA D 82 -35.90 -10.16 19.87
CA ALA D 82 -35.86 -10.71 21.24
C ALA D 82 -34.44 -11.00 21.75
N GLU D 83 -33.49 -11.20 20.83
CA GLU D 83 -32.12 -11.57 21.22
C GLU D 83 -31.22 -10.35 21.36
N CYS D 84 -31.79 -9.17 21.20
CA CYS D 84 -31.03 -7.93 21.33
C CYS D 84 -30.72 -7.60 22.78
N ALA D 85 -29.84 -6.63 23.00
CA ALA D 85 -29.41 -6.26 24.34
C ALA D 85 -30.57 -5.80 25.22
N TYR D 86 -31.45 -4.97 24.68
CA TYR D 86 -32.60 -4.47 25.43
C TYR D 86 -33.95 -4.71 24.72
N PRO D 87 -34.48 -5.94 24.82
CA PRO D 87 -35.76 -6.25 24.16
C PRO D 87 -36.90 -5.32 24.56
N SER D 88 -36.88 -4.80 25.79
CA SER D 88 -37.89 -3.83 26.25
C SER D 88 -37.82 -2.53 25.46
N GLY D 89 -36.65 -2.27 24.86
CA GLY D 89 -36.45 -1.12 24.00
C GLY D 89 -37.33 -1.16 22.76
N TRP D 90 -37.87 -2.34 22.45
CA TRP D 90 -38.77 -2.49 21.31
C TRP D 90 -40.24 -2.30 21.67
N ARG D 91 -40.54 -2.30 22.96
N ARG D 91 -40.54 -2.28 22.97
CA ARG D 91 -41.91 -2.09 23.43
CA ARG D 91 -41.92 -2.12 23.44
C ARG D 91 -42.27 -0.61 23.34
C ARG D 91 -42.33 -0.64 23.44
N ASN D 92 -43.40 -0.32 22.72
CA ASN D 92 -43.89 1.06 22.51
C ASN D 92 -42.84 1.90 21.79
N TYR D 93 -42.22 1.31 20.78
CA TYR D 93 -41.14 1.95 20.05
C TYR D 93 -41.53 2.00 18.59
N SER D 94 -41.27 3.13 17.95
CA SER D 94 -41.40 3.26 16.49
C SER D 94 -40.05 3.59 15.88
N ALA D 95 -39.69 2.89 14.82
CA ALA D 95 -38.43 3.16 14.10
C ALA D 95 -38.45 4.53 13.47
N VAL D 96 -37.29 5.03 13.06
CA VAL D 96 -37.24 6.34 12.36
C VAL D 96 -36.82 6.12 10.92
N ALA D 97 -37.24 7.02 10.04
CA ALA D 97 -36.93 6.90 8.63
C ALA D 97 -36.60 8.27 8.04
N SER D 98 -35.97 8.29 6.87
CA SER D 98 -35.62 9.54 6.19
C SER D 98 -35.33 9.29 4.71
N TYR D 99 -35.79 10.21 3.87
CA TYR D 99 -35.52 10.16 2.42
C TYR D 99 -34.19 10.80 2.05
N ASP D 100 -33.64 11.61 2.95
CA ASP D 100 -32.46 12.41 2.63
C ASP D 100 -31.37 12.48 3.70
N ARG D 101 -31.56 11.75 4.80
CA ARG D 101 -30.67 11.77 5.95
C ARG D 101 -30.70 13.13 6.67
N VAL D 102 -31.53 14.05 6.20
CA VAL D 102 -31.69 15.36 6.82
C VAL D 102 -32.92 15.43 7.74
N ASP D 103 -34.08 15.09 7.19
CA ASP D 103 -35.34 15.12 7.92
C ASP D 103 -35.80 13.70 8.27
N TRP D 104 -35.99 13.45 9.57
CA TRP D 104 -36.36 12.15 10.11
C TRP D 104 -37.74 12.16 10.71
N PHE D 105 -38.45 11.04 10.54
CA PHE D 105 -39.81 10.88 11.07
C PHE D 105 -40.06 9.44 11.53
N ARG D 106 -40.96 9.25 12.49
CA ARG D 106 -41.27 7.91 13.00
C ARG D 106 -42.21 7.18 12.06
N VAL D 107 -42.03 5.86 11.94
CA VAL D 107 -42.85 5.03 11.04
C VAL D 107 -43.56 3.91 11.83
N PRO D 108 -44.68 3.38 11.30
CA PRO D 108 -45.43 2.34 12.04
C PRO D 108 -44.61 1.08 12.33
N THR D 109 -44.58 0.71 13.61
CA THR D 109 -43.68 -0.33 14.09
C THR D 109 -44.40 -1.16 15.16
N THR D 110 -44.27 -2.49 15.11
CA THR D 110 -44.85 -3.35 16.16
C THR D 110 -43.83 -4.34 16.70
N PHE D 111 -44.10 -4.84 17.91
CA PHE D 111 -43.22 -5.83 18.56
C PHE D 111 -44.07 -6.79 19.38
N ASP D 112 -43.90 -8.10 19.16
CA ASP D 112 -44.71 -9.09 19.86
C ASP D 112 -43.96 -9.84 20.95
N GLY D 113 -42.78 -9.37 21.32
CA GLY D 113 -41.93 -10.11 22.27
C GLY D 113 -40.94 -11.06 21.59
N LYS D 114 -41.13 -11.30 20.31
CA LYS D 114 -40.23 -12.19 19.56
C LYS D 114 -39.55 -11.44 18.41
N THR D 115 -40.36 -10.87 17.54
CA THR D 115 -39.86 -10.12 16.39
C THR D 115 -40.42 -8.70 16.39
N MET D 116 -39.72 -7.79 15.72
N MET D 116 -39.74 -7.81 15.69
CA MET D 116 -40.22 -6.44 15.51
CA MET D 116 -40.19 -6.44 15.52
C MET D 116 -40.45 -6.25 14.02
C MET D 116 -40.38 -6.16 14.03
N THR D 117 -41.49 -5.50 13.69
CA THR D 117 -41.83 -5.27 12.28
C THR D 117 -42.16 -3.81 11.98
N ILE D 118 -41.48 -3.26 10.98
CA ILE D 118 -41.83 -1.96 10.40
C ILE D 118 -42.80 -2.21 9.24
N ASP D 119 -43.90 -1.46 9.23
CA ASP D 119 -44.88 -1.54 8.15
C ASP D 119 -45.05 -0.13 7.60
N HIS D 120 -44.43 0.12 6.45
CA HIS D 120 -44.33 1.46 5.89
C HIS D 120 -44.30 1.44 4.40
N THR D 121 -44.95 2.42 3.76
CA THR D 121 -44.94 2.54 2.31
C THR D 121 -44.09 3.76 1.91
N PRO D 122 -42.85 3.51 1.43
CA PRO D 122 -42.02 4.67 1.05
C PRO D 122 -42.65 5.50 -0.06
N GLU D 123 -42.49 6.82 0.04
CA GLU D 123 -43.09 7.75 -0.90
C GLU D 123 -42.15 7.99 -2.10
N PHE D 124 -40.87 7.64 -1.93
CA PHE D 124 -39.84 7.90 -2.94
C PHE D 124 -38.96 6.67 -3.17
N ASP D 125 -38.01 6.78 -4.10
CA ASP D 125 -37.23 5.63 -4.60
C ASP D 125 -36.16 5.11 -3.65
N SER D 126 -35.76 5.92 -2.68
CA SER D 126 -34.69 5.58 -1.76
C SER D 126 -35.04 6.16 -0.39
N ILE D 127 -34.97 5.31 0.62
CA ILE D 127 -35.29 5.70 2.00
C ILE D 127 -34.33 5.00 2.97
N TYR D 128 -34.06 5.64 4.11
CA TYR D 128 -33.29 5.03 5.18
C TYR D 128 -34.18 4.72 6.38
N TYR D 129 -33.91 3.61 7.07
CA TYR D 129 -34.55 3.32 8.37
C TYR D 129 -33.46 3.16 9.44
N ALA D 130 -33.71 3.67 10.65
CA ALA D 130 -32.68 3.61 11.69
C ALA D 130 -33.27 3.50 13.09
N TYR D 131 -32.45 3.08 14.04
CA TYR D 131 -32.88 3.03 15.44
C TYR D 131 -33.18 4.43 16.03
N PHE D 132 -32.34 5.41 15.71
CA PHE D 132 -32.53 6.79 16.17
C PHE D 132 -31.96 7.75 15.12
N GLU D 133 -32.38 9.02 15.14
CA GLU D 133 -31.82 10.01 14.23
C GLU D 133 -30.28 10.03 14.37
N PRO D 134 -29.55 9.66 13.30
CA PRO D 134 -28.10 9.49 13.43
C PRO D 134 -27.35 10.83 13.46
N TYR D 135 -26.07 10.79 13.83
CA TYR D 135 -25.24 11.98 13.81
C TYR D 135 -23.91 11.57 13.20
N SER D 136 -23.67 11.97 11.95
CA SER D 136 -22.55 11.43 11.20
C SER D 136 -21.22 12.06 11.57
N GLU D 137 -20.15 11.37 11.19
CA GLU D 137 -18.78 11.91 11.36
CA GLU D 137 -18.81 11.90 11.35
C GLU D 137 -18.62 13.19 10.53
N GLU D 138 -19.23 13.25 9.35
N GLU D 138 -19.24 13.25 9.36
CA GLU D 138 -19.16 14.46 8.51
CA GLU D 138 -19.14 14.46 8.53
C GLU D 138 -19.79 15.67 9.21
C GLU D 138 -19.79 15.68 9.19
N ARG D 139 -20.92 15.48 9.87
CA ARG D 139 -21.60 16.57 10.59
C ARG D 139 -20.71 17.08 11.74
N HIS D 140 -20.15 16.14 12.47
CA HIS D 140 -19.17 16.39 13.55
C HIS D 140 -18.01 17.23 13.07
N ALA D 141 -17.43 16.82 11.94
CA ALA D 141 -16.27 17.50 11.35
C ALA D 141 -16.62 18.93 10.91
N ALA D 142 -17.77 19.10 10.27
CA ALA D 142 -18.22 20.42 9.82
C ALA D 142 -18.52 21.31 11.03
N PHE D 143 -19.15 20.73 12.05
CA PHE D 143 -19.53 21.50 13.25
C PHE D 143 -18.30 21.96 14.02
N LEU D 144 -17.40 21.03 14.36
CA LEU D 144 -16.18 21.42 15.07
CA LEU D 144 -16.14 21.33 15.02
C LEU D 144 -15.31 22.34 14.21
N GLY D 145 -15.24 22.09 12.92
CA GLY D 145 -14.47 22.94 11.99
C GLY D 145 -14.94 24.40 11.98
N ALA D 146 -16.23 24.62 12.19
CA ALA D 146 -16.82 25.97 12.29
C ALA D 146 -16.66 26.54 13.71
N VAL D 147 -16.93 25.71 14.72
CA VAL D 147 -16.91 26.19 16.12
C VAL D 147 -15.50 26.64 16.55
N GLN D 148 -14.47 25.95 16.07
CA GLN D 148 -13.07 26.31 16.38
C GLN D 148 -12.68 27.73 15.95
N GLN D 149 -13.47 28.34 15.07
CA GLN D 149 -13.16 29.67 14.56
C GLN D 149 -13.71 30.81 15.44
N LEU D 150 -14.49 30.45 16.46
CA LEU D 150 -14.92 31.43 17.45
C LEU D 150 -13.74 31.99 18.25
N PRO D 151 -13.76 33.29 18.62
CA PRO D 151 -12.63 33.80 19.43
C PRO D 151 -12.48 33.10 20.79
N GLN D 152 -13.57 32.58 21.35
CA GLN D 152 -13.48 31.91 22.67
C GLN D 152 -13.17 30.40 22.59
N ALA D 153 -12.92 29.88 21.39
CA ALA D 153 -12.86 28.43 21.19
C ALA D 153 -11.46 27.89 20.93
N SER D 154 -11.21 26.67 21.37
CA SER D 154 -10.03 25.94 20.91
C SER D 154 -10.40 24.48 20.83
N VAL D 155 -9.74 23.76 19.93
CA VAL D 155 -9.91 22.32 19.81
C VAL D 155 -8.55 21.67 19.98
N VAL D 156 -8.46 20.69 20.89
CA VAL D 156 -7.21 19.97 21.14
C VAL D 156 -7.42 18.49 20.93
N GLU D 157 -6.53 17.86 20.16
CA GLU D 157 -6.57 16.42 19.96
C GLU D 157 -5.87 15.74 21.15
N LEU D 158 -6.64 15.08 22.00
CA LEU D 158 -6.06 14.47 23.23
C LEU D 158 -5.35 13.17 22.95
N GLY D 159 -5.75 12.49 21.87
CA GLY D 159 -5.12 11.23 21.52
C GLY D 159 -5.88 10.66 20.33
N ARG D 160 -5.64 9.39 20.04
CA ARG D 160 -6.29 8.69 18.93
C ARG D 160 -7.15 7.53 19.43
N THR D 161 -8.20 7.24 18.69
CA THR D 161 -9.02 6.07 18.97
C THR D 161 -8.24 4.83 18.51
N VAL D 162 -8.78 3.64 18.83
CA VAL D 162 -8.17 2.38 18.38
C VAL D 162 -7.86 2.42 16.87
N GLU D 163 -8.78 3.01 16.10
CA GLU D 163 -8.65 3.06 14.63
C GLU D 163 -8.00 4.33 14.05
N GLY D 164 -7.42 5.16 14.91
CA GLY D 164 -6.67 6.33 14.42
C GLY D 164 -7.49 7.59 14.16
N ARG D 165 -8.67 7.68 14.78
CA ARG D 165 -9.50 8.89 14.68
C ARG D 165 -9.19 9.84 15.86
N PRO D 166 -9.34 11.17 15.67
CA PRO D 166 -9.03 12.06 16.80
C PRO D 166 -10.00 11.96 17.98
N MET D 167 -9.46 12.02 19.19
CA MET D 167 -10.24 12.28 20.39
C MET D 167 -10.15 13.80 20.61
N SER D 168 -11.21 14.51 20.28
CA SER D 168 -11.18 15.98 20.22
C SER D 168 -11.89 16.65 21.39
N LEU D 169 -11.16 17.55 22.03
CA LEU D 169 -11.67 18.33 23.15
C LEU D 169 -11.92 19.77 22.70
N LEU D 170 -13.19 20.19 22.81
CA LEU D 170 -13.59 21.55 22.58
C LEU D 170 -13.58 22.33 23.88
N THR D 171 -12.78 23.39 23.94
CA THR D 171 -12.81 24.33 25.07
C THR D 171 -13.44 25.66 24.64
N LEU D 172 -14.38 26.14 25.44
CA LEU D 172 -15.03 27.44 25.22
C LEU D 172 -14.90 28.25 26.49
N GLY D 173 -14.29 29.43 26.39
CA GLY D 173 -14.06 30.25 27.56
C GLY D 173 -13.37 31.55 27.22
N THR D 174 -13.45 32.51 28.14
CA THR D 174 -12.82 33.81 27.97
C THR D 174 -11.71 34.00 29.01
N PRO D 175 -10.78 34.95 28.79
CA PRO D 175 -9.66 35.10 29.72
C PRO D 175 -10.07 35.40 31.16
N GLU D 176 -9.24 34.90 32.08
CA GLU D 176 -9.38 35.17 33.51
C GLU D 176 -8.58 36.42 33.84
N THR D 177 -9.20 37.58 33.63
CA THR D 177 -8.54 38.87 33.84
C THR D 177 -8.90 39.51 35.20
N ASP D 178 -8.64 38.74 36.26
CA ASP D 178 -8.62 39.22 37.64
C ASP D 178 -7.82 38.22 38.48
N GLY D 179 -7.16 37.30 37.77
CA GLY D 179 -6.33 36.26 38.38
C GLY D 179 -7.06 34.97 38.71
N ALA D 180 -8.37 35.07 38.95
CA ALA D 180 -9.13 33.97 39.52
C ALA D 180 -9.50 32.91 38.48
N PRO D 181 -9.19 31.62 38.76
CA PRO D 181 -9.58 30.54 37.86
C PRO D 181 -11.11 30.42 37.80
N LYS D 182 -11.64 30.16 36.60
CA LYS D 182 -13.08 29.95 36.47
C LYS D 182 -13.42 28.50 36.77
N LYS D 183 -14.69 28.20 37.01
CA LYS D 183 -15.13 26.84 37.22
C LYS D 183 -14.92 26.03 35.94
N LYS D 184 -14.46 24.80 36.10
CA LYS D 184 -14.24 23.92 34.97
C LYS D 184 -15.46 23.01 34.81
N VAL D 185 -16.23 23.25 33.75
CA VAL D 185 -17.43 22.46 33.45
C VAL D 185 -17.12 21.48 32.33
N TRP D 186 -17.21 20.19 32.66
CA TRP D 186 -16.96 19.12 31.71
C TRP D 186 -18.23 18.48 31.21
N ILE D 187 -18.33 18.36 29.90
CA ILE D 187 -19.46 17.67 29.29
C ILE D 187 -18.90 16.69 28.27
N ILE D 188 -19.13 15.39 28.48
CA ILE D 188 -18.74 14.37 27.49
C ILE D 188 -19.96 13.60 27.02
N ALA D 189 -19.94 13.18 25.75
CA ALA D 189 -21.14 12.60 25.14
C ALA D 189 -20.80 11.36 24.35
N ARG D 190 -21.76 10.45 24.26
CA ARG D 190 -21.69 9.37 23.26
C ARG D 190 -20.56 8.36 23.54
N GLN D 191 -20.28 8.11 24.82
CA GLN D 191 -19.44 6.96 25.18
C GLN D 191 -19.99 5.68 24.55
N HIS D 192 -21.32 5.59 24.52
CA HIS D 192 -22.01 4.52 23.80
C HIS D 192 -22.36 5.03 22.43
N PRO D 193 -21.71 4.48 21.39
CA PRO D 193 -21.75 5.04 20.03
C PRO D 193 -23.14 5.16 19.37
N GLY D 194 -24.06 4.26 19.70
CA GLY D 194 -25.40 4.31 19.11
C GLY D 194 -26.30 5.36 19.76
N GLU D 195 -25.82 6.01 20.82
CA GLU D 195 -26.63 6.99 21.53
C GLU D 195 -26.44 8.39 20.94
N SER D 196 -26.80 8.49 19.66
CA SER D 196 -26.57 9.68 18.87
C SER D 196 -27.26 10.94 19.43
N MET D 197 -28.37 10.76 20.16
CA MET D 197 -28.99 11.87 20.92
C MET D 197 -28.01 12.66 21.78
N ALA D 198 -26.98 11.98 22.32
CA ALA D 198 -25.99 12.66 23.17
C ALA D 198 -25.20 13.72 22.39
N GLU D 199 -24.84 13.41 21.15
CA GLU D 199 -24.11 14.38 20.32
C GLU D 199 -25.04 15.51 19.82
N TRP D 200 -26.31 15.19 19.53
CA TRP D 200 -27.31 16.22 19.24
C TRP D 200 -27.46 17.19 20.40
N PHE D 201 -27.53 16.65 21.61
CA PHE D 201 -27.61 17.47 22.83
C PHE D 201 -26.45 18.47 22.90
N VAL D 202 -25.23 17.98 22.67
CA VAL D 202 -24.05 18.83 22.74
C VAL D 202 -24.06 19.92 21.65
N GLU D 203 -24.51 19.56 20.44
CA GLU D 203 -24.64 20.54 19.35
C GLU D 203 -25.54 21.73 19.74
N GLY D 204 -26.73 21.42 20.29
CA GLY D 204 -27.64 22.48 20.70
C GLY D 204 -27.05 23.36 21.79
N LEU D 205 -26.34 22.74 22.73
CA LEU D 205 -25.70 23.45 23.84
C LEU D 205 -24.56 24.36 23.29
N VAL D 206 -23.72 23.79 22.44
CA VAL D 206 -22.62 24.55 21.81
C VAL D 206 -23.14 25.72 20.93
N LYS D 207 -24.18 25.46 20.14
N LYS D 207 -24.20 25.47 20.16
CA LYS D 207 -24.83 26.51 19.35
CA LYS D 207 -24.83 26.54 19.35
C LYS D 207 -25.24 27.71 20.19
C LYS D 207 -25.26 27.72 20.20
N ARG D 208 -25.81 27.45 21.37
CA ARG D 208 -26.20 28.54 22.30
C ARG D 208 -24.96 29.26 22.87
N LEU D 209 -23.96 28.50 23.28
CA LEU D 209 -22.67 29.10 23.68
C LEU D 209 -22.00 29.94 22.57
N ALA D 210 -22.20 29.55 21.32
CA ALA D 210 -21.67 30.26 20.15
C ALA D 210 -22.44 31.55 19.87
N GLY D 211 -23.67 31.66 20.36
CA GLY D 211 -24.53 32.81 20.02
C GLY D 211 -25.00 32.76 18.58
N TRP D 212 -25.10 31.55 18.04
CA TRP D 212 -25.62 31.37 16.69
C TRP D 212 -27.13 31.29 16.63
N GLY D 213 -27.67 31.56 15.44
CA GLY D 213 -29.11 31.47 15.19
C GLY D 213 -29.90 32.37 16.11
N ASP D 214 -30.95 31.80 16.71
CA ASP D 214 -31.80 32.53 17.63
C ASP D 214 -31.17 32.79 19.00
N TRP D 215 -29.98 32.24 19.22
CA TRP D 215 -29.22 32.48 20.46
C TRP D 215 -28.39 33.74 20.41
N ALA D 216 -28.30 34.35 19.24
CA ALA D 216 -27.73 35.68 19.13
C ALA D 216 -28.64 36.59 19.96
N GLY D 217 -28.04 37.35 20.86
CA GLY D 217 -28.83 38.27 21.66
C GLY D 217 -29.25 37.77 23.03
N ASP D 218 -29.15 36.46 23.26
CA ASP D 218 -29.56 35.92 24.56
C ASP D 218 -28.37 36.01 25.54
N PRO D 219 -28.61 36.52 26.76
CA PRO D 219 -27.48 36.86 27.66
C PRO D 219 -26.90 35.69 28.47
N VAL D 220 -27.50 34.51 28.41
CA VAL D 220 -27.04 33.41 29.29
C VAL D 220 -25.57 33.02 29.02
N ALA D 221 -25.19 32.89 27.75
CA ALA D 221 -23.81 32.45 27.43
C ALA D 221 -22.76 33.47 27.89
N ARG D 222 -23.00 34.75 27.63
CA ARG D 222 -22.04 35.78 28.04
C ARG D 222 -21.86 35.82 29.57
N LYS D 223 -22.95 35.64 30.31
CA LYS D 223 -22.87 35.57 31.77
C LYS D 223 -22.12 34.31 32.25
N LEU D 224 -22.37 33.19 31.60
CA LEU D 224 -21.66 31.95 31.91
C LEU D 224 -20.15 32.13 31.79
N TYR D 225 -19.70 32.74 30.69
CA TYR D 225 -18.26 32.91 30.42
C TYR D 225 -17.54 33.71 31.52
N ASP D 226 -18.26 34.58 32.22
CA ASP D 226 -17.66 35.31 33.35
C ASP D 226 -17.26 34.42 34.52
N ARG D 227 -17.87 33.24 34.63
CA ARG D 227 -17.69 32.36 35.80
CA ARG D 227 -17.63 32.38 35.79
C ARG D 227 -17.18 30.97 35.45
N VAL D 228 -17.33 30.58 34.18
CA VAL D 228 -17.17 29.20 33.76
C VAL D 228 -16.33 29.05 32.48
N THR D 229 -15.50 28.01 32.48
CA THR D 229 -14.82 27.52 31.28
C THR D 229 -15.39 26.13 30.93
N PHE D 230 -15.78 25.95 29.65
CA PHE D 230 -16.35 24.67 29.22
C PHE D 230 -15.30 23.79 28.55
N HIS D 231 -15.35 22.50 28.90
CA HIS D 231 -14.48 21.49 28.30
C HIS D 231 -15.38 20.38 27.85
N ILE D 232 -15.49 20.22 26.53
CA ILE D 232 -16.55 19.38 25.96
C ILE D 232 -15.98 18.34 24.99
N VAL D 233 -16.41 17.10 25.11
CA VAL D 233 -16.11 16.06 24.09
C VAL D 233 -17.42 15.64 23.46
N PRO D 234 -17.73 16.15 22.24
CA PRO D 234 -18.98 15.83 21.54
C PRO D 234 -19.13 14.36 21.11
N ASN D 235 -18.02 13.68 20.83
CA ASN D 235 -18.06 12.25 20.52
C ASN D 235 -16.93 11.47 21.20
N MET D 236 -17.28 10.77 22.29
CA MET D 236 -16.35 9.92 23.02
C MET D 236 -15.98 8.63 22.29
N ASN D 237 -16.77 8.26 21.29
CA ASN D 237 -16.55 6.96 20.63
C ASN D 237 -16.67 7.08 19.10
N PRO D 238 -15.74 7.82 18.45
CA PRO D 238 -15.77 7.98 16.99
C PRO D 238 -15.78 6.68 16.19
N ASP D 239 -15.00 5.66 16.59
CA ASP D 239 -14.94 4.36 15.88
C ASP D 239 -16.26 3.61 15.96
N GLY D 240 -16.77 3.49 17.17
CA GLY D 240 -17.99 2.73 17.39
C GLY D 240 -19.13 3.38 16.62
N SER D 241 -19.15 4.70 16.57
CA SER D 241 -20.22 5.45 15.88
C SER D 241 -20.24 5.06 14.40
N VAL D 242 -19.09 5.19 13.74
N VAL D 242 -19.09 5.18 13.73
CA VAL D 242 -18.99 4.84 12.31
CA VAL D 242 -19.02 4.86 12.30
C VAL D 242 -19.28 3.38 12.02
C VAL D 242 -19.26 3.38 11.99
N HIS D 243 -18.86 2.50 12.92
CA HIS D 243 -19.10 1.03 12.81
C HIS D 243 -20.56 0.63 12.96
N GLY D 244 -21.42 1.53 13.39
CA GLY D 244 -22.83 1.15 13.61
C GLY D 244 -23.01 0.29 14.84
N ASN D 245 -22.14 0.50 15.83
CA ASN D 245 -22.28 -0.15 17.14
C ASN D 245 -23.27 0.60 18.02
N LEU D 246 -23.77 -0.08 19.05
CA LEU D 246 -24.55 0.65 20.05
C LEU D 246 -23.73 0.99 21.29
N ARG D 247 -23.04 -0.01 21.84
CA ARG D 247 -22.52 0.11 23.20
C ARG D 247 -21.00 0.11 23.31
N THR D 248 -20.31 -0.35 22.28
CA THR D 248 -18.89 -0.63 22.42
C THR D 248 -18.04 0.09 21.38
N ASN D 249 -16.77 0.30 21.71
CA ASN D 249 -15.79 0.83 20.73
C ASN D 249 -15.38 -0.28 19.74
N ALA D 250 -14.37 -0.01 18.92
CA ALA D 250 -13.98 -0.94 17.86
C ALA D 250 -13.27 -2.18 18.41
N ALA D 251 -12.77 -2.09 19.64
CA ALA D 251 -12.12 -3.20 20.32
C ALA D 251 -13.10 -4.02 21.16
N GLY D 252 -14.37 -3.62 21.18
CA GLY D 252 -15.40 -4.31 21.95
C GLY D 252 -15.49 -3.93 23.42
N ALA D 253 -14.95 -2.77 23.79
CA ALA D 253 -15.01 -2.31 25.17
C ALA D 253 -16.20 -1.36 25.37
N ASN D 254 -16.88 -1.53 26.51
CA ASN D 254 -17.86 -0.60 26.98
C ASN D 254 -17.07 0.53 27.63
N LEU D 255 -16.99 1.69 26.98
CA LEU D 255 -16.18 2.78 27.52
C LEU D 255 -16.65 3.20 28.91
N ASN D 256 -17.94 3.07 29.19
CA ASN D 256 -18.44 3.46 30.50
C ASN D 256 -18.24 2.40 31.59
N ARG D 257 -17.30 1.48 31.33
CA ARG D 257 -16.81 0.57 32.36
C ARG D 257 -15.29 0.66 32.47
N GLU D 258 -14.67 1.62 31.78
CA GLU D 258 -13.22 1.68 31.67
C GLU D 258 -12.56 2.77 32.52
N TRP D 259 -13.33 3.42 33.39
CA TRP D 259 -12.81 4.64 34.06
C TRP D 259 -11.84 4.39 35.17
N MET D 260 -11.87 3.19 35.75
CA MET D 260 -10.92 2.87 36.81
C MET D 260 -9.61 2.32 36.28
N ALA D 261 -9.64 1.68 35.11
CA ALA D 261 -8.44 1.03 34.58
C ALA D 261 -8.41 1.10 33.05
N PRO D 262 -8.35 2.33 32.49
CA PRO D 262 -8.36 2.42 31.03
C PRO D 262 -7.06 1.87 30.44
N ASP D 263 -7.08 1.59 29.14
CA ASP D 263 -6.02 0.82 28.52
C ASP D 263 -5.73 1.45 27.17
N ALA D 264 -4.44 1.58 26.81
CA ALA D 264 -4.05 2.23 25.56
C ALA D 264 -4.51 1.46 24.33
N GLU D 265 -4.61 0.14 24.46
CA GLU D 265 -5.01 -0.70 23.33
C GLU D 265 -6.51 -0.95 23.25
N ARG D 266 -7.13 -1.16 24.40
CA ARG D 266 -8.55 -1.52 24.48
C ARG D 266 -9.49 -0.32 24.63
N SER D 267 -9.04 0.72 25.34
CA SER D 267 -9.88 1.91 25.57
C SER D 267 -9.08 3.22 25.58
N PRO D 268 -8.32 3.49 24.50
CA PRO D 268 -7.53 4.73 24.43
C PRO D 268 -8.43 5.96 24.54
N GLU D 269 -9.69 5.83 24.14
CA GLU D 269 -10.64 6.95 24.18
C GLU D 269 -10.77 7.47 25.62
N VAL D 270 -11.01 6.57 26.56
CA VAL D 270 -11.11 6.92 27.98
C VAL D 270 -9.76 7.30 28.60
N LEU D 271 -8.70 6.57 28.25
CA LEU D 271 -7.36 6.89 28.73
C LEU D 271 -7.02 8.34 28.45
N ALA D 272 -7.18 8.76 27.20
CA ALA D 272 -6.89 10.14 26.81
C ALA D 272 -7.72 11.18 27.58
N VAL D 273 -9.03 10.94 27.65
CA VAL D 273 -9.93 11.90 28.28
C VAL D 273 -9.75 11.95 29.81
N ARG D 274 -9.59 10.80 30.46
CA ARG D 274 -9.40 10.76 31.91
C ARG D 274 -8.11 11.50 32.29
N ASP D 275 -7.04 11.29 31.51
CA ASP D 275 -5.78 12.02 31.72
C ASP D 275 -5.99 13.53 31.65
N ALA D 276 -6.75 14.01 30.65
CA ALA D 276 -6.98 15.45 30.47
C ALA D 276 -7.78 16.07 31.61
N ILE D 277 -8.77 15.33 32.12
CA ILE D 277 -9.58 15.85 33.23
C ILE D 277 -8.67 16.02 34.46
N HIS D 278 -7.84 15.01 34.73
CA HIS D 278 -6.87 15.13 35.84
C HIS D 278 -5.88 16.24 35.65
N ALA D 279 -5.44 16.47 34.42
CA ALA D 279 -4.52 17.59 34.11
C ALA D 279 -5.20 18.95 34.27
N ILE D 280 -6.43 19.05 33.78
CA ILE D 280 -7.12 20.34 33.71
C ILE D 280 -7.85 20.70 35.00
N GLY D 281 -8.43 19.70 35.68
CA GLY D 281 -9.32 19.95 36.84
C GLY D 281 -10.81 19.92 36.47
N CYS D 282 -11.68 19.76 37.47
CA CYS D 282 -13.12 19.58 37.23
C CYS D 282 -13.97 20.10 38.39
N ASP D 283 -14.95 20.93 38.08
CA ASP D 283 -15.89 21.47 39.09
C ASP D 283 -17.33 20.95 38.90
N MET D 284 -17.71 20.70 37.64
CA MET D 284 -19.00 20.12 37.29
C MET D 284 -18.77 19.14 36.15
N PHE D 285 -19.30 17.93 36.30
CA PHE D 285 -19.12 16.89 35.29
C PHE D 285 -20.49 16.36 34.81
N PHE D 286 -20.67 16.35 33.49
CA PHE D 286 -21.85 15.80 32.86
C PHE D 286 -21.51 14.75 31.84
N ASP D 287 -22.10 13.56 31.98
CA ASP D 287 -21.89 12.48 31.03
C ASP D 287 -23.23 12.24 30.33
N ILE D 288 -23.26 12.49 29.01
CA ILE D 288 -24.53 12.48 28.27
C ILE D 288 -24.78 11.15 27.55
N HIS D 289 -25.92 10.53 27.85
CA HIS D 289 -26.29 9.20 27.35
C HIS D 289 -27.69 9.15 26.75
N GLY D 290 -28.02 8.01 26.16
CA GLY D 290 -29.37 7.67 25.74
C GLY D 290 -29.77 6.38 26.44
N ASP D 291 -31.06 6.22 26.72
CA ASP D 291 -31.57 4.99 27.33
C ASP D 291 -32.61 4.29 26.47
N GLU D 292 -32.39 3.00 26.21
CA GLU D 292 -33.27 2.22 25.33
C GLU D 292 -34.67 2.01 25.92
N ASP D 293 -34.72 1.74 27.21
CA ASP D 293 -35.95 1.23 27.82
C ASP D 293 -36.95 2.31 28.27
N LEU D 294 -36.47 3.35 28.95
CA LEU D 294 -37.37 4.31 29.61
C LEU D 294 -37.78 5.48 28.71
N PRO D 295 -39.11 5.77 28.64
CA PRO D 295 -39.61 6.86 27.80
C PRO D 295 -39.68 8.20 28.53
N TYR D 296 -38.54 8.62 29.08
N TYR D 296 -38.56 8.63 29.10
CA TYR D 296 -38.42 9.86 29.85
CA TYR D 296 -38.46 9.94 29.72
C TYR D 296 -36.98 10.37 29.80
C TYR D 296 -37.01 10.36 29.92
N VAL D 297 -36.81 11.67 30.04
CA VAL D 297 -35.49 12.25 30.25
C VAL D 297 -35.23 12.20 31.76
N PHE D 298 -34.08 11.66 32.16
CA PHE D 298 -33.76 11.60 33.58
C PHE D 298 -32.28 11.80 33.81
N VAL D 299 -31.90 12.07 35.06
CA VAL D 299 -30.49 12.11 35.42
C VAL D 299 -30.27 11.05 36.49
N ALA D 300 -29.08 10.46 36.47
CA ALA D 300 -28.65 9.59 37.56
C ALA D 300 -27.56 10.31 38.32
N GLY D 301 -27.79 10.52 39.62
CA GLY D 301 -26.84 11.24 40.47
C GLY D 301 -25.75 10.35 41.03
N SER D 302 -24.90 10.94 41.87
CA SER D 302 -23.77 10.22 42.46
C SER D 302 -23.97 9.90 43.95
N GLU D 303 -25.21 10.03 44.40
CA GLU D 303 -25.55 9.87 45.80
C GLU D 303 -25.29 8.47 46.39
N MET D 304 -25.08 7.46 45.52
CA MET D 304 -24.72 6.09 45.97
C MET D 304 -23.28 5.94 46.43
N LEU D 305 -22.40 6.86 46.04
CA LEU D 305 -20.99 6.77 46.43
C LEU D 305 -20.92 6.88 47.95
N PRO D 306 -20.10 6.03 48.60
CA PRO D 306 -19.88 6.15 50.05
C PRO D 306 -19.16 7.46 50.40
N SER D 307 -18.50 8.07 49.43
CA SER D 307 -17.82 9.36 49.60
C SER D 307 -18.72 10.61 49.39
N PHE D 308 -19.97 10.40 48.97
CA PHE D 308 -20.87 11.51 48.58
C PHE D 308 -21.20 12.34 49.82
N THR D 309 -20.79 13.61 49.83
CA THR D 309 -20.88 14.44 51.04
C THR D 309 -22.20 15.22 51.15
N GLU D 310 -22.46 15.79 52.32
CA GLU D 310 -23.59 16.68 52.51
C GLU D 310 -23.55 17.83 51.51
N GLN D 311 -22.34 18.37 51.28
CA GLN D 311 -22.19 19.48 50.34
C GLN D 311 -22.56 19.05 48.92
N GLN D 312 -22.03 17.90 48.50
CA GLN D 312 -22.40 17.31 47.21
C GLN D 312 -23.92 17.12 47.12
N GLY D 313 -24.54 16.67 48.21
CA GLY D 313 -26.00 16.52 48.24
C GLY D 313 -26.74 17.83 48.04
N LYS D 314 -26.33 18.86 48.77
CA LYS D 314 -26.92 20.18 48.67
C LYS D 314 -26.82 20.70 47.23
N GLU D 315 -25.64 20.55 46.64
CA GLU D 315 -25.42 21.06 45.29
C GLU D 315 -26.14 20.26 44.22
N GLN D 316 -26.14 18.94 44.35
CA GLN D 316 -26.81 18.11 43.34
C GLN D 316 -28.31 18.36 43.33
N THR D 317 -28.93 18.45 44.51
CA THR D 317 -30.37 18.72 44.62
C THR D 317 -30.73 20.11 44.06
N ALA D 318 -29.89 21.10 44.34
CA ALA D 318 -30.13 22.45 43.84
C ALA D 318 -30.01 22.47 42.32
N PHE D 319 -29.02 21.78 41.74
CA PHE D 319 -28.90 21.74 40.29
C PHE D 319 -30.10 21.04 39.64
N ILE D 320 -30.52 19.92 40.21
CA ILE D 320 -31.66 19.18 39.68
C ILE D 320 -32.90 20.06 39.67
N GLU D 321 -33.15 20.79 40.76
CA GLU D 321 -34.29 21.72 40.81
C GLU D 321 -34.25 22.83 39.74
N ALA D 322 -33.08 23.43 39.53
CA ALA D 322 -32.91 24.47 38.49
C ALA D 322 -33.14 23.91 37.08
N PHE D 323 -32.69 22.69 36.86
CA PHE D 323 -32.83 22.03 35.57
C PHE D 323 -34.31 21.70 35.29
N LYS D 324 -35.06 21.29 36.32
CA LYS D 324 -36.51 21.10 36.19
C LYS D 324 -37.22 22.39 35.76
N VAL D 325 -36.80 23.52 36.31
CA VAL D 325 -37.37 24.81 35.91
C VAL D 325 -36.97 25.14 34.45
N ALA D 326 -35.72 24.85 34.10
CA ALA D 326 -35.14 25.25 32.83
C ALA D 326 -35.72 24.49 31.63
N SER D 327 -36.15 23.25 31.84
CA SER D 327 -36.73 22.44 30.77
C SER D 327 -37.93 21.62 31.25
N PRO D 328 -39.10 21.84 30.65
CA PRO D 328 -40.27 20.99 30.92
C PRO D 328 -40.08 19.52 30.48
N ASP D 329 -39.11 19.24 29.63
CA ASP D 329 -38.80 17.85 29.25
C ASP D 329 -38.07 17.09 30.36
N PHE D 330 -37.37 17.80 31.23
CA PHE D 330 -36.60 17.15 32.26
C PHE D 330 -37.45 16.89 33.49
N GLN D 331 -37.50 15.61 33.86
CA GLN D 331 -38.58 15.01 34.63
C GLN D 331 -38.16 14.71 36.08
N THR D 332 -37.19 13.82 36.26
CA THR D 332 -36.80 13.39 37.61
C THR D 332 -35.38 12.86 37.64
N GLU D 333 -34.93 12.66 38.87
CA GLU D 333 -33.64 12.11 39.17
C GLU D 333 -33.87 10.70 39.71
N HIS D 334 -33.06 9.75 39.23
CA HIS D 334 -32.99 8.37 39.72
C HIS D 334 -31.72 8.18 40.50
N GLY D 335 -31.81 7.51 41.64
CA GLY D 335 -30.61 7.09 42.35
C GLY D 335 -30.77 5.70 42.92
N TYR D 336 -30.03 4.72 42.37
CA TYR D 336 -30.12 3.32 42.83
C TYR D 336 -28.81 2.78 43.41
N TYR D 341 -23.88 -0.38 46.69
CA TYR D 341 -22.55 0.01 46.23
C TYR D 341 -21.49 -1.09 46.43
N LYS D 342 -20.72 -1.32 45.37
CA LYS D 342 -19.49 -2.12 45.45
C LYS D 342 -18.44 -1.34 44.67
N GLU D 343 -17.16 -1.65 44.87
CA GLU D 343 -16.06 -0.91 44.24
C GLU D 343 -16.16 -0.80 42.70
N ASP D 344 -16.94 -1.71 42.11
CA ASP D 344 -17.19 -1.75 40.67
C ASP D 344 -17.99 -0.55 40.15
N ALA D 345 -18.66 0.17 41.05
CA ALA D 345 -19.41 1.37 40.65
C ALA D 345 -18.47 2.44 40.07
N LEU D 346 -17.23 2.48 40.59
CA LEU D 346 -16.24 3.46 40.13
C LEU D 346 -15.80 3.30 38.67
N LYS D 347 -16.24 2.21 38.05
CA LYS D 347 -15.95 1.96 36.63
C LYS D 347 -16.67 2.91 35.68
N LEU D 348 -17.76 3.49 36.17
CA LEU D 348 -18.59 4.44 35.41
C LEU D 348 -18.11 5.89 35.55
N ALA D 349 -18.18 6.64 34.46
CA ALA D 349 -17.58 7.97 34.39
C ALA D 349 -18.07 8.94 35.48
N SER D 350 -19.39 9.09 35.63
CA SER D 350 -19.89 10.08 36.59
C SER D 350 -19.58 9.66 38.03
N LYS D 351 -19.48 8.35 38.27
CA LYS D 351 -19.15 7.82 39.59
C LYS D 351 -17.67 8.07 39.91
N TYR D 352 -16.81 7.66 38.97
CA TYR D 352 -15.38 7.93 39.04
C TYR D 352 -15.06 9.40 39.34
N ILE D 353 -15.64 10.31 38.55
CA ILE D 353 -15.36 11.74 38.67
C ILE D 353 -15.87 12.32 40.00
N GLY D 354 -17.13 12.07 40.33
CA GLY D 354 -17.70 12.48 41.62
C GLY D 354 -16.81 12.08 42.79
N HIS D 355 -16.32 10.85 42.75
CA HIS D 355 -15.43 10.33 43.77
C HIS D 355 -14.04 10.93 43.77
N GLN D 356 -13.45 11.09 42.58
CA GLN D 356 -12.06 11.54 42.48
C GLN D 356 -11.91 13.02 42.76
N PHE D 357 -12.91 13.79 42.35
CA PHE D 357 -12.84 15.25 42.37
C PHE D 357 -13.74 15.89 43.42
N GLY D 358 -14.68 15.11 43.98
CA GLY D 358 -15.60 15.59 45.01
C GLY D 358 -16.52 16.71 44.51
N CYS D 359 -16.77 16.71 43.20
CA CYS D 359 -17.55 17.76 42.55
C CYS D 359 -18.93 17.25 42.11
N LEU D 360 -19.80 18.16 41.65
CA LEU D 360 -21.09 17.79 41.08
C LEU D 360 -20.83 16.91 39.86
N SER D 361 -21.49 15.76 39.81
CA SER D 361 -21.19 14.76 38.78
C SER D 361 -22.46 13.97 38.45
N LEU D 362 -22.92 14.08 37.21
CA LEU D 362 -24.21 13.53 36.79
C LEU D 362 -24.15 12.78 35.47
N THR D 363 -24.99 11.75 35.35
CA THR D 363 -25.29 11.14 34.05
C THR D 363 -26.67 11.63 33.63
N LEU D 364 -26.77 12.16 32.41
CA LEU D 364 -28.04 12.55 31.81
C LEU D 364 -28.41 11.51 30.75
N GLU D 365 -29.67 11.08 30.75
CA GLU D 365 -30.15 10.07 29.83
C GLU D 365 -31.36 10.59 29.06
N MET D 366 -31.35 10.45 27.74
CA MET D 366 -32.48 10.82 26.89
C MET D 366 -33.06 9.55 26.25
N PRO D 367 -34.37 9.51 25.98
CA PRO D 367 -35.00 8.29 25.49
C PRO D 367 -34.84 8.01 23.98
N PHE D 368 -34.69 6.75 23.61
CA PHE D 368 -34.81 6.34 22.21
C PHE D 368 -36.25 6.36 21.70
N LYS D 369 -37.20 6.22 22.62
CA LYS D 369 -38.62 6.13 22.27
C LYS D 369 -39.20 7.53 22.11
N ASP D 370 -39.56 8.15 23.23
CA ASP D 370 -40.18 9.49 23.25
C ASP D 370 -40.22 9.92 24.72
N ASN D 371 -40.52 11.20 24.99
CA ASN D 371 -40.87 11.62 26.34
C ASN D 371 -42.36 11.36 26.54
N ALA D 372 -42.67 10.26 27.24
CA ALA D 372 -44.03 9.81 27.43
C ALA D 372 -44.94 10.89 28.07
N ASN D 373 -44.35 11.83 28.82
CA ASN D 373 -45.09 12.92 29.47
C ASN D 373 -45.43 14.04 28.49
N LEU D 374 -44.61 14.20 27.45
CA LEU D 374 -44.84 15.20 26.40
C LEU D 374 -44.55 14.57 25.04
N PRO D 375 -45.41 13.64 24.59
CA PRO D 375 -45.12 12.85 23.40
C PRO D 375 -45.30 13.61 22.09
N ASP D 376 -44.67 13.08 21.05
CA ASP D 376 -44.82 13.61 19.68
C ASP D 376 -44.78 12.40 18.75
N GLU D 377 -45.95 12.04 18.24
CA GLU D 377 -46.11 10.88 17.39
C GLU D 377 -45.31 10.98 16.10
N ARG D 378 -45.16 12.20 15.59
CA ARG D 378 -44.50 12.38 14.29
C ARG D 378 -43.00 12.07 14.31
N VAL D 379 -42.33 12.47 15.39
CA VAL D 379 -40.87 12.41 15.45
C VAL D 379 -40.37 11.65 16.68
N GLY D 380 -41.22 11.48 17.69
CA GLY D 380 -40.80 10.95 18.98
C GLY D 380 -39.71 11.81 19.56
N TRP D 381 -38.80 11.21 20.32
CA TRP D 381 -37.61 11.95 20.74
C TRP D 381 -36.66 12.00 19.55
N ASN D 382 -36.01 13.14 19.34
CA ASN D 382 -35.16 13.30 18.13
C ASN D 382 -33.99 14.27 18.32
N GLY D 383 -33.29 14.60 17.22
CA GLY D 383 -32.15 15.54 17.27
C GLY D 383 -32.49 16.93 17.77
N GLU D 384 -33.56 17.52 17.22
N GLU D 384 -33.57 17.52 17.25
CA GLU D 384 -33.98 18.87 17.62
CA GLU D 384 -33.97 18.88 17.63
C GLU D 384 -34.34 18.95 19.11
C GLU D 384 -34.44 19.00 19.09
N ARG D 385 -35.08 17.96 19.61
CA ARG D 385 -35.49 17.96 21.03
C ARG D 385 -34.30 17.74 21.98
N SER D 386 -33.38 16.88 21.57
CA SER D 386 -32.11 16.68 22.28
C SER D 386 -31.31 17.99 22.30
N ALA D 387 -31.22 18.66 21.15
CA ALA D 387 -30.50 19.92 21.04
C ALA D 387 -31.12 21.03 21.90
N ALA D 388 -32.44 21.12 21.88
CA ALA D 388 -33.15 22.09 22.71
C ALA D 388 -32.91 21.84 24.21
N LEU D 389 -32.80 20.58 24.59
CA LEU D 389 -32.53 20.21 25.98
C LEU D 389 -31.12 20.63 26.38
N GLY D 390 -30.16 20.41 25.48
CA GLY D 390 -28.77 20.88 25.69
C GLY D 390 -28.68 22.37 25.94
N ALA D 391 -29.40 23.13 25.13
CA ALA D 391 -29.40 24.59 25.27
C ALA D 391 -30.08 25.02 26.58
N ALA D 392 -31.16 24.33 26.95
CA ALA D 392 -31.84 24.62 28.20
C ALA D 392 -30.98 24.31 29.43
N MET D 393 -30.14 23.27 29.35
CA MET D 393 -29.28 22.92 30.50
C MET D 393 -28.30 24.06 30.83
N LEU D 394 -27.90 24.84 29.83
CA LEU D 394 -27.07 26.03 30.08
C LEU D 394 -27.73 27.04 31.01
N ALA D 395 -29.03 27.23 30.86
CA ALA D 395 -29.77 28.14 31.75
C ALA D 395 -29.68 27.62 33.18
N ALA D 396 -29.78 26.30 33.35
CA ALA D 396 -29.69 25.69 34.68
C ALA D 396 -28.28 25.82 35.25
N ILE D 397 -27.27 25.65 34.40
CA ILE D 397 -25.88 25.82 34.83
C ILE D 397 -25.66 27.23 35.36
N LEU D 398 -26.13 28.26 34.65
CA LEU D 398 -26.01 29.64 35.12
C LEU D 398 -26.65 29.90 36.49
N VAL D 399 -27.89 29.47 36.67
CA VAL D 399 -28.59 29.64 37.95
C VAL D 399 -27.74 28.99 39.05
N HIS D 400 -27.20 27.80 38.73
CA HIS D 400 -26.43 27.02 39.70
C HIS D 400 -25.16 27.73 40.09
N VAL D 401 -24.35 28.12 39.12
CA VAL D 401 -23.09 28.80 39.44
C VAL D 401 -23.31 30.16 40.10
N ASP D 402 -24.41 30.84 39.78
CA ASP D 402 -24.78 32.08 40.47
C ASP D 402 -25.19 31.87 41.93
N THR D 403 -25.89 30.77 42.22
CA THR D 403 -26.33 30.44 43.58
C THR D 403 -25.16 30.06 44.52
N PHE D 404 -24.19 29.30 44.00
CA PHE D 404 -23.09 28.79 44.82
C PHE D 404 -21.76 29.55 44.61
N ALA D 405 -21.86 30.73 44.00
CA ALA D 405 -20.70 31.59 43.74
C ALA D 405 -20.04 32.08 45.02
ZN ZN E . 18.09 -9.12 -28.73
C1 GOL F . 34.01 -27.92 -29.01
O1 GOL F . 35.15 -28.16 -28.19
C2 GOL F . 32.75 -28.64 -28.52
O2 GOL F . 32.73 -30.00 -28.97
C3 GOL F . 32.60 -28.58 -27.00
O3 GOL F . 32.44 -27.23 -26.61
C1 GOL G . -4.84 -20.52 -24.63
O1 GOL G . -5.31 -19.46 -23.82
C2 GOL G . -5.98 -21.24 -25.33
O2 GOL G . -5.47 -22.32 -26.10
C3 GOL G . -6.96 -21.81 -24.32
O3 GOL G . -8.20 -21.18 -24.50
C1 GOL H . 9.49 -5.00 -8.84
O1 GOL H . 10.53 -5.96 -8.84
C2 GOL H . 8.39 -5.44 -9.81
O2 GOL H . 7.44 -6.23 -9.13
C3 GOL H . 7.69 -4.21 -10.37
O3 GOL H . 6.82 -4.62 -11.40
C ACT I . 17.56 -6.49 -32.88
O ACT I . 16.34 -6.40 -32.81
OXT ACT I . 18.17 -5.55 -32.34
CH3 ACT I . 18.26 -7.62 -33.58
ZN ZN J . 17.25 -6.40 16.88
C1 GOL K . 20.33 0.55 -3.58
O1 GOL K . 19.06 -0.01 -3.86
C2 GOL K . 20.23 2.05 -3.34
O2 GOL K . 21.05 2.74 -4.26
C3 GOL K . 20.72 2.33 -1.94
O3 GOL K . 20.34 3.63 -1.53
C1 GOL L . 42.15 -6.72 10.34
O1 GOL L . 42.69 -8.01 10.27
C2 GOL L . 41.59 -6.46 11.74
O2 GOL L . 40.88 -7.58 12.21
C3 GOL L . 42.74 -6.14 12.70
O3 GOL L . 43.10 -4.78 12.57
C1 EDO M . 11.42 -37.82 21.95
O1 EDO M . 10.53 -38.40 22.90
C2 EDO M . 12.06 -36.58 22.55
O2 EDO M . 11.26 -35.42 22.28
C1 EDO N . -2.53 -6.84 -0.20
O1 EDO N . -1.52 -7.65 -0.82
C2 EDO N . -2.73 -7.35 1.22
O2 EDO N . -2.52 -8.77 1.22
CL CL O . 12.37 4.81 -0.64
C ACT P . 14.86 -3.72 20.32
O ACT P . 14.05 -2.99 19.72
OXT ACT P . 15.93 -3.18 20.67
CH3 ACT P . 14.58 -5.16 20.61
ZN ZN Q . -10.51 10.45 -15.58
C1 EDO R . -17.49 18.91 0.15
O1 EDO R . -16.11 19.30 0.01
C2 EDO R . -17.60 17.41 -0.14
O2 EDO R . -18.66 16.83 0.61
C1 GOL S . 12.55 22.50 -3.29
O1 GOL S . 13.07 22.73 -2.00
C2 GOL S . 11.06 22.16 -3.19
O2 GOL S . 10.39 23.26 -2.63
C3 GOL S . 10.88 20.96 -2.27
O3 GOL S . 9.58 20.42 -2.41
C1 EDO T . -16.40 26.25 -1.55
O1 EDO T . -15.14 25.57 -1.48
C2 EDO T . -16.19 27.67 -2.07
O2 EDO T . -16.01 28.52 -0.94
C1 EDO U . -12.82 4.59 4.51
O1 EDO U . -12.70 3.40 5.30
C2 EDO U . -13.32 5.73 5.36
O2 EDO U . -12.38 5.95 6.41
CL CL V . -25.57 -8.24 -5.62
C ACT W . -8.53 7.64 -19.28
O ACT W . -7.45 8.21 -19.46
OXT ACT W . -8.47 6.57 -18.63
CH3 ACT W . -9.79 8.21 -19.80
ZN ZN X . -25.11 5.16 27.41
C1 GOL Y . -23.26 21.37 10.11
O1 GOL Y . -22.65 20.38 10.93
C2 GOL Y . -23.65 22.59 10.95
O2 GOL Y . -24.50 22.17 11.99
C3 GOL Y . -22.41 23.24 11.56
O3 GOL Y . -21.91 24.29 10.76
C1 GOL Z . -45.10 6.39 15.17
O1 GOL Z . -44.83 7.37 16.16
C2 GOL Z . -46.59 6.34 14.83
O2 GOL Z . -47.10 7.66 14.73
C3 GOL Z . -46.79 5.60 13.51
O3 GOL Z . -46.49 6.44 12.42
C1 GOL AA . -20.72 -3.08 7.84
O1 GOL AA . -21.73 -3.64 8.64
C2 GOL AA . -21.28 -1.86 7.10
O2 GOL AA . -21.84 -2.32 5.89
C3 GOL AA . -20.12 -0.92 6.78
O3 GOL AA . -20.52 0.43 6.99
C1 EDO BA . -45.10 8.17 24.21
O1 EDO BA . -44.50 6.91 24.52
C2 EDO BA . -45.79 8.08 22.84
O2 EDO BA . -44.95 8.66 21.85
C1 EDO CA . -21.36 -9.37 16.69
O1 EDO CA . -21.66 -8.64 15.50
C2 EDO CA . -22.67 -9.80 17.33
O2 EDO CA . -23.17 -8.72 18.14
C1 PEG DA . -8.87 10.45 11.08
O1 PEG DA . -8.05 9.30 11.25
C2 PEG DA . -10.26 10.13 11.57
O2 PEG DA . -11.16 11.15 11.19
C3 PEG DA . -12.47 10.86 11.63
C4 PEG DA . -12.89 11.69 12.82
O4 PEG DA . -13.55 10.85 13.77
C ACT EA . -24.05 2.29 31.35
O ACT EA . -22.84 2.02 31.12
OXT ACT EA . -24.85 1.38 31.10
CH3 ACT EA . -24.49 3.61 31.89
CL CL FA . -7.68 14.88 41.78
#